data_5YMW
#
_entry.id   5YMW
#
_cell.length_a   86.817
_cell.length_b   117.268
_cell.length_c   92.507
_cell.angle_alpha   90.00
_cell.angle_beta   111.21
_cell.angle_gamma   90.00
#
_symmetry.space_group_name_H-M   'P 1 21 1'
#
loop_
_entity.id
_entity.type
_entity.pdbx_description
1 polymer 'Class I histocompatibility antigen, F10 alpha chain'
2 polymer Beta-2-microglobulin
3 polymer LEU-PRO-ALA-CYS-VAL-LEU-GLU-VAL
4 water water
#
loop_
_entity_poly.entity_id
_entity_poly.type
_entity_poly.pdbx_seq_one_letter_code
_entity_poly.pdbx_strand_id
1 'polypeptide(L)'
;MELHTLRYIQTAMTDPGPGQPWFVTVGYVDGELFVHYNSTARRYVPRTEWIAAKADQQYWDGQTQIGQGNEQIDRENLGI
LQRRYNQTGGSHTVQWMYGCDILEGGPIRGYYQMAYDGRDFTAFDKGTMTFTAAVPEAVPTKRKWEEESEPERWKNYLEE
TCVEWLRRYVEYGKAELGRRERPEVRVWGKEADGILTLSCRAHGFYPRPIVVSWLKDGAVRGQDAHSGGIVPNGDGTYHT
WVTIDAQPGDGDKYQCRVEHASLPQPGLYSW
;
A,D,G,J
2 'polypeptide(L)'
;DLTPKVQVYSRFPASAGTKNVLNCFAAGFHPPKISITLMKDGVPMEGAQYSDMSFNDDWTFQRLVHADFTPSSGSTYACK
VEHETLKEPQVYKWDPEF
;
B,E,H,K
3 'polypeptide(L)' LPACVLEV C,F,I,L
#
# COMPACT_ATOMS: atom_id res chain seq x y z
N MET A 1 -12.54 18.33 5.32
CA MET A 1 -13.74 17.56 5.00
C MET A 1 -13.62 16.14 5.51
N GLU A 2 -14.71 15.62 6.05
CA GLU A 2 -14.67 14.31 6.69
C GLU A 2 -15.00 13.20 5.69
N LEU A 3 -14.00 12.41 5.34
CA LEU A 3 -14.15 11.32 4.38
C LEU A 3 -14.07 9.99 5.10
N HIS A 4 -15.01 9.09 4.82
CA HIS A 4 -14.99 7.75 5.42
C HIS A 4 -15.36 6.69 4.39
N THR A 5 -14.90 5.46 4.62
CA THR A 5 -15.15 4.37 3.68
C THR A 5 -15.51 3.09 4.39
N LEU A 6 -16.40 2.32 3.77
CA LEU A 6 -16.72 0.97 4.22
C LEU A 6 -16.49 0.04 3.05
N ARG A 7 -15.72 -1.01 3.28
CA ARG A 7 -15.30 -1.87 2.20
C ARG A 7 -15.29 -3.31 2.64
N TYR A 8 -15.97 -4.14 1.87
CA TYR A 8 -15.92 -5.58 2.08
C TYR A 8 -15.25 -6.23 0.89
N ILE A 9 -14.35 -7.16 1.17
CA ILE A 9 -13.75 -7.95 0.13
C ILE A 9 -13.87 -9.41 0.50
N GLN A 10 -14.06 -10.23 -0.53
CA GLN A 10 -14.44 -11.62 -0.34
C GLN A 10 -13.66 -12.47 -1.31
N THR A 11 -13.10 -13.58 -0.85
CA THR A 11 -12.27 -14.44 -1.68
C THR A 11 -12.70 -15.89 -1.54
N ALA A 12 -12.97 -16.54 -2.68
CA ALA A 12 -13.28 -17.98 -2.71
C ALA A 12 -12.29 -18.69 -3.63
N MET A 13 -11.57 -19.66 -3.07
CA MET A 13 -10.47 -20.30 -3.77
C MET A 13 -10.68 -21.81 -3.89
N THR A 14 -10.23 -22.38 -5.01
CA THR A 14 -10.20 -23.84 -5.10
C THR A 14 -8.91 -24.37 -4.50
N ASP A 15 -7.91 -23.51 -4.41
CA ASP A 15 -6.58 -23.91 -3.98
C ASP A 15 -5.96 -22.82 -3.08
N PRO A 16 -6.46 -22.68 -1.85
CA PRO A 16 -5.99 -21.64 -0.92
C PRO A 16 -4.63 -21.92 -0.31
N GLY A 17 -4.20 -23.17 -0.36
CA GLY A 17 -2.96 -23.59 0.25
C GLY A 17 -3.20 -24.41 1.51
N PRO A 18 -2.21 -25.23 1.90
CA PRO A 18 -2.30 -26.12 3.07
C PRO A 18 -2.67 -25.39 4.36
N GLY A 19 -3.73 -25.86 5.01
CA GLY A 19 -4.18 -25.30 6.27
C GLY A 19 -5.02 -24.04 6.14
N GLN A 20 -5.10 -23.51 4.92
CA GLN A 20 -5.78 -22.24 4.72
C GLN A 20 -7.25 -22.44 4.36
N PRO A 21 -8.12 -21.58 4.90
CA PRO A 21 -9.53 -21.66 4.54
C PRO A 21 -9.72 -21.26 3.08
N TRP A 22 -10.66 -21.90 2.40
CA TRP A 22 -10.89 -21.64 0.99
C TRP A 22 -11.79 -20.41 0.80
N PHE A 23 -12.51 -20.01 1.84
CA PHE A 23 -13.41 -18.87 1.77
C PHE A 23 -13.12 -17.87 2.89
N VAL A 24 -12.96 -16.60 2.51
CA VAL A 24 -12.61 -15.54 3.45
C VAL A 24 -13.35 -14.26 3.09
N THR A 25 -13.96 -13.61 4.09
CA THR A 25 -14.51 -12.26 3.93
C THR A 25 -13.96 -11.36 5.04
N VAL A 26 -13.51 -10.17 4.66
CA VAL A 26 -13.07 -9.19 5.64
C VAL A 26 -13.63 -7.83 5.29
N GLY A 27 -13.90 -7.02 6.33
CA GLY A 27 -14.43 -5.69 6.14
C GLY A 27 -13.52 -4.62 6.71
N TYR A 28 -13.50 -3.48 6.05
CA TYR A 28 -12.62 -2.39 6.45
C TYR A 28 -13.42 -1.10 6.66
N VAL A 29 -13.12 -0.39 7.74
CA VAL A 29 -13.61 0.98 7.91
C VAL A 29 -12.42 1.92 7.87
N ASP A 30 -12.48 2.87 6.94
CA ASP A 30 -11.37 3.79 6.68
C ASP A 30 -10.04 3.05 6.54
N GLY A 31 -10.07 1.91 5.85
CA GLY A 31 -8.86 1.15 5.58
C GLY A 31 -8.42 0.26 6.72
N GLU A 32 -9.16 0.29 7.82
CA GLU A 32 -8.79 -0.47 9.00
C GLU A 32 -9.65 -1.71 9.16
N LEU A 33 -9.01 -2.88 9.16
CA LEU A 33 -9.69 -4.16 9.27
C LEU A 33 -10.52 -4.23 10.53
N PHE A 34 -11.83 -4.48 10.42
CA PHE A 34 -12.63 -4.50 11.65
C PHE A 34 -13.56 -5.72 11.82
N VAL A 35 -13.87 -6.43 10.74
CA VAL A 35 -14.59 -7.70 10.87
C VAL A 35 -13.95 -8.76 9.99
N HIS A 36 -14.13 -10.03 10.37
CA HIS A 36 -13.57 -11.14 9.62
C HIS A 36 -14.45 -12.39 9.70
N TYR A 37 -14.57 -13.08 8.56
CA TYR A 37 -15.23 -14.38 8.50
C TYR A 37 -14.40 -15.31 7.63
N ASN A 38 -14.26 -16.58 8.02
CA ASN A 38 -13.76 -17.56 7.07
C ASN A 38 -14.50 -18.91 7.23
N SER A 39 -14.31 -19.78 6.25
CA SER A 39 -15.03 -21.04 6.18
C SER A 39 -14.61 -22.02 7.26
N THR A 40 -13.49 -21.76 7.93
CA THR A 40 -13.05 -22.64 9.01
C THR A 40 -13.80 -22.34 10.31
N ALA A 41 -13.77 -21.10 10.74
CA ALA A 41 -14.43 -20.70 11.97
C ALA A 41 -15.95 -20.62 11.81
N ARG A 42 -16.40 -20.35 10.58
CA ARG A 42 -17.83 -20.26 10.26
C ARG A 42 -18.57 -19.24 11.10
N ARG A 43 -17.89 -18.17 11.48
CA ARG A 43 -18.58 -17.06 12.13
C ARG A 43 -17.81 -15.76 11.96
N TYR A 44 -18.53 -14.66 12.03
CA TYR A 44 -17.97 -13.31 11.99
C TYR A 44 -17.41 -12.90 13.35
N VAL A 45 -16.15 -12.45 13.37
CA VAL A 45 -15.51 -12.04 14.62
C VAL A 45 -14.99 -10.60 14.53
N PRO A 46 -14.96 -9.89 15.67
CA PRO A 46 -14.41 -8.52 15.67
C PRO A 46 -12.91 -8.48 15.43
N ARG A 47 -12.43 -7.43 14.76
CA ARG A 47 -11.00 -7.27 14.54
C ARG A 47 -10.49 -5.93 15.08
N THR A 48 -11.40 -5.11 15.61
CA THR A 48 -11.01 -3.95 16.40
C THR A 48 -11.69 -4.00 17.76
N GLU A 49 -11.11 -3.31 18.73
CA GLU A 49 -11.70 -3.23 20.06
C GLU A 49 -13.03 -2.48 20.04
N TRP A 50 -13.14 -1.43 19.22
CA TRP A 50 -14.35 -0.60 19.27
C TRP A 50 -15.59 -1.32 18.72
N ILE A 51 -15.41 -2.18 17.71
CA ILE A 51 -16.57 -2.91 17.19
C ILE A 51 -16.98 -4.03 18.17
N ALA A 52 -16.00 -4.62 18.84
CA ALA A 52 -16.29 -5.65 19.85
C ALA A 52 -17.03 -5.06 21.04
N ALA A 53 -16.71 -3.81 21.37
CA ALA A 53 -17.29 -3.14 22.53
C ALA A 53 -18.70 -2.59 22.28
N LYS A 54 -18.92 -1.99 21.10
CA LYS A 54 -20.17 -1.27 20.85
C LYS A 54 -21.27 -2.11 20.18
N ALA A 55 -20.91 -3.27 19.65
CA ALA A 55 -21.89 -4.15 19.02
C ALA A 55 -22.44 -5.18 20.00
N ASP A 56 -23.71 -5.57 19.85
CA ASP A 56 -24.28 -6.58 20.72
C ASP A 56 -24.22 -7.96 20.06
N GLN A 57 -24.73 -8.96 20.76
CA GLN A 57 -24.64 -10.34 20.31
C GLN A 57 -25.48 -10.60 19.07
N GLN A 58 -26.63 -9.93 18.97
CA GLN A 58 -27.51 -10.12 17.82
C GLN A 58 -26.82 -9.66 16.54
N TYR A 59 -26.01 -8.60 16.65
CA TYR A 59 -25.23 -8.10 15.52
C TYR A 59 -24.32 -9.18 14.93
N TRP A 60 -23.61 -9.89 15.81
CA TRP A 60 -22.69 -10.93 15.36
C TRP A 60 -23.44 -12.15 14.85
N ASP A 61 -24.52 -12.52 15.53
CA ASP A 61 -25.36 -13.63 15.11
C ASP A 61 -25.89 -13.43 13.70
N GLY A 62 -26.48 -12.25 13.47
CA GLY A 62 -27.04 -11.92 12.16
C GLY A 62 -25.98 -11.82 11.09
N GLN A 63 -24.85 -11.21 11.44
CA GLN A 63 -23.74 -11.10 10.50
C GLN A 63 -23.15 -12.47 10.18
N THR A 64 -23.09 -13.35 11.17
CA THR A 64 -22.60 -14.71 10.95
C THR A 64 -23.50 -15.47 9.96
N GLN A 65 -24.79 -15.19 10.01
CA GLN A 65 -25.73 -15.80 9.07
C GLN A 65 -25.43 -15.32 7.66
N ILE A 66 -25.20 -14.02 7.52
CA ILE A 66 -24.80 -13.44 6.23
C ILE A 66 -23.53 -14.08 5.69
N GLY A 67 -22.54 -14.26 6.56
CA GLY A 67 -21.28 -14.88 6.18
C GLY A 67 -21.46 -16.31 5.69
N GLN A 68 -22.25 -17.09 6.43
CA GLN A 68 -22.48 -18.48 6.05
C GLN A 68 -23.23 -18.58 4.73
N GLY A 69 -24.17 -17.66 4.50
CA GLY A 69 -24.94 -17.63 3.27
C GLY A 69 -24.06 -17.28 2.08
N ASN A 70 -23.15 -16.33 2.29
CA ASN A 70 -22.20 -15.96 1.26
C ASN A 70 -21.26 -17.11 0.91
N GLU A 71 -20.83 -17.86 1.91
CA GLU A 71 -19.96 -19.01 1.69
C GLU A 71 -20.63 -20.03 0.77
N GLN A 72 -21.91 -20.30 1.01
CA GLN A 72 -22.63 -21.30 0.25
C GLN A 72 -22.81 -20.87 -1.20
N ILE A 73 -23.08 -19.57 -1.38
CA ILE A 73 -23.22 -18.99 -2.71
C ILE A 73 -21.92 -19.09 -3.52
N ASP A 74 -20.80 -18.69 -2.93
CA ASP A 74 -19.54 -18.69 -3.66
C ASP A 74 -19.01 -20.09 -3.89
N ARG A 75 -19.39 -21.02 -3.02
CA ARG A 75 -19.10 -22.43 -3.23
C ARG A 75 -19.71 -22.84 -4.57
N GLU A 76 -20.94 -22.41 -4.79
CA GLU A 76 -21.66 -22.71 -6.02
C GLU A 76 -21.10 -21.93 -7.21
N ASN A 77 -20.78 -20.65 -6.99
CA ASN A 77 -20.19 -19.82 -8.04
C ASN A 77 -18.94 -20.44 -8.65
N LEU A 78 -18.04 -20.93 -7.80
CA LEU A 78 -16.82 -21.59 -8.24
C LEU A 78 -17.14 -22.73 -9.21
N GLY A 79 -18.12 -23.55 -8.86
CA GLY A 79 -18.55 -24.65 -9.70
C GLY A 79 -19.17 -24.18 -11.01
N ILE A 80 -20.07 -23.21 -10.93
CA ILE A 80 -20.71 -22.68 -12.12
C ILE A 80 -19.70 -22.07 -13.10
N LEU A 81 -18.75 -21.31 -12.57
CA LEU A 81 -17.81 -20.61 -13.41
C LEU A 81 -16.84 -21.57 -14.08
N GLN A 82 -16.36 -22.57 -13.35
CA GLN A 82 -15.46 -23.56 -13.95
C GLN A 82 -16.11 -24.32 -15.12
N ARG A 83 -17.39 -24.61 -14.99
CA ARG A 83 -18.11 -25.31 -16.07
C ARG A 83 -18.35 -24.37 -17.25
N ARG A 84 -18.68 -23.13 -16.96
CA ARG A 84 -18.89 -22.14 -18.00
C ARG A 84 -17.59 -21.89 -18.79
N TYR A 85 -16.45 -22.01 -18.11
CA TYR A 85 -15.15 -21.80 -18.75
C TYR A 85 -14.52 -23.10 -19.28
N ASN A 86 -15.23 -24.21 -19.13
CA ASN A 86 -14.74 -25.54 -19.52
C ASN A 86 -13.46 -25.96 -18.81
N GLN A 87 -13.38 -25.64 -17.51
CA GLN A 87 -12.21 -25.93 -16.66
C GLN A 87 -12.58 -26.98 -15.61
N THR A 88 -11.68 -27.93 -15.35
CA THR A 88 -12.06 -29.03 -14.47
C THR A 88 -11.60 -28.86 -13.02
N GLY A 89 -10.30 -28.74 -12.80
CA GLY A 89 -9.77 -28.58 -11.46
C GLY A 89 -8.73 -27.47 -11.49
N GLY A 90 -7.56 -27.73 -10.95
CA GLY A 90 -6.51 -26.73 -10.93
C GLY A 90 -6.83 -25.64 -9.94
N SER A 91 -6.38 -24.43 -10.24
CA SER A 91 -6.50 -23.32 -9.30
C SER A 91 -7.40 -22.23 -9.86
N HIS A 92 -8.50 -21.94 -9.16
CA HIS A 92 -9.39 -20.86 -9.57
C HIS A 92 -9.89 -20.07 -8.38
N THR A 93 -10.24 -18.81 -8.62
CA THR A 93 -10.62 -17.90 -7.54
C THR A 93 -11.74 -16.97 -7.96
N VAL A 94 -12.71 -16.80 -7.06
CA VAL A 94 -13.69 -15.74 -7.19
C VAL A 94 -13.31 -14.63 -6.21
N GLN A 95 -13.46 -13.38 -6.63
CA GLN A 95 -13.23 -12.25 -5.76
C GLN A 95 -14.39 -11.27 -5.85
N TRP A 96 -14.86 -10.81 -4.70
CA TRP A 96 -15.84 -9.72 -4.64
C TRP A 96 -15.28 -8.54 -3.87
N MET A 97 -15.57 -7.34 -4.34
CA MET A 97 -15.42 -6.16 -3.49
C MET A 97 -16.55 -5.18 -3.73
N TYR A 98 -17.05 -4.64 -2.63
CA TYR A 98 -18.16 -3.73 -2.67
C TYR A 98 -18.12 -2.83 -1.45
N GLY A 99 -18.75 -1.68 -1.53
CA GLY A 99 -18.80 -0.79 -0.39
C GLY A 99 -19.24 0.60 -0.76
N CYS A 100 -19.11 1.52 0.19
CA CYS A 100 -19.53 2.91 0.00
C CYS A 100 -18.52 3.86 0.61
N ASP A 101 -18.46 5.07 0.06
CA ASP A 101 -17.65 6.16 0.62
C ASP A 101 -18.59 7.31 0.95
N ILE A 102 -18.41 7.95 2.11
CA ILE A 102 -19.16 9.13 2.45
C ILE A 102 -18.26 10.33 2.68
N LEU A 103 -18.74 11.51 2.31
CA LEU A 103 -18.01 12.75 2.54
C LEU A 103 -18.97 13.75 3.17
N GLU A 104 -18.62 14.24 4.36
CA GLU A 104 -19.50 15.06 5.19
C GLU A 104 -20.83 14.36 5.40
N GLY A 105 -20.78 13.04 5.57
CA GLY A 105 -21.97 12.25 5.86
C GLY A 105 -22.73 11.81 4.63
N GLY A 106 -22.50 12.48 3.50
CA GLY A 106 -23.20 12.16 2.27
C GLY A 106 -22.44 11.18 1.41
N PRO A 107 -23.18 10.26 0.77
CA PRO A 107 -22.56 9.23 -0.08
C PRO A 107 -21.93 9.86 -1.32
N ILE A 108 -20.70 9.46 -1.66
CA ILE A 108 -20.08 9.92 -2.90
C ILE A 108 -19.70 8.75 -3.81
N ARG A 109 -19.76 7.52 -3.30
CA ARG A 109 -19.74 6.37 -4.20
C ARG A 109 -20.20 5.05 -3.59
N GLY A 110 -20.57 4.15 -4.48
CA GLY A 110 -21.05 2.84 -4.11
C GLY A 110 -20.66 1.92 -5.24
N TYR A 111 -20.01 0.81 -4.91
CA TYR A 111 -19.49 -0.07 -5.93
C TYR A 111 -19.78 -1.50 -5.52
N TYR A 112 -19.86 -2.36 -6.53
CA TYR A 112 -20.05 -3.79 -6.33
C TYR A 112 -19.48 -4.52 -7.56
N GLN A 113 -18.31 -5.13 -7.39
CA GLN A 113 -17.57 -5.71 -8.51
C GLN A 113 -17.19 -7.15 -8.25
N MET A 114 -17.10 -7.95 -9.32
CA MET A 114 -16.56 -9.30 -9.19
C MET A 114 -15.44 -9.54 -10.19
N ALA A 115 -14.47 -10.37 -9.77
CA ALA A 115 -13.39 -10.83 -10.65
C ALA A 115 -13.30 -12.35 -10.61
N TYR A 116 -12.92 -12.94 -11.76
CA TYR A 116 -12.67 -14.37 -11.86
C TYR A 116 -11.26 -14.63 -12.32
N ASP A 117 -10.54 -15.47 -11.58
CA ASP A 117 -9.13 -15.75 -11.82
C ASP A 117 -8.29 -14.48 -12.01
N GLY A 118 -8.60 -13.46 -11.22
CA GLY A 118 -7.81 -12.25 -11.20
C GLY A 118 -8.13 -11.24 -12.28
N ARG A 119 -9.23 -11.44 -12.99
CA ARG A 119 -9.64 -10.52 -14.05
C ARG A 119 -11.08 -10.04 -13.85
N ASP A 120 -11.30 -8.74 -14.09
CA ASP A 120 -12.65 -8.16 -14.05
C ASP A 120 -13.66 -9.06 -14.76
N PHE A 121 -14.79 -9.28 -14.12
CA PHE A 121 -15.83 -10.14 -14.64
C PHE A 121 -17.10 -9.31 -14.76
N THR A 122 -17.55 -8.76 -13.64
CA THR A 122 -18.71 -7.89 -13.67
C THR A 122 -18.52 -6.71 -12.74
N ALA A 123 -19.19 -5.61 -13.05
CA ALA A 123 -19.22 -4.45 -12.17
C ALA A 123 -20.61 -3.83 -12.22
N PHE A 124 -21.13 -3.45 -11.05
CA PHE A 124 -22.40 -2.75 -11.00
C PHE A 124 -22.19 -1.28 -11.36
N ASP A 125 -22.94 -0.80 -12.34
CA ASP A 125 -22.99 0.62 -12.66
C ASP A 125 -24.28 1.19 -12.09
N LYS A 126 -24.17 1.84 -10.93
CA LYS A 126 -25.34 2.29 -10.20
C LYS A 126 -26.11 3.38 -10.94
N GLY A 127 -25.39 4.23 -11.67
CA GLY A 127 -25.99 5.31 -12.42
C GLY A 127 -27.03 4.85 -13.43
N THR A 128 -26.64 3.91 -14.29
CA THR A 128 -27.55 3.42 -15.32
C THR A 128 -28.32 2.19 -14.85
N MET A 129 -28.14 1.82 -13.58
CA MET A 129 -28.84 0.68 -13.00
C MET A 129 -28.66 -0.56 -13.88
N THR A 130 -27.41 -0.77 -14.30
CA THR A 130 -27.07 -1.87 -15.17
C THR A 130 -25.83 -2.59 -14.64
N PHE A 131 -25.67 -3.86 -14.99
CA PHE A 131 -24.43 -4.56 -14.71
C PHE A 131 -23.58 -4.62 -15.97
N THR A 132 -22.28 -4.43 -15.79
CA THR A 132 -21.34 -4.48 -16.91
C THR A 132 -20.69 -5.85 -16.97
N ALA A 133 -20.72 -6.48 -18.14
CA ALA A 133 -20.03 -7.75 -18.37
C ALA A 133 -18.68 -7.47 -19.02
N ALA A 134 -17.61 -7.74 -18.28
CA ALA A 134 -16.26 -7.37 -18.71
C ALA A 134 -15.69 -8.39 -19.69
N VAL A 135 -16.22 -9.61 -19.63
CA VAL A 135 -15.78 -10.68 -20.51
C VAL A 135 -17.02 -11.39 -21.06
N PRO A 136 -16.88 -12.04 -22.22
CA PRO A 136 -18.01 -12.77 -22.83
C PRO A 136 -18.71 -13.71 -21.86
N GLU A 137 -17.93 -14.38 -21.01
CA GLU A 137 -18.47 -15.34 -20.05
C GLU A 137 -19.35 -14.69 -18.98
N ALA A 138 -19.34 -13.37 -18.90
CA ALA A 138 -20.13 -12.66 -17.89
C ALA A 138 -21.48 -12.19 -18.43
N VAL A 139 -21.67 -12.30 -19.74
CA VAL A 139 -22.91 -11.87 -20.37
C VAL A 139 -24.16 -12.57 -19.81
N PRO A 140 -24.14 -13.91 -19.64
CA PRO A 140 -25.33 -14.53 -19.06
C PRO A 140 -25.59 -14.12 -17.60
N THR A 141 -24.52 -13.83 -16.87
CA THR A 141 -24.65 -13.32 -15.50
C THR A 141 -25.31 -11.96 -15.49
N LYS A 142 -24.85 -11.07 -16.37
CA LYS A 142 -25.44 -9.73 -16.51
C LYS A 142 -26.94 -9.84 -16.79
N ARG A 143 -27.28 -10.71 -17.73
CA ARG A 143 -28.66 -10.89 -18.14
C ARG A 143 -29.50 -11.49 -17.00
N LYS A 144 -28.95 -12.46 -16.30
CA LYS A 144 -29.64 -13.06 -15.16
C LYS A 144 -29.93 -12.04 -14.04
N TRP A 145 -28.90 -11.29 -13.65
CA TRP A 145 -29.02 -10.33 -12.55
C TRP A 145 -30.01 -9.21 -12.83
N GLU A 146 -29.92 -8.62 -14.03
CA GLU A 146 -30.84 -7.55 -14.40
C GLU A 146 -32.25 -8.08 -14.57
N GLU A 147 -32.37 -9.37 -14.86
CA GLU A 147 -33.67 -10.03 -14.98
C GLU A 147 -34.32 -10.19 -13.61
N GLU A 148 -33.50 -10.42 -12.59
CA GLU A 148 -34.01 -10.63 -11.25
C GLU A 148 -33.99 -9.35 -10.40
N SER A 149 -33.91 -8.20 -11.05
CA SER A 149 -33.97 -6.90 -10.38
C SER A 149 -32.89 -6.72 -9.32
N GLU A 150 -31.72 -7.32 -9.55
CA GLU A 150 -30.55 -7.06 -8.73
C GLU A 150 -30.11 -5.59 -8.69
N PRO A 151 -30.24 -4.84 -9.80
CA PRO A 151 -29.88 -3.42 -9.70
C PRO A 151 -30.59 -2.66 -8.58
N GLU A 152 -31.90 -2.82 -8.43
CA GLU A 152 -32.62 -2.12 -7.37
C GLU A 152 -32.13 -2.55 -5.98
N ARG A 153 -31.81 -3.82 -5.83
CA ARG A 153 -31.38 -4.38 -4.55
C ARG A 153 -30.02 -3.82 -4.13
N TRP A 154 -29.11 -3.70 -5.10
CA TRP A 154 -27.78 -3.20 -4.81
C TRP A 154 -27.77 -1.67 -4.76
N LYS A 155 -28.68 -1.03 -5.50
CA LYS A 155 -28.87 0.40 -5.36
C LYS A 155 -29.27 0.70 -3.91
N ASN A 156 -30.26 0.00 -3.37
CA ASN A 156 -30.60 0.27 -1.96
C ASN A 156 -29.60 -0.27 -0.95
N TYR A 157 -28.85 -1.32 -1.24
CA TYR A 157 -27.82 -1.67 -0.27
C TYR A 157 -26.76 -0.57 -0.22
N LEU A 158 -26.36 -0.09 -1.39
CA LEU A 158 -25.21 0.80 -1.46
C LEU A 158 -25.53 2.23 -1.06
N GLU A 159 -26.77 2.66 -1.26
CA GLU A 159 -27.15 4.04 -0.98
C GLU A 159 -27.80 4.23 0.38
N GLU A 160 -28.38 3.16 0.93
CA GLU A 160 -29.06 3.24 2.22
C GLU A 160 -28.35 2.39 3.29
N THR A 161 -28.35 1.09 3.09
CA THR A 161 -27.83 0.15 4.10
C THR A 161 -26.35 0.36 4.41
N CYS A 162 -25.53 0.33 3.37
CA CYS A 162 -24.09 0.48 3.52
C CYS A 162 -23.74 1.80 4.19
N VAL A 163 -24.40 2.86 3.75
CA VAL A 163 -24.13 4.21 4.25
C VAL A 163 -24.54 4.36 5.71
N GLU A 164 -25.73 3.86 6.03
CA GLU A 164 -26.24 3.89 7.39
C GLU A 164 -25.28 3.22 8.37
N TRP A 165 -24.83 2.01 8.05
CA TRP A 165 -23.90 1.30 8.91
C TRP A 165 -22.54 2.00 9.00
N LEU A 166 -22.10 2.62 7.90
CA LEU A 166 -20.82 3.31 7.89
C LEU A 166 -20.87 4.48 8.86
N ARG A 167 -21.96 5.25 8.81
CA ARG A 167 -22.14 6.33 9.78
C ARG A 167 -22.16 5.81 11.21
N ARG A 168 -22.72 4.62 11.41
CA ARG A 168 -22.72 4.00 12.74
C ARG A 168 -21.31 3.61 13.19
N TYR A 169 -20.58 2.93 12.33
CA TYR A 169 -19.22 2.49 12.62
C TYR A 169 -18.28 3.65 12.92
N VAL A 170 -18.39 4.72 12.15
CA VAL A 170 -17.48 5.84 12.32
C VAL A 170 -17.68 6.49 13.69
N GLU A 171 -18.92 6.48 14.19
CA GLU A 171 -19.20 6.97 15.53
C GLU A 171 -18.68 6.01 16.61
N TYR A 172 -18.90 4.71 16.43
CA TYR A 172 -18.32 3.69 17.32
C TYR A 172 -16.81 3.85 17.54
N GLY A 173 -16.07 4.01 16.44
CA GLY A 173 -14.62 4.03 16.50
C GLY A 173 -14.01 5.40 16.29
N LYS A 174 -14.77 6.44 16.61
CA LYS A 174 -14.35 7.81 16.35
C LYS A 174 -12.98 8.15 16.93
N ALA A 175 -12.75 7.76 18.18
CA ALA A 175 -11.49 8.07 18.85
C ALA A 175 -10.33 7.31 18.21
N GLU A 176 -10.55 6.03 17.95
CA GLU A 176 -9.55 5.18 17.32
C GLU A 176 -9.22 5.58 15.88
N LEU A 177 -10.25 5.80 15.07
CA LEU A 177 -10.04 6.17 13.67
C LEU A 177 -9.28 7.47 13.57
N GLY A 178 -9.52 8.37 14.51
CA GLY A 178 -8.87 9.67 14.49
C GLY A 178 -7.55 9.73 15.25
N ARG A 179 -7.08 8.58 15.72
CA ARG A 179 -5.84 8.55 16.49
C ARG A 179 -4.64 8.93 15.63
N ARG A 180 -3.55 9.31 16.29
CA ARG A 180 -2.29 9.58 15.61
C ARG A 180 -1.16 8.82 16.30
N GLU A 181 -0.39 8.08 15.50
CA GLU A 181 0.77 7.37 16.00
C GLU A 181 1.98 7.84 15.21
N ARG A 182 2.96 8.35 15.95
CA ARG A 182 4.13 9.01 15.38
C ARG A 182 5.18 8.00 14.94
N PRO A 183 5.74 8.17 13.74
CA PRO A 183 6.78 7.22 13.29
C PRO A 183 8.10 7.42 14.01
N GLU A 184 8.84 6.33 14.20
CA GLU A 184 10.26 6.41 14.52
C GLU A 184 11.01 6.30 13.20
N VAL A 185 11.92 7.22 12.93
CA VAL A 185 12.57 7.27 11.63
C VAL A 185 14.05 6.94 11.77
N ARG A 186 14.55 6.07 10.90
CA ARG A 186 15.99 5.82 10.86
C ARG A 186 16.53 5.94 9.44
N VAL A 187 17.65 6.63 9.31
CA VAL A 187 18.40 6.70 8.07
C VAL A 187 19.61 5.79 8.15
N TRP A 188 19.75 4.90 7.17
CA TRP A 188 20.88 3.98 7.15
C TRP A 188 21.54 4.03 5.79
N GLY A 189 22.82 3.67 5.75
CA GLY A 189 23.57 3.72 4.52
C GLY A 189 24.30 2.41 4.29
N LYS A 190 24.45 2.04 3.02
CA LYS A 190 25.21 0.86 2.61
C LYS A 190 25.93 1.14 1.29
N GLU A 191 27.26 1.01 1.30
CA GLU A 191 28.06 1.20 0.10
C GLU A 191 28.48 -0.13 -0.52
N ALA A 192 28.17 -0.31 -1.81
CA ALA A 192 28.62 -1.46 -2.56
C ALA A 192 28.96 -1.05 -4.00
N ASP A 193 30.20 -1.33 -4.41
CA ASP A 193 30.64 -1.09 -5.78
C ASP A 193 30.56 0.38 -6.20
N GLY A 194 31.13 1.27 -5.40
CA GLY A 194 31.17 2.68 -5.74
C GLY A 194 29.82 3.37 -5.71
N ILE A 195 28.83 2.69 -5.15
CA ILE A 195 27.51 3.29 -4.99
C ILE A 195 27.07 3.25 -3.53
N LEU A 196 26.84 4.42 -2.95
CA LEU A 196 26.28 4.51 -1.61
C LEU A 196 24.76 4.57 -1.71
N THR A 197 24.09 3.56 -1.18
CA THR A 197 22.64 3.60 -1.14
C THR A 197 22.19 4.04 0.25
N LEU A 198 21.54 5.21 0.29
CA LEU A 198 21.01 5.75 1.53
C LEU A 198 19.55 5.35 1.68
N SER A 199 19.20 4.86 2.86
CA SER A 199 17.85 4.39 3.13
C SER A 199 17.20 5.25 4.21
N CYS A 200 15.91 5.56 4.04
CA CYS A 200 15.14 6.22 5.10
C CYS A 200 13.86 5.43 5.38
N ARG A 201 13.71 5.02 6.63
CA ARG A 201 12.62 4.15 7.07
C ARG A 201 11.76 4.79 8.15
N ALA A 202 10.47 4.88 7.87
CA ALA A 202 9.51 5.38 8.85
C ALA A 202 8.76 4.20 9.44
N HIS A 203 8.87 4.06 10.76
CA HIS A 203 8.45 2.89 11.52
C HIS A 203 7.19 3.19 12.39
N GLY A 204 6.06 2.56 12.11
CA GLY A 204 4.93 2.59 13.03
C GLY A 204 4.04 3.82 13.05
N PHE A 205 3.75 4.38 11.87
CA PHE A 205 2.90 5.57 11.80
C PHE A 205 1.44 5.22 11.59
N TYR A 206 0.58 6.10 12.08
CA TYR A 206 -0.84 6.08 11.77
C TYR A 206 -1.33 7.51 11.84
N PRO A 207 -2.20 7.93 10.89
CA PRO A 207 -2.82 7.16 9.80
C PRO A 207 -1.88 6.80 8.65
N ARG A 208 -2.42 6.04 7.69
CA ARG A 208 -1.63 5.47 6.61
C ARG A 208 -0.92 6.50 5.70
N PRO A 209 -1.58 7.61 5.31
CA PRO A 209 -0.87 8.51 4.39
C PRO A 209 0.39 9.18 4.96
N ILE A 210 1.46 9.16 4.17
CA ILE A 210 2.72 9.74 4.60
C ILE A 210 3.51 10.18 3.36
N VAL A 211 4.35 11.19 3.53
CA VAL A 211 5.28 11.62 2.49
C VAL A 211 6.70 11.56 3.00
N VAL A 212 7.51 10.71 2.38
CA VAL A 212 8.90 10.58 2.76
C VAL A 212 9.77 10.95 1.55
N SER A 213 10.50 12.05 1.68
CA SER A 213 11.28 12.59 0.57
C SER A 213 12.75 12.67 0.91
N TRP A 214 13.59 12.53 -0.11
CA TRP A 214 15.02 12.76 0.00
C TRP A 214 15.36 14.16 -0.53
N LEU A 215 15.93 14.99 0.34
CA LEU A 215 16.33 16.34 -0.03
C LEU A 215 17.84 16.41 -0.26
N LYS A 216 18.25 16.78 -1.47
CA LYS A 216 19.69 16.94 -1.71
C LYS A 216 20.07 18.40 -1.54
N ASP A 217 20.77 18.70 -0.45
CA ASP A 217 21.04 20.06 0.04
C ASP A 217 19.85 20.98 -0.11
N GLY A 218 18.68 20.53 0.35
CA GLY A 218 17.49 21.37 0.40
C GLY A 218 16.48 21.20 -0.72
N ALA A 219 16.91 20.71 -1.89
CA ALA A 219 16.00 20.55 -3.03
C ALA A 219 15.45 19.13 -3.11
N VAL A 220 14.14 19.02 -3.33
CA VAL A 220 13.48 17.73 -3.39
C VAL A 220 14.01 16.89 -4.54
N ARG A 221 15.14 16.23 -4.32
CA ARG A 221 15.68 15.37 -5.35
C ARG A 221 15.10 13.99 -5.24
N GLY A 222 14.08 13.79 -6.05
CA GLY A 222 13.53 12.46 -6.17
C GLY A 222 14.11 11.71 -7.37
N GLN A 223 15.32 12.03 -7.87
CA GLN A 223 15.75 11.26 -9.03
C GLN A 223 15.98 9.78 -8.71
N ASP A 224 16.94 9.48 -7.84
CA ASP A 224 17.21 8.08 -7.56
C ASP A 224 16.11 7.47 -6.70
N ALA A 225 15.14 8.29 -6.30
CA ALA A 225 14.20 7.94 -5.24
C ALA A 225 13.40 6.69 -5.56
N HIS A 226 13.68 5.61 -4.83
CA HIS A 226 12.87 4.40 -4.89
C HIS A 226 12.08 4.26 -3.59
N SER A 227 10.75 4.31 -3.69
CA SER A 227 9.90 4.10 -2.54
C SER A 227 9.35 2.68 -2.55
N GLY A 228 9.34 2.04 -1.39
CA GLY A 228 8.80 0.70 -1.27
C GLY A 228 7.29 0.72 -1.07
N GLY A 229 6.70 1.90 -1.15
CA GLY A 229 5.28 2.07 -0.86
C GLY A 229 5.02 2.03 0.63
N ILE A 230 3.73 2.01 1.00
CA ILE A 230 3.33 1.94 2.40
C ILE A 230 2.87 0.52 2.72
N VAL A 231 3.54 -0.09 3.68
CA VAL A 231 3.28 -1.49 4.03
C VAL A 231 2.93 -1.62 5.51
N PRO A 232 2.12 -2.62 5.86
CA PRO A 232 1.57 -2.72 7.22
C PRO A 232 2.48 -3.42 8.21
N ASN A 233 2.35 -3.00 9.46
CA ASN A 233 2.83 -3.77 10.60
C ASN A 233 1.69 -4.62 11.12
N GLY A 234 2.00 -5.55 12.02
CA GLY A 234 0.97 -6.40 12.59
C GLY A 234 0.07 -5.72 13.60
N ASP A 235 0.45 -4.53 14.04
CA ASP A 235 -0.22 -3.86 15.18
C ASP A 235 -1.13 -2.69 14.78
N GLY A 236 -1.57 -2.67 13.53
CA GLY A 236 -2.43 -1.61 13.04
C GLY A 236 -1.73 -0.35 12.54
N THR A 237 -0.42 -0.28 12.67
CA THR A 237 0.35 0.86 12.17
C THR A 237 1.03 0.49 10.86
N TYR A 238 1.73 1.45 10.27
CA TYR A 238 2.34 1.25 8.95
C TYR A 238 3.84 1.54 8.90
N HIS A 239 4.43 1.16 7.78
CA HIS A 239 5.86 1.23 7.53
C HIS A 239 6.08 1.73 6.10
N THR A 240 7.14 2.50 5.88
CA THR A 240 7.56 2.80 4.51
C THR A 240 9.07 3.05 4.44
N TRP A 241 9.67 2.68 3.32
CA TRP A 241 11.08 2.99 3.14
C TRP A 241 11.39 3.53 1.77
N VAL A 242 12.26 4.53 1.75
CA VAL A 242 12.65 5.22 0.52
C VAL A 242 14.17 5.28 0.45
N THR A 243 14.72 4.86 -0.69
CA THR A 243 16.17 4.89 -0.90
C THR A 243 16.58 5.88 -1.99
N ILE A 244 17.86 6.23 -1.99
CA ILE A 244 18.43 7.08 -3.01
C ILE A 244 19.89 6.67 -3.18
N ASP A 245 20.34 6.54 -4.43
CA ASP A 245 21.73 6.17 -4.71
C ASP A 245 22.61 7.41 -4.72
N ALA A 246 23.71 7.37 -3.99
CA ALA A 246 24.62 8.51 -3.92
C ALA A 246 26.07 8.10 -4.19
N GLN A 247 26.93 9.09 -4.35
CA GLN A 247 28.36 8.86 -4.53
C GLN A 247 29.01 8.65 -3.17
N PRO A 248 30.04 7.79 -3.11
CA PRO A 248 30.77 7.59 -1.86
C PRO A 248 31.26 8.91 -1.27
N GLY A 249 31.03 9.13 0.02
CA GLY A 249 31.45 10.35 0.67
C GLY A 249 30.49 11.52 0.51
N ASP A 250 29.32 11.27 -0.06
CA ASP A 250 28.32 12.33 -0.23
C ASP A 250 27.13 12.13 0.71
N GLY A 251 27.36 11.48 1.84
CA GLY A 251 26.28 11.12 2.75
C GLY A 251 25.71 12.22 3.60
N ASP A 252 26.56 13.14 4.03
CA ASP A 252 26.16 14.22 4.93
C ASP A 252 25.52 15.35 4.14
N LYS A 253 25.18 15.03 2.89
CA LYS A 253 24.69 16.00 1.91
C LYS A 253 23.17 15.81 1.78
N TYR A 254 22.74 14.58 2.04
CA TYR A 254 21.35 14.16 1.87
C TYR A 254 20.57 14.22 3.16
N GLN A 255 19.33 14.67 3.06
CA GLN A 255 18.45 14.69 4.20
C GLN A 255 17.14 14.01 3.88
N CYS A 256 16.66 13.21 4.82
CA CYS A 256 15.36 12.59 4.69
C CYS A 256 14.31 13.47 5.35
N ARG A 257 13.20 13.67 4.66
CA ARG A 257 12.13 14.50 5.19
C ARG A 257 10.84 13.70 5.30
N VAL A 258 10.23 13.73 6.47
CA VAL A 258 9.02 12.95 6.73
C VAL A 258 7.87 13.86 7.09
N GLU A 259 6.82 13.82 6.27
CA GLU A 259 5.61 14.60 6.52
C GLU A 259 4.47 13.65 6.85
N HIS A 260 3.83 13.87 8.00
CA HIS A 260 2.79 12.97 8.48
C HIS A 260 1.85 13.71 9.41
N ALA A 261 0.62 13.23 9.55
CA ALA A 261 -0.39 13.92 10.36
C ALA A 261 0.03 14.03 11.84
N SER A 262 0.84 13.08 12.32
CA SER A 262 1.28 13.09 13.71
C SER A 262 2.42 14.08 13.97
N LEU A 263 2.96 14.66 12.89
CA LEU A 263 4.09 15.59 13.00
C LEU A 263 3.66 17.00 12.60
N PRO A 264 3.56 17.91 13.59
CA PRO A 264 3.11 19.29 13.34
C PRO A 264 4.02 20.02 12.36
N GLN A 265 5.33 19.76 12.44
CA GLN A 265 6.23 20.20 11.38
C GLN A 265 6.95 18.96 10.85
N PRO A 266 7.34 18.99 9.57
CA PRO A 266 7.99 17.82 8.96
C PRO A 266 9.29 17.45 9.67
N GLY A 267 9.54 16.15 9.81
CA GLY A 267 10.77 15.68 10.42
C GLY A 267 11.91 15.68 9.42
N LEU A 268 13.09 16.05 9.87
CA LEU A 268 14.29 15.97 9.04
C LEU A 268 15.27 14.99 9.67
N TYR A 269 15.81 14.08 8.87
CA TYR A 269 16.69 13.04 9.40
C TYR A 269 17.87 12.83 8.46
N SER A 270 19.02 12.49 9.03
CA SER A 270 20.20 12.19 8.22
C SER A 270 21.00 11.03 8.79
N TRP A 271 22.03 10.64 8.04
CA TRP A 271 22.85 9.47 8.32
C TRP A 271 23.78 9.68 9.52
N ASP B 1 -1.14 -14.80 -14.30
CA ASP B 1 -0.46 -14.97 -13.00
C ASP B 1 0.60 -13.90 -12.78
N LEU B 2 0.81 -13.53 -11.52
CA LEU B 2 1.63 -12.37 -11.14
C LEU B 2 2.59 -12.73 -9.99
N THR B 3 3.87 -12.39 -10.14
CA THR B 3 4.88 -12.70 -9.11
C THR B 3 4.73 -11.83 -7.87
N PRO B 4 5.08 -12.38 -6.70
CA PRO B 4 5.06 -11.63 -5.45
C PRO B 4 6.17 -10.61 -5.35
N LYS B 5 5.83 -9.39 -4.94
CA LYS B 5 6.83 -8.37 -4.61
C LYS B 5 6.95 -8.32 -3.08
N VAL B 6 8.17 -8.47 -2.57
CA VAL B 6 8.34 -8.79 -1.16
C VAL B 6 9.22 -7.78 -0.43
N GLN B 7 8.81 -7.39 0.77
CA GLN B 7 9.64 -6.51 1.61
C GLN B 7 9.82 -7.12 2.99
N VAL B 8 11.03 -6.99 3.55
CA VAL B 8 11.29 -7.46 4.91
C VAL B 8 11.77 -6.32 5.80
N TYR B 9 11.16 -6.17 6.97
CA TYR B 9 11.35 -5.01 7.84
C TYR B 9 10.87 -5.34 9.26
N SER B 10 11.38 -4.59 10.25
CA SER B 10 10.94 -4.81 11.63
C SER B 10 9.97 -3.71 12.08
N ARG B 11 9.13 -4.06 13.04
CA ARG B 11 8.16 -3.10 13.59
C ARG B 11 8.84 -1.81 14.06
N PHE B 12 9.85 -1.97 14.92
CA PHE B 12 10.65 -0.85 15.41
C PHE B 12 12.00 -0.82 14.71
N PRO B 13 12.61 0.38 14.60
CA PRO B 13 14.03 0.45 14.24
C PRO B 13 14.80 -0.44 15.19
N ALA B 14 15.55 -1.39 14.65
CA ALA B 14 16.04 -2.47 15.50
C ALA B 14 17.22 -2.01 16.32
N SER B 15 17.36 -2.65 17.47
CA SER B 15 18.44 -2.39 18.41
C SER B 15 18.87 -3.69 19.06
N ALA B 16 20.14 -3.74 19.46
CA ALA B 16 20.68 -4.89 20.17
C ALA B 16 19.89 -5.16 21.44
N GLY B 17 19.61 -6.44 21.68
CA GLY B 17 18.96 -6.87 22.91
C GLY B 17 17.54 -6.38 23.14
N THR B 18 16.93 -5.77 22.13
CA THR B 18 15.61 -5.15 22.30
C THR B 18 14.50 -5.87 21.54
N LYS B 19 13.43 -6.22 22.25
CA LYS B 19 12.30 -6.95 21.66
C LYS B 19 11.66 -6.20 20.48
N ASN B 20 11.22 -6.96 19.49
CA ASN B 20 10.77 -6.37 18.23
C ASN B 20 9.86 -7.36 17.54
N VAL B 21 9.49 -7.04 16.30
CA VAL B 21 8.68 -7.91 15.50
C VAL B 21 9.25 -7.92 14.10
N LEU B 22 9.47 -9.11 13.54
CA LEU B 22 10.01 -9.22 12.19
C LEU B 22 8.86 -9.38 11.23
N ASN B 23 8.82 -8.52 10.20
CA ASN B 23 7.74 -8.54 9.22
C ASN B 23 8.22 -8.99 7.85
N CYS B 24 7.38 -9.78 7.16
CA CYS B 24 7.59 -10.07 5.75
C CYS B 24 6.27 -9.86 5.02
N PHE B 25 6.28 -8.92 4.09
CA PHE B 25 5.06 -8.54 3.38
C PHE B 25 5.23 -8.89 1.91
N ALA B 26 4.27 -9.63 1.37
CA ALA B 26 4.25 -9.98 -0.05
C ALA B 26 2.97 -9.44 -0.68
N ALA B 27 3.09 -8.84 -1.85
CA ALA B 27 1.94 -8.21 -2.50
C ALA B 27 2.00 -8.29 -4.02
N GLY B 28 0.87 -8.01 -4.66
CA GLY B 28 0.81 -7.92 -6.10
C GLY B 28 0.75 -9.26 -6.82
N PHE B 29 0.43 -10.35 -6.11
CA PHE B 29 0.55 -11.66 -6.77
C PHE B 29 -0.80 -12.33 -7.13
N HIS B 30 -0.80 -13.16 -8.18
CA HIS B 30 -1.90 -14.12 -8.47
C HIS B 30 -1.21 -15.47 -8.81
N PRO B 31 -1.77 -16.61 -8.38
CA PRO B 31 -2.90 -16.97 -7.54
C PRO B 31 -2.60 -16.70 -6.06
N PRO B 32 -3.61 -16.74 -5.18
CA PRO B 32 -3.40 -16.34 -3.78
C PRO B 32 -2.63 -17.36 -2.94
N LYS B 33 -2.55 -18.61 -3.39
CA LYS B 33 -1.74 -19.59 -2.66
C LYS B 33 -0.27 -19.16 -2.66
N ILE B 34 0.32 -19.07 -1.47
CA ILE B 34 1.69 -18.61 -1.36
C ILE B 34 2.30 -19.15 -0.07
N SER B 35 3.61 -19.36 -0.06
CA SER B 35 4.28 -19.80 1.15
C SER B 35 5.28 -18.75 1.57
N ILE B 36 5.16 -18.27 2.80
CA ILE B 36 6.01 -17.22 3.32
C ILE B 36 6.57 -17.67 4.66
N THR B 37 7.90 -17.80 4.76
CA THR B 37 8.51 -18.35 5.96
C THR B 37 9.65 -17.47 6.47
N LEU B 38 9.52 -17.02 7.72
CA LEU B 38 10.58 -16.27 8.39
C LEU B 38 11.69 -17.20 8.89
N MET B 39 12.94 -16.83 8.60
CA MET B 39 14.12 -17.65 8.86
C MET B 39 15.14 -16.92 9.73
N LYS B 40 15.66 -17.59 10.74
CA LYS B 40 16.81 -17.10 11.49
C LYS B 40 17.99 -18.05 11.30
N ASP B 41 19.07 -17.56 10.71
CA ASP B 41 20.24 -18.36 10.39
C ASP B 41 19.88 -19.66 9.67
N GLY B 42 18.97 -19.56 8.70
CA GLY B 42 18.58 -20.72 7.92
C GLY B 42 17.67 -21.71 8.61
N VAL B 43 17.05 -21.28 9.71
CA VAL B 43 16.10 -22.12 10.45
C VAL B 43 14.80 -21.34 10.69
N PRO B 44 13.65 -21.95 10.37
CA PRO B 44 12.33 -21.34 10.57
C PRO B 44 12.13 -20.77 11.97
N MET B 45 11.68 -19.52 12.05
CA MET B 45 11.44 -18.87 13.34
C MET B 45 10.09 -19.31 13.91
N GLU B 46 10.05 -19.59 15.20
CA GLU B 46 8.82 -20.01 15.87
C GLU B 46 7.89 -18.82 16.09
N GLY B 47 6.59 -19.07 16.23
CA GLY B 47 5.63 -18.03 16.57
C GLY B 47 5.21 -17.08 15.46
N ALA B 48 5.39 -17.50 14.20
CA ALA B 48 4.98 -16.65 13.09
C ALA B 48 3.46 -16.54 13.03
N GLN B 49 2.98 -15.34 12.73
CA GLN B 49 1.56 -15.07 12.56
C GLN B 49 1.28 -14.65 11.11
N TYR B 50 0.13 -15.06 10.57
CA TYR B 50 -0.18 -14.84 9.16
C TYR B 50 -1.48 -14.06 8.99
N SER B 51 -1.44 -13.02 8.18
CA SER B 51 -2.65 -12.21 7.94
C SER B 51 -3.67 -13.03 7.15
N ASP B 52 -4.95 -12.72 7.35
CA ASP B 52 -6.01 -13.44 6.62
C ASP B 52 -6.01 -12.99 5.17
N MET B 53 -6.41 -13.88 4.26
CA MET B 53 -6.28 -13.57 2.84
C MET B 53 -7.05 -12.30 2.49
N SER B 54 -6.38 -11.42 1.76
CA SER B 54 -6.97 -10.16 1.34
C SER B 54 -6.30 -9.70 0.06
N PHE B 55 -6.84 -8.65 -0.56
CA PHE B 55 -6.36 -8.18 -1.85
C PHE B 55 -6.62 -6.70 -2.06
N ASN B 56 -5.89 -6.11 -3.01
CA ASN B 56 -5.92 -4.67 -3.27
C ASN B 56 -6.99 -4.30 -4.32
N ASP B 57 -7.18 -2.99 -4.53
CA ASP B 57 -8.08 -2.44 -5.55
C ASP B 57 -7.92 -3.05 -6.93
N ASP B 58 -6.71 -3.48 -7.25
CA ASP B 58 -6.43 -4.07 -8.57
C ASP B 58 -6.50 -5.60 -8.57
N TRP B 59 -7.20 -6.15 -7.58
CA TRP B 59 -7.47 -7.59 -7.40
C TRP B 59 -6.27 -8.42 -6.96
N THR B 60 -5.07 -7.85 -6.97
CA THR B 60 -3.88 -8.59 -6.60
C THR B 60 -3.84 -8.88 -5.09
N PHE B 61 -3.42 -10.09 -4.74
CA PHE B 61 -3.41 -10.53 -3.34
C PHE B 61 -2.18 -10.03 -2.57
N GLN B 62 -2.33 -9.93 -1.25
CA GLN B 62 -1.20 -9.62 -0.38
C GLN B 62 -1.30 -10.39 0.93
N ARG B 63 -0.16 -10.57 1.59
CA ARG B 63 -0.13 -11.20 2.89
C ARG B 63 1.04 -10.72 3.73
N LEU B 64 0.76 -10.44 4.99
CA LEU B 64 1.79 -10.11 5.96
C LEU B 64 2.04 -11.31 6.86
N VAL B 65 3.31 -11.67 7.04
CA VAL B 65 3.71 -12.64 8.05
C VAL B 65 4.60 -11.93 9.09
N HIS B 66 4.32 -12.13 10.36
CA HIS B 66 5.14 -11.48 11.39
C HIS B 66 5.35 -12.35 12.62
N ALA B 67 6.47 -12.14 13.29
CA ALA B 67 6.84 -12.91 14.47
C ALA B 67 7.62 -12.05 15.47
N ASP B 68 7.28 -12.14 16.75
CA ASP B 68 8.09 -11.56 17.83
C ASP B 68 9.51 -12.08 17.75
N PHE B 69 10.50 -11.21 17.95
CA PHE B 69 11.89 -11.65 17.98
C PHE B 69 12.76 -10.55 18.57
N THR B 70 13.92 -10.95 19.07
CA THR B 70 14.93 -10.04 19.58
C THR B 70 16.14 -10.20 18.69
N PRO B 71 16.38 -9.23 17.81
CA PRO B 71 17.47 -9.33 16.83
C PRO B 71 18.84 -9.43 17.49
N SER B 72 19.60 -10.45 17.09
CA SER B 72 20.99 -10.62 17.50
C SER B 72 21.93 -10.12 16.41
N SER B 73 22.96 -9.38 16.80
CA SER B 73 23.99 -8.94 15.86
C SER B 73 24.73 -10.15 15.28
N GLY B 74 24.68 -11.27 15.99
CA GLY B 74 25.37 -12.47 15.55
C GLY B 74 24.60 -13.27 14.50
N SER B 75 23.38 -12.85 14.19
CA SER B 75 22.51 -13.66 13.35
C SER B 75 22.07 -12.98 12.06
N THR B 76 21.54 -13.78 11.16
CA THR B 76 21.03 -13.35 9.86
C THR B 76 19.55 -13.73 9.74
N TYR B 77 18.73 -12.80 9.27
CA TYR B 77 17.29 -13.03 9.20
C TYR B 77 16.80 -12.82 7.78
N ALA B 78 15.84 -13.66 7.39
CA ALA B 78 15.37 -13.67 6.01
C ALA B 78 13.95 -14.14 5.94
N CYS B 79 13.33 -13.88 4.80
CA CYS B 79 11.99 -14.35 4.50
C CYS B 79 12.06 -15.21 3.24
N LYS B 80 11.64 -16.47 3.35
CA LYS B 80 11.67 -17.40 2.22
C LYS B 80 10.28 -17.48 1.57
N VAL B 81 10.22 -17.19 0.27
CA VAL B 81 8.92 -17.12 -0.39
C VAL B 81 8.79 -18.11 -1.55
N GLU B 82 7.70 -18.88 -1.54
CA GLU B 82 7.44 -19.80 -2.64
C GLU B 82 6.07 -19.54 -3.25
N HIS B 83 6.04 -19.51 -4.57
CA HIS B 83 4.81 -19.19 -5.29
C HIS B 83 4.89 -19.87 -6.66
N GLU B 84 3.74 -20.14 -7.27
CA GLU B 84 3.69 -20.84 -8.55
C GLU B 84 4.44 -20.13 -9.66
N THR B 85 4.53 -18.80 -9.58
CA THR B 85 5.17 -18.00 -10.62
C THR B 85 6.68 -18.09 -10.63
N LEU B 86 7.24 -18.69 -9.57
CA LEU B 86 8.69 -18.75 -9.42
C LEU B 86 9.19 -20.19 -9.48
N LYS B 87 10.31 -20.41 -10.16
CA LYS B 87 10.87 -21.74 -10.34
C LYS B 87 11.41 -22.27 -9.02
N GLU B 88 11.98 -21.37 -8.23
CA GLU B 88 12.67 -21.74 -6.99
C GLU B 88 12.27 -20.78 -5.88
N PRO B 89 12.36 -21.24 -4.62
CA PRO B 89 12.12 -20.34 -3.48
C PRO B 89 12.97 -19.10 -3.60
N GLN B 90 12.40 -17.95 -3.21
CA GLN B 90 13.12 -16.69 -3.25
C GLN B 90 13.37 -16.22 -1.82
N VAL B 91 14.61 -15.85 -1.54
CA VAL B 91 14.98 -15.46 -0.18
C VAL B 91 15.29 -13.98 -0.09
N TYR B 92 14.61 -13.31 0.83
CA TYR B 92 14.77 -11.87 1.02
C TYR B 92 15.41 -11.57 2.37
N LYS B 93 16.53 -10.88 2.35
CA LYS B 93 17.31 -10.66 3.57
C LYS B 93 16.80 -9.45 4.35
N TRP B 94 16.80 -9.57 5.67
CA TRP B 94 16.53 -8.42 6.50
C TRP B 94 17.81 -7.66 6.79
N ASP B 95 17.80 -6.34 6.59
CA ASP B 95 18.90 -5.50 7.04
C ASP B 95 18.57 -4.92 8.41
N PRO B 96 19.31 -5.33 9.44
CA PRO B 96 19.05 -4.87 10.81
C PRO B 96 19.15 -3.36 10.95
N GLU B 97 20.06 -2.76 10.19
CA GLU B 97 20.34 -1.33 10.26
C GLU B 97 20.84 -0.93 11.67
N PHE B 98 21.55 -1.86 12.29
CA PHE B 98 22.34 -1.54 13.47
C PHE B 98 23.54 -2.48 13.58
N LEU C 1 -22.41 -3.64 7.98
CA LEU C 1 -22.99 -4.95 7.71
C LEU C 1 -22.78 -5.32 6.26
N PRO C 2 -22.22 -6.51 6.01
CA PRO C 2 -22.03 -7.03 4.65
C PRO C 2 -23.36 -7.32 3.95
N ALA C 3 -23.28 -7.54 2.64
CA ALA C 3 -24.44 -7.93 1.86
C ALA C 3 -24.31 -9.39 1.43
N CYS C 4 -25.39 -9.96 0.92
CA CYS C 4 -25.30 -11.26 0.26
C CYS C 4 -24.93 -11.00 -1.20
N VAL C 5 -23.89 -11.66 -1.70
CA VAL C 5 -23.62 -11.61 -3.13
C VAL C 5 -24.63 -12.54 -3.80
N LEU C 6 -24.60 -12.65 -5.12
CA LEU C 6 -25.59 -13.50 -5.76
C LEU C 6 -24.90 -14.56 -6.61
N GLU C 7 -25.65 -15.60 -6.95
CA GLU C 7 -25.11 -16.67 -7.80
C GLU C 7 -24.95 -16.13 -9.21
N VAL C 8 -23.84 -16.49 -9.85
CA VAL C 8 -23.52 -15.92 -11.15
C VAL C 8 -24.32 -16.60 -12.25
N MET D 1 33.75 0.66 34.72
CA MET D 1 33.91 -0.64 35.38
C MET D 1 32.63 -1.45 35.24
N GLU D 2 32.76 -2.72 34.87
CA GLU D 2 31.60 -3.58 34.65
C GLU D 2 31.10 -4.17 35.95
N LEU D 3 29.90 -3.78 36.37
CA LEU D 3 29.32 -4.30 37.60
C LEU D 3 28.13 -5.21 37.29
N HIS D 4 28.06 -6.36 37.95
CA HIS D 4 26.92 -7.26 37.77
C HIS D 4 26.45 -7.83 39.09
N THR D 5 25.18 -8.22 39.14
CA THR D 5 24.59 -8.73 40.37
C THR D 5 23.70 -9.96 40.09
N LEU D 6 23.75 -10.92 41.00
CA LEU D 6 22.84 -12.04 40.99
C LEU D 6 22.21 -12.10 42.36
N ARG D 7 20.89 -12.27 42.38
CA ARG D 7 20.17 -12.19 43.62
C ARG D 7 18.98 -13.13 43.57
N TYR D 8 18.87 -14.00 44.58
CA TYR D 8 17.72 -14.87 44.70
C TYR D 8 16.94 -14.46 45.94
N ILE D 9 15.62 -14.43 45.84
CA ILE D 9 14.80 -14.15 46.99
C ILE D 9 13.73 -15.21 47.07
N GLN D 10 13.34 -15.52 48.30
CA GLN D 10 12.51 -16.66 48.58
C GLN D 10 11.53 -16.29 49.68
N THR D 11 10.25 -16.61 49.48
CA THR D 11 9.20 -16.30 50.43
C THR D 11 8.33 -17.51 50.73
N ALA D 12 8.12 -17.77 52.03
CA ALA D 12 7.18 -18.76 52.45
C ALA D 12 6.14 -18.08 53.34
N MET D 13 4.87 -18.22 52.98
CA MET D 13 3.77 -17.51 53.65
C MET D 13 2.74 -18.47 54.21
N THR D 14 2.20 -18.16 55.39
CA THR D 14 1.05 -18.90 55.90
C THR D 14 -0.24 -18.38 55.27
N ASP D 15 -0.21 -17.17 54.72
CA ASP D 15 -1.40 -16.51 54.20
C ASP D 15 -1.13 -15.70 52.91
N PRO D 16 -1.01 -16.39 51.75
CA PRO D 16 -0.68 -15.75 50.46
C PRO D 16 -1.69 -14.81 49.75
N GLY D 17 -3.03 -14.89 49.87
CA GLY D 17 -3.80 -16.06 50.23
C GLY D 17 -4.55 -16.59 49.00
N PRO D 18 -5.83 -16.21 48.82
CA PRO D 18 -6.86 -16.96 48.07
C PRO D 18 -6.40 -17.55 46.73
N GLY D 19 -5.94 -18.80 46.78
CA GLY D 19 -5.53 -19.51 45.58
C GLY D 19 -4.11 -19.22 45.11
N GLN D 20 -3.42 -18.32 45.82
CA GLN D 20 -2.06 -17.93 45.45
C GLN D 20 -1.02 -18.85 46.05
N PRO D 21 0.15 -19.00 45.40
CA PRO D 21 1.13 -19.93 45.94
C PRO D 21 1.71 -19.43 47.26
N TRP D 22 1.84 -20.33 48.23
CA TRP D 22 2.37 -19.99 49.55
C TRP D 22 3.90 -19.91 49.54
N PHE D 23 4.53 -20.52 48.54
CA PHE D 23 6.00 -20.52 48.45
C PHE D 23 6.44 -20.09 47.06
N VAL D 24 7.37 -19.13 47.01
CA VAL D 24 7.83 -18.54 45.75
C VAL D 24 9.31 -18.22 45.82
N THR D 25 10.05 -18.60 44.79
CA THR D 25 11.44 -18.17 44.66
C THR D 25 11.65 -17.54 43.30
N VAL D 26 12.31 -16.39 43.28
CA VAL D 26 12.68 -15.78 41.99
C VAL D 26 14.13 -15.30 42.04
N GLY D 27 14.75 -15.25 40.87
CA GLY D 27 16.11 -14.79 40.73
C GLY D 27 16.25 -13.63 39.77
N TYR D 28 17.25 -12.78 40.03
CA TYR D 28 17.46 -11.57 39.27
C TYR D 28 18.91 -11.44 38.84
N VAL D 29 19.13 -11.12 37.57
CA VAL D 29 20.47 -10.74 37.13
C VAL D 29 20.46 -9.25 36.78
N ASP D 30 21.36 -8.49 37.40
CA ASP D 30 21.42 -7.05 37.23
C ASP D 30 20.04 -6.42 37.40
N GLY D 31 19.25 -6.94 38.33
CA GLY D 31 17.91 -6.43 38.58
C GLY D 31 16.80 -6.97 37.69
N GLU D 32 17.16 -7.77 36.69
CA GLU D 32 16.19 -8.31 35.73
C GLU D 32 15.73 -9.71 36.13
N LEU D 33 14.42 -9.87 36.37
CA LEU D 33 13.85 -11.18 36.71
C LEU D 33 14.13 -12.22 35.62
N PHE D 34 14.78 -13.33 35.97
CA PHE D 34 15.12 -14.29 34.93
C PHE D 34 14.74 -15.74 35.25
N VAL D 35 14.52 -16.08 36.51
CA VAL D 35 13.96 -17.39 36.85
C VAL D 35 12.88 -17.29 37.93
N HIS D 36 11.98 -18.26 37.90
CA HIS D 36 10.88 -18.30 38.86
C HIS D 36 10.47 -19.74 39.18
N TYR D 37 10.21 -19.98 40.45
CA TYR D 37 9.66 -21.23 40.97
C TYR D 37 8.54 -20.90 41.95
N ASN D 38 7.45 -21.67 41.94
CA ASN D 38 6.53 -21.61 43.07
C ASN D 38 5.92 -22.97 43.41
N SER D 39 5.19 -23.02 44.51
CA SER D 39 4.64 -24.25 45.06
C SER D 39 3.47 -24.80 44.26
N THR D 40 3.00 -24.04 43.28
CA THR D 40 1.89 -24.50 42.46
C THR D 40 2.40 -25.20 41.21
N ALA D 41 3.28 -24.54 40.46
CA ALA D 41 3.85 -25.14 39.27
C ALA D 41 4.90 -26.20 39.63
N ARG D 42 5.56 -26.01 40.77
CA ARG D 42 6.60 -26.91 41.27
C ARG D 42 7.73 -27.14 40.26
N ARG D 43 8.00 -26.15 39.43
CA ARG D 43 9.16 -26.21 38.55
C ARG D 43 9.74 -24.81 38.36
N TYR D 44 11.04 -24.76 38.11
CA TYR D 44 11.71 -23.52 37.73
C TYR D 44 11.48 -23.27 36.25
N VAL D 45 11.00 -22.07 35.91
CA VAL D 45 10.79 -21.69 34.51
C VAL D 45 11.58 -20.42 34.17
N PRO D 46 11.92 -20.24 32.88
CA PRO D 46 12.63 -19.02 32.45
C PRO D 46 11.72 -17.80 32.48
N ARG D 47 12.30 -16.62 32.69
CA ARG D 47 11.52 -15.39 32.68
C ARG D 47 12.13 -14.33 31.76
N THR D 48 13.23 -14.69 31.10
CA THR D 48 13.76 -13.88 29.99
C THR D 48 13.99 -14.79 28.81
N GLU D 49 13.99 -14.21 27.62
CA GLU D 49 14.23 -14.99 26.43
C GLU D 49 15.64 -15.55 26.41
N TRP D 50 16.60 -14.80 26.97
CA TRP D 50 18.00 -15.23 26.86
C TRP D 50 18.31 -16.43 27.74
N ILE D 51 17.65 -16.57 28.90
CA ILE D 51 17.94 -17.74 29.73
C ILE D 51 17.25 -18.98 29.15
N ALA D 52 16.06 -18.80 28.58
CA ALA D 52 15.32 -19.88 27.95
C ALA D 52 16.05 -20.43 26.73
N ALA D 53 16.71 -19.54 25.99
CA ALA D 53 17.39 -19.92 24.76
C ALA D 53 18.75 -20.60 25.00
N LYS D 54 19.44 -20.21 26.07
CA LYS D 54 20.82 -20.67 26.28
C LYS D 54 20.97 -21.75 27.35
N ALA D 55 19.90 -22.05 28.08
CA ALA D 55 19.95 -23.13 29.06
C ALA D 55 19.18 -24.35 28.58
N ASP D 56 19.68 -25.55 28.87
CA ASP D 56 19.03 -26.78 28.40
C ASP D 56 18.19 -27.43 29.48
N GLN D 57 17.50 -28.52 29.12
CA GLN D 57 16.53 -29.14 30.00
C GLN D 57 17.15 -29.63 31.31
N GLN D 58 18.40 -30.05 31.25
CA GLN D 58 19.12 -30.52 32.44
C GLN D 58 19.25 -29.40 33.49
N TYR D 59 19.49 -28.19 33.01
CA TYR D 59 19.59 -27.02 33.89
C TYR D 59 18.28 -26.77 34.62
N TRP D 60 17.15 -26.82 33.90
CA TRP D 60 15.85 -26.60 34.54
C TRP D 60 15.48 -27.72 35.50
N ASP D 61 15.72 -28.97 35.10
CA ASP D 61 15.45 -30.11 35.97
C ASP D 61 16.26 -30.07 37.27
N GLY D 62 17.53 -29.67 37.17
CA GLY D 62 18.37 -29.55 38.34
C GLY D 62 17.89 -28.45 39.28
N GLN D 63 17.47 -27.34 38.70
CA GLN D 63 16.94 -26.22 39.47
C GLN D 63 15.64 -26.61 40.17
N THR D 64 14.78 -27.31 39.44
CA THR D 64 13.52 -27.78 40.00
C THR D 64 13.75 -28.64 41.23
N GLN D 65 14.78 -29.48 41.21
CA GLN D 65 15.16 -30.27 42.39
C GLN D 65 15.47 -29.36 43.57
N ILE D 66 16.19 -28.27 43.32
CA ILE D 66 16.53 -27.32 44.39
C ILE D 66 15.27 -26.65 44.91
N GLY D 67 14.41 -26.19 43.99
CA GLY D 67 13.20 -25.50 44.36
C GLY D 67 12.31 -26.35 45.24
N GLN D 68 12.15 -27.62 44.85
CA GLN D 68 11.27 -28.53 45.56
C GLN D 68 11.85 -28.84 46.95
N GLY D 69 13.16 -28.96 47.04
CA GLY D 69 13.82 -29.17 48.32
C GLY D 69 13.70 -27.97 49.23
N ASN D 70 13.85 -26.78 48.67
CA ASN D 70 13.66 -25.54 49.42
C ASN D 70 12.25 -25.42 49.96
N GLU D 71 11.27 -25.78 49.14
CA GLU D 71 9.86 -25.71 49.55
C GLU D 71 9.62 -26.61 50.78
N GLN D 72 10.17 -27.82 50.76
CA GLN D 72 10.02 -28.71 51.89
C GLN D 72 10.69 -28.14 53.14
N ILE D 73 11.83 -27.47 52.95
CA ILE D 73 12.56 -26.91 54.08
C ILE D 73 11.83 -25.73 54.71
N ASP D 74 11.26 -24.85 53.90
CA ASP D 74 10.59 -23.66 54.44
C ASP D 74 9.22 -24.02 55.01
N ARG D 75 8.63 -25.09 54.51
CA ARG D 75 7.44 -25.61 55.14
C ARG D 75 7.73 -25.95 56.62
N GLU D 76 8.84 -26.62 56.85
CA GLU D 76 9.26 -26.95 58.21
C GLU D 76 9.63 -25.70 59.01
N ASN D 77 10.37 -24.78 58.40
CA ASN D 77 10.75 -23.53 59.07
C ASN D 77 9.57 -22.72 59.59
N LEU D 78 8.49 -22.66 58.82
CA LEU D 78 7.28 -21.96 59.24
C LEU D 78 6.75 -22.56 60.53
N GLY D 79 6.79 -23.89 60.62
CA GLY D 79 6.36 -24.59 61.82
C GLY D 79 7.30 -24.36 62.99
N ILE D 80 8.59 -24.54 62.75
CA ILE D 80 9.60 -24.38 63.79
C ILE D 80 9.57 -22.97 64.39
N LEU D 81 9.51 -21.95 63.55
CA LEU D 81 9.51 -20.58 64.05
C LEU D 81 8.22 -20.23 64.79
N GLN D 82 7.11 -20.85 64.41
CA GLN D 82 5.85 -20.59 65.11
C GLN D 82 5.81 -21.26 66.48
N ARG D 83 6.60 -22.32 66.67
CA ARG D 83 6.73 -22.96 67.97
C ARG D 83 7.75 -22.25 68.86
N ARG D 84 8.60 -21.41 68.26
CA ARG D 84 9.64 -20.72 69.01
C ARG D 84 9.19 -19.33 69.48
N TYR D 85 8.35 -18.65 68.69
CA TYR D 85 7.80 -17.32 69.04
C TYR D 85 6.47 -17.38 69.84
N ASN D 86 6.03 -18.62 69.95
CA ASN D 86 4.66 -19.13 69.87
C ASN D 86 3.61 -18.03 69.88
N GLN D 87 2.82 -18.01 68.83
CA GLN D 87 1.50 -17.39 68.88
C GLN D 87 0.63 -18.12 67.86
N THR D 88 -0.19 -19.03 68.38
CA THR D 88 -1.44 -19.54 67.80
C THR D 88 -1.64 -19.48 66.29
N GLY D 89 -2.21 -18.39 65.77
CA GLY D 89 -2.36 -18.17 64.35
C GLY D 89 -1.64 -16.94 63.80
N GLY D 90 -2.42 -15.91 63.46
CA GLY D 90 -1.93 -14.71 62.80
C GLY D 90 -1.29 -15.10 61.48
N SER D 91 -0.84 -14.15 60.69
CA SER D 91 -0.15 -14.60 59.49
C SER D 91 1.35 -14.43 59.70
N HIS D 92 2.13 -15.34 59.11
CA HIS D 92 3.58 -15.35 59.29
C HIS D 92 4.31 -15.57 57.97
N THR D 93 5.55 -15.09 57.89
CA THR D 93 6.35 -15.19 56.68
C THR D 93 7.81 -15.49 56.98
N VAL D 94 8.39 -16.32 56.14
CA VAL D 94 9.83 -16.48 56.15
C VAL D 94 10.34 -15.93 54.83
N GLN D 95 11.40 -15.14 54.88
CA GLN D 95 12.01 -14.60 53.66
C GLN D 95 13.51 -14.88 53.64
N TRP D 96 14.02 -15.28 52.48
CA TRP D 96 15.46 -15.42 52.30
C TRP D 96 15.91 -14.52 51.16
N MET D 97 17.09 -13.92 51.29
CA MET D 97 17.71 -13.35 50.11
C MET D 97 19.20 -13.55 50.17
N TYR D 98 19.77 -13.90 49.02
CA TYR D 98 21.18 -14.21 48.96
C TYR D 98 21.69 -14.01 47.53
N GLY D 99 23.00 -13.84 47.39
CA GLY D 99 23.56 -13.62 46.08
C GLY D 99 24.96 -13.03 46.15
N CYS D 100 25.43 -12.53 45.02
CA CYS D 100 26.79 -12.04 44.89
C CYS D 100 26.84 -10.91 43.88
N ASP D 101 27.80 -10.02 44.05
CA ASP D 101 28.07 -8.97 43.08
C ASP D 101 29.47 -9.19 42.54
N ILE D 102 29.67 -8.95 41.25
CA ILE D 102 31.01 -8.96 40.70
C ILE D 102 31.34 -7.62 40.06
N LEU D 103 32.62 -7.29 40.09
CA LEU D 103 33.15 -6.08 39.49
C LEU D 103 34.38 -6.46 38.64
N GLU D 104 34.33 -6.19 37.34
CA GLU D 104 35.35 -6.67 36.41
C GLU D 104 35.60 -8.18 36.56
N GLY D 105 34.53 -8.94 36.77
CA GLY D 105 34.64 -10.38 36.85
C GLY D 105 34.93 -10.96 38.22
N GLY D 106 35.39 -10.13 39.15
CA GLY D 106 35.72 -10.57 40.50
C GLY D 106 34.65 -10.21 41.52
N PRO D 107 34.45 -11.10 42.51
CA PRO D 107 33.42 -10.87 43.53
C PRO D 107 33.75 -9.69 44.44
N ILE D 108 32.76 -8.84 44.71
CA ILE D 108 32.96 -7.74 45.65
C ILE D 108 31.98 -7.84 46.80
N ARG D 109 31.01 -8.73 46.68
CA ARG D 109 30.23 -9.09 47.86
C ARG D 109 29.41 -10.36 47.67
N GLY D 110 29.06 -10.95 48.81
CA GLY D 110 28.25 -12.15 48.86
C GLY D 110 27.47 -12.08 50.16
N TYR D 111 26.19 -12.38 50.11
CA TYR D 111 25.34 -12.20 51.28
C TYR D 111 24.34 -13.32 51.35
N TYR D 112 23.86 -13.58 52.55
CA TYR D 112 22.89 -14.63 52.80
C TYR D 112 22.14 -14.29 54.07
N GLN D 113 20.89 -13.88 53.90
CA GLN D 113 20.09 -13.38 55.00
C GLN D 113 18.73 -14.04 55.03
N MET D 114 18.21 -14.19 56.25
CA MET D 114 16.82 -14.61 56.42
C MET D 114 16.08 -13.58 57.25
N ALA D 115 14.81 -13.40 56.94
CA ALA D 115 13.94 -12.58 57.79
C ALA D 115 12.73 -13.36 58.23
N TYR D 116 12.23 -13.04 59.41
CA TYR D 116 10.98 -13.62 59.88
C TYR D 116 9.99 -12.51 60.19
N ASP D 117 8.77 -12.67 59.69
CA ASP D 117 7.73 -11.65 59.75
C ASP D 117 8.26 -10.28 59.38
N GLY D 118 9.05 -10.22 58.31
CA GLY D 118 9.46 -8.95 57.75
C GLY D 118 10.59 -8.25 58.47
N ARG D 119 11.20 -8.92 59.45
CA ARG D 119 12.32 -8.36 60.19
C ARG D 119 13.54 -9.28 60.18
N ASP D 120 14.74 -8.67 60.18
CA ASP D 120 15.99 -9.42 60.18
C ASP D 120 15.94 -10.55 61.20
N PHE D 121 16.51 -11.70 60.83
CA PHE D 121 16.54 -12.85 61.70
C PHE D 121 17.97 -13.34 61.81
N THR D 122 18.54 -13.72 60.67
CA THR D 122 19.94 -14.09 60.63
C THR D 122 20.63 -13.48 59.42
N ALA D 123 21.92 -13.24 59.54
CA ALA D 123 22.73 -12.82 58.40
C ALA D 123 24.10 -13.48 58.49
N PHE D 124 24.60 -13.93 57.34
CA PHE D 124 25.92 -14.55 57.26
C PHE D 124 27.03 -13.50 57.17
N ASP D 125 28.01 -13.60 58.07
CA ASP D 125 29.20 -12.75 57.98
C ASP D 125 30.32 -13.59 57.40
N LYS D 126 30.57 -13.42 56.11
CA LYS D 126 31.54 -14.27 55.42
C LYS D 126 32.96 -13.97 55.86
N GLY D 127 33.22 -12.73 56.26
CA GLY D 127 34.55 -12.32 56.71
C GLY D 127 35.01 -13.00 57.99
N THR D 128 34.08 -13.26 58.89
CA THR D 128 34.39 -13.91 60.15
C THR D 128 33.88 -15.34 60.19
N MET D 129 33.21 -15.75 59.11
CA MET D 129 32.66 -17.10 59.01
C MET D 129 31.72 -17.40 60.17
N THR D 130 30.87 -16.42 60.47
CA THR D 130 29.89 -16.54 61.54
C THR D 130 28.51 -16.12 61.01
N PHE D 131 27.45 -16.56 61.70
CA PHE D 131 26.09 -16.05 61.46
C PHE D 131 25.73 -15.07 62.57
N THR D 132 25.10 -13.96 62.19
CA THR D 132 24.67 -12.96 63.15
C THR D 132 23.20 -13.15 63.46
N ALA D 133 22.87 -13.30 64.74
CA ALA D 133 21.48 -13.39 65.16
C ALA D 133 20.94 -11.99 65.44
N ALA D 134 19.94 -11.57 64.67
CA ALA D 134 19.41 -10.22 64.78
C ALA D 134 18.43 -10.09 65.94
N VAL D 135 17.88 -11.23 66.36
CA VAL D 135 16.88 -11.29 67.42
C VAL D 135 17.20 -12.51 68.29
N PRO D 136 16.74 -12.51 69.56
CA PRO D 136 17.08 -13.62 70.47
C PRO D 136 16.64 -14.98 69.94
N GLU D 137 15.49 -15.02 69.29
CA GLU D 137 14.95 -16.26 68.73
C GLU D 137 15.88 -16.88 67.69
N ALA D 138 16.83 -16.09 67.17
CA ALA D 138 17.76 -16.57 66.15
C ALA D 138 19.05 -17.15 66.73
N VAL D 139 19.25 -16.98 68.02
CA VAL D 139 20.48 -17.47 68.67
C VAL D 139 20.64 -18.99 68.57
N PRO D 140 19.58 -19.78 68.84
CA PRO D 140 19.75 -21.22 68.63
C PRO D 140 20.03 -21.58 67.16
N THR D 141 19.55 -20.76 66.24
CA THR D 141 19.79 -21.02 64.81
C THR D 141 21.26 -20.80 64.47
N LYS D 142 21.80 -19.67 64.90
CA LYS D 142 23.21 -19.36 64.75
C LYS D 142 24.07 -20.52 65.24
N ARG D 143 23.73 -21.08 66.40
CA ARG D 143 24.50 -22.16 66.99
C ARG D 143 24.38 -23.44 66.18
N LYS D 144 23.17 -23.76 65.75
CA LYS D 144 22.93 -24.94 64.93
C LYS D 144 23.71 -24.90 63.62
N TRP D 145 23.66 -23.75 62.96
CA TRP D 145 24.29 -23.61 61.64
C TRP D 145 25.81 -23.64 61.71
N GLU D 146 26.39 -22.92 62.66
CA GLU D 146 27.84 -22.93 62.84
C GLU D 146 28.34 -24.33 63.23
N GLU D 147 27.57 -25.02 64.05
CA GLU D 147 27.87 -26.39 64.45
C GLU D 147 27.86 -27.35 63.25
N GLU D 148 26.99 -27.09 62.28
CA GLU D 148 26.84 -28.00 61.15
C GLU D 148 27.64 -27.52 59.94
N SER D 149 28.59 -26.65 60.19
CA SER D 149 29.51 -26.14 59.17
C SER D 149 28.81 -25.46 57.99
N GLU D 150 27.71 -24.77 58.28
CA GLU D 150 27.08 -23.93 57.26
C GLU D 150 27.99 -22.83 56.70
N PRO D 151 28.83 -22.17 57.56
CA PRO D 151 29.65 -21.10 56.99
C PRO D 151 30.55 -21.52 55.84
N GLU D 152 31.14 -22.71 55.92
CA GLU D 152 32.00 -23.16 54.83
C GLU D 152 31.16 -23.51 53.60
N ARG D 153 29.96 -24.03 53.82
CA ARG D 153 29.08 -24.34 52.71
C ARG D 153 28.67 -23.06 51.98
N TRP D 154 28.38 -22.00 52.73
CA TRP D 154 27.93 -20.75 52.12
C TRP D 154 29.06 -19.87 51.61
N LYS D 155 30.22 -19.92 52.26
CA LYS D 155 31.41 -19.32 51.70
C LYS D 155 31.67 -19.90 50.31
N ASN D 156 31.60 -21.22 50.20
CA ASN D 156 31.84 -21.84 48.91
C ASN D 156 30.77 -21.47 47.88
N TYR D 157 29.50 -21.43 48.29
CA TYR D 157 28.45 -21.05 47.34
C TYR D 157 28.61 -19.60 46.88
N LEU D 158 28.81 -18.69 47.83
CA LEU D 158 28.79 -17.27 47.52
C LEU D 158 30.03 -16.84 46.75
N GLU D 159 31.15 -17.51 47.01
CA GLU D 159 32.43 -17.15 46.39
C GLU D 159 32.75 -17.95 45.12
N GLU D 160 32.22 -19.16 45.01
CA GLU D 160 32.49 -20.00 43.84
C GLU D 160 31.29 -20.17 42.92
N THR D 161 30.26 -20.85 43.42
CA THR D 161 29.09 -21.21 42.62
C THR D 161 28.32 -20.01 42.07
N CYS D 162 27.98 -19.08 42.95
CA CYS D 162 27.20 -17.90 42.59
C CYS D 162 27.93 -17.06 41.53
N VAL D 163 29.22 -16.82 41.77
CA VAL D 163 30.05 -16.02 40.89
C VAL D 163 30.21 -16.67 39.52
N GLU D 164 30.46 -17.97 39.52
CA GLU D 164 30.56 -18.75 38.30
C GLU D 164 29.30 -18.62 37.44
N TRP D 165 28.13 -18.84 38.04
CA TRP D 165 26.90 -18.77 37.27
C TRP D 165 26.56 -17.35 36.83
N LEU D 166 26.84 -16.37 37.68
CA LEU D 166 26.59 -14.98 37.31
C LEU D 166 27.42 -14.59 36.09
N ARG D 167 28.69 -15.01 36.07
CA ARG D 167 29.53 -14.72 34.91
C ARG D 167 28.90 -15.33 33.66
N ARG D 168 28.41 -16.57 33.80
CA ARG D 168 27.70 -17.24 32.71
C ARG D 168 26.46 -16.48 32.24
N TYR D 169 25.62 -16.08 33.20
CA TYR D 169 24.37 -15.39 32.87
C TYR D 169 24.59 -14.07 32.16
N VAL D 170 25.58 -13.31 32.62
CA VAL D 170 25.90 -12.01 32.03
C VAL D 170 26.31 -12.17 30.57
N GLU D 171 26.98 -13.29 30.27
CA GLU D 171 27.35 -13.60 28.89
C GLU D 171 26.11 -14.00 28.07
N TYR D 172 25.25 -14.85 28.64
CA TYR D 172 23.99 -15.23 27.98
C TYR D 172 23.14 -14.02 27.59
N GLY D 173 22.96 -13.09 28.53
CA GLY D 173 22.07 -11.97 28.33
C GLY D 173 22.78 -10.65 28.04
N LYS D 174 24.01 -10.74 27.58
CA LYS D 174 24.85 -9.57 27.34
C LYS D 174 24.15 -8.45 26.55
N ALA D 175 23.58 -8.79 25.40
CA ALA D 175 22.94 -7.78 24.56
C ALA D 175 21.71 -7.20 25.24
N GLU D 176 20.92 -8.07 25.87
CA GLU D 176 19.70 -7.64 26.53
C GLU D 176 20.01 -6.74 27.73
N LEU D 177 20.97 -7.13 28.55
CA LEU D 177 21.31 -6.35 29.75
C LEU D 177 21.88 -4.99 29.40
N GLY D 178 22.60 -4.91 28.28
CA GLY D 178 23.23 -3.67 27.88
C GLY D 178 22.36 -2.82 26.98
N ARG D 179 21.12 -3.23 26.77
CA ARG D 179 20.26 -2.52 25.82
C ARG D 179 19.91 -1.15 26.35
N ARG D 180 19.48 -0.27 25.46
CA ARG D 180 18.97 1.03 25.87
C ARG D 180 17.57 1.23 25.30
N GLU D 181 16.64 1.67 26.13
CA GLU D 181 15.31 2.05 25.63
C GLU D 181 15.01 3.49 26.07
N ARG D 182 14.68 4.34 25.11
CA ARG D 182 14.48 5.77 25.38
C ARG D 182 13.10 6.11 25.92
N PRO D 183 13.05 6.87 27.03
CA PRO D 183 11.75 7.25 27.59
C PRO D 183 11.01 8.24 26.70
N GLU D 184 9.69 8.11 26.66
CA GLU D 184 8.83 9.18 26.16
C GLU D 184 8.47 10.06 27.37
N VAL D 185 8.60 11.37 27.23
CA VAL D 185 8.41 12.27 28.37
C VAL D 185 7.20 13.19 28.20
N ARG D 186 6.40 13.31 29.25
CA ARG D 186 5.29 14.27 29.22
C ARG D 186 5.25 15.13 30.46
N VAL D 187 5.13 16.44 30.24
CA VAL D 187 4.88 17.37 31.32
C VAL D 187 3.39 17.69 31.36
N TRP D 188 2.82 17.71 32.55
CA TRP D 188 1.41 18.02 32.72
C TRP D 188 1.29 18.90 33.96
N GLY D 189 0.18 19.62 34.07
CA GLY D 189 -0.03 20.50 35.20
C GLY D 189 -1.49 20.54 35.60
N LYS D 190 -1.73 20.56 36.90
CA LYS D 190 -3.08 20.73 37.45
C LYS D 190 -3.05 21.80 38.55
N GLU D 191 -4.04 22.70 38.53
CA GLU D 191 -4.15 23.71 39.57
C GLU D 191 -5.15 23.32 40.64
N ALA D 192 -4.75 23.48 41.89
CA ALA D 192 -5.61 23.18 43.02
C ALA D 192 -5.30 24.14 44.16
N ASP D 193 -6.35 24.73 44.74
CA ASP D 193 -6.20 25.59 45.91
C ASP D 193 -5.09 26.62 45.74
N GLY D 194 -5.06 27.28 44.60
CA GLY D 194 -4.05 28.30 44.34
C GLY D 194 -2.64 27.75 44.18
N ILE D 195 -2.52 26.44 44.08
CA ILE D 195 -1.22 25.81 43.86
C ILE D 195 -1.21 25.07 42.52
N LEU D 196 -0.27 25.42 41.67
CA LEU D 196 -0.09 24.74 40.40
C LEU D 196 0.94 23.62 40.58
N THR D 197 0.48 22.38 40.50
CA THR D 197 1.36 21.23 40.67
C THR D 197 1.77 20.74 39.31
N LEU D 198 3.06 20.88 38.99
CA LEU D 198 3.58 20.46 37.71
C LEU D 198 4.09 19.03 37.81
N SER D 199 3.83 18.25 36.77
CA SER D 199 4.22 16.85 36.76
C SER D 199 5.10 16.56 35.56
N CYS D 200 6.18 15.82 35.78
CA CYS D 200 6.99 15.32 34.68
C CYS D 200 7.11 13.80 34.79
N ARG D 201 6.77 13.08 33.71
CA ARG D 201 6.84 11.63 33.72
C ARG D 201 7.68 11.11 32.58
N ALA D 202 8.65 10.26 32.92
CA ALA D 202 9.44 9.57 31.91
C ALA D 202 8.89 8.14 31.78
N HIS D 203 8.33 7.85 30.62
CA HIS D 203 7.69 6.59 30.31
C HIS D 203 8.57 5.64 29.50
N GLY D 204 8.91 4.50 30.08
CA GLY D 204 9.42 3.38 29.32
C GLY D 204 10.93 3.34 29.11
N PHE D 205 11.70 3.72 30.11
CA PHE D 205 13.16 3.72 29.95
C PHE D 205 13.83 2.44 30.44
N TYR D 206 15.02 2.17 29.91
CA TYR D 206 15.90 1.09 30.36
C TYR D 206 17.29 1.48 29.90
N PRO D 207 18.31 1.33 30.76
CA PRO D 207 18.29 0.71 32.09
C PRO D 207 17.67 1.59 33.17
N ARG D 208 17.61 1.03 34.38
CA ARG D 208 16.90 1.64 35.50
C ARG D 208 17.39 3.02 35.96
N PRO D 209 18.72 3.25 36.03
CA PRO D 209 19.14 4.56 36.56
C PRO D 209 18.72 5.73 35.67
N ILE D 210 18.22 6.76 36.32
CA ILE D 210 17.76 7.94 35.61
C ILE D 210 17.78 9.10 36.59
N VAL D 211 17.81 10.32 36.09
CA VAL D 211 17.49 11.46 36.95
C VAL D 211 16.50 12.33 36.21
N VAL D 212 15.37 12.57 36.86
CA VAL D 212 14.38 13.50 36.35
C VAL D 212 14.30 14.62 37.38
N SER D 213 14.58 15.84 36.96
CA SER D 213 14.59 16.99 37.87
C SER D 213 13.91 18.21 37.25
N TRP D 214 13.62 19.20 38.09
CA TRP D 214 12.96 20.42 37.66
C TRP D 214 13.92 21.61 37.63
N LEU D 215 13.94 22.32 36.50
CA LEU D 215 14.63 23.59 36.42
C LEU D 215 13.64 24.73 36.51
N LYS D 216 13.97 25.76 37.27
CA LYS D 216 13.20 27.01 37.21
C LYS D 216 14.10 28.10 36.66
N ASP D 217 13.69 28.71 35.55
CA ASP D 217 14.49 29.73 34.87
C ASP D 217 15.92 29.23 34.61
N GLY D 218 16.05 27.94 34.32
CA GLY D 218 17.35 27.36 34.03
C GLY D 218 18.19 26.88 35.22
N ALA D 219 17.71 27.10 36.44
CA ALA D 219 18.46 26.66 37.63
C ALA D 219 17.88 25.38 38.24
N VAL D 220 18.74 24.44 38.60
CA VAL D 220 18.27 23.19 39.22
C VAL D 220 17.50 23.49 40.50
N ARG D 221 16.19 23.32 40.44
CA ARG D 221 15.31 23.74 41.52
C ARG D 221 14.57 22.57 42.18
N GLY D 222 15.10 22.10 43.30
CA GLY D 222 14.55 20.92 43.92
C GLY D 222 13.88 21.14 45.26
N GLN D 223 13.37 22.34 45.50
CA GLN D 223 12.84 22.70 46.80
C GLN D 223 11.58 21.89 47.15
N ASP D 224 10.46 22.19 46.49
CA ASP D 224 9.29 21.33 46.59
C ASP D 224 9.30 20.28 45.49
N ALA D 225 10.48 19.77 45.15
CA ALA D 225 10.60 18.72 44.14
C ALA D 225 10.29 17.34 44.74
N HIS D 226 9.33 16.63 44.16
CA HIS D 226 8.81 15.42 44.79
C HIS D 226 8.82 14.23 43.82
N SER D 227 9.55 13.17 44.14
CA SER D 227 9.67 12.01 43.25
C SER D 227 8.97 10.75 43.73
N GLY D 228 8.32 10.04 42.82
CA GLY D 228 7.68 8.78 43.13
C GLY D 228 8.63 7.62 42.96
N GLY D 229 9.90 7.92 42.74
CA GLY D 229 10.91 6.89 42.55
C GLY D 229 10.75 6.18 41.23
N ILE D 230 11.53 5.12 41.03
CA ILE D 230 11.47 4.39 39.77
C ILE D 230 10.57 3.17 39.93
N VAL D 231 9.57 3.05 39.07
CA VAL D 231 8.60 1.97 39.17
C VAL D 231 8.53 1.19 37.86
N PRO D 232 8.16 -0.10 37.91
CA PRO D 232 8.21 -0.95 36.71
C PRO D 232 6.98 -0.88 35.80
N ASN D 233 7.22 -1.04 34.50
CA ASN D 233 6.14 -1.30 33.56
C ASN D 233 5.98 -2.81 33.41
N GLY D 234 4.97 -3.25 32.68
CA GLY D 234 4.79 -4.68 32.48
C GLY D 234 5.78 -5.33 31.52
N ASP D 235 6.50 -4.51 30.75
CA ASP D 235 7.34 -5.01 29.66
C ASP D 235 8.85 -4.92 29.91
N GLY D 236 9.24 -4.74 31.17
CA GLY D 236 10.65 -4.74 31.51
C GLY D 236 11.30 -3.37 31.41
N THR D 237 10.52 -2.35 31.09
CA THR D 237 11.03 -0.98 31.13
C THR D 237 10.57 -0.32 32.41
N TYR D 238 10.98 0.92 32.64
CA TYR D 238 10.63 1.59 33.90
C TYR D 238 9.93 2.91 33.69
N HIS D 239 9.44 3.46 34.79
CA HIS D 239 8.64 4.67 34.78
C HIS D 239 9.09 5.49 35.95
N THR D 240 9.00 6.81 35.84
CA THR D 240 9.17 7.64 37.03
C THR D 240 8.45 8.97 36.84
N TRP D 241 8.01 9.50 37.98
CA TRP D 241 7.10 10.62 38.05
C TRP D 241 7.64 11.60 39.10
N VAL D 242 7.84 12.85 38.70
CA VAL D 242 8.36 13.88 39.59
C VAL D 242 7.51 15.13 39.53
N THR D 243 7.12 15.65 40.68
CA THR D 243 6.29 16.86 40.71
C THR D 243 7.00 18.01 41.39
N ILE D 244 6.49 19.20 41.18
CA ILE D 244 6.96 20.36 41.91
C ILE D 244 5.80 21.35 42.05
N ASP D 245 5.68 21.96 43.21
CA ASP D 245 4.60 22.93 43.45
C ASP D 245 5.03 24.32 43.00
N ALA D 246 4.19 24.97 42.20
CA ALA D 246 4.48 26.33 41.74
C ALA D 246 3.28 27.25 41.92
N GLN D 247 3.47 28.52 41.59
CA GLN D 247 2.38 29.48 41.57
C GLN D 247 1.65 29.42 40.23
N PRO D 248 0.33 29.66 40.25
CA PRO D 248 -0.41 29.81 38.99
C PRO D 248 0.24 30.86 38.11
N GLY D 249 0.41 30.54 36.82
CA GLY D 249 1.02 31.45 35.87
C GLY D 249 2.51 31.25 35.69
N ASP D 250 3.12 30.45 36.56
CA ASP D 250 4.56 30.25 36.52
C ASP D 250 4.99 29.07 35.64
N GLY D 251 4.03 28.45 34.97
CA GLY D 251 4.26 27.27 34.16
C GLY D 251 5.41 27.38 33.16
N ASP D 252 5.51 28.52 32.49
CA ASP D 252 6.52 28.73 31.46
C ASP D 252 7.93 28.95 32.03
N LYS D 253 8.04 29.07 33.35
CA LYS D 253 9.35 29.26 33.99
C LYS D 253 10.03 27.94 34.36
N TYR D 254 9.31 26.82 34.20
CA TYR D 254 9.82 25.52 34.61
C TYR D 254 10.10 24.60 33.42
N GLN D 255 11.21 23.87 33.52
CA GLN D 255 11.50 22.81 32.56
C GLN D 255 11.79 21.53 33.31
N CYS D 256 11.27 20.43 32.79
CA CYS D 256 11.65 19.11 33.26
C CYS D 256 12.90 18.67 32.54
N ARG D 257 13.91 18.26 33.30
CA ARG D 257 15.16 17.77 32.74
C ARG D 257 15.31 16.27 32.95
N VAL D 258 15.64 15.54 31.89
CA VAL D 258 15.75 14.08 31.96
C VAL D 258 17.13 13.65 31.51
N GLU D 259 17.86 12.97 32.39
CA GLU D 259 19.18 12.45 32.05
C GLU D 259 19.18 10.94 32.19
N HIS D 260 19.51 10.25 31.10
CA HIS D 260 19.42 8.80 31.02
C HIS D 260 20.43 8.31 29.99
N ALA D 261 20.87 7.07 30.12
CA ALA D 261 21.87 6.51 29.21
C ALA D 261 21.40 6.48 27.75
N SER D 262 20.09 6.44 27.54
CA SER D 262 19.53 6.42 26.18
C SER D 262 19.54 7.79 25.48
N LEU D 263 19.85 8.83 26.24
CA LEU D 263 19.85 10.21 25.73
C LEU D 263 21.24 10.81 25.78
N PRO D 264 21.86 11.00 24.61
CA PRO D 264 23.23 11.55 24.47
C PRO D 264 23.37 12.91 25.16
N GLN D 265 22.35 13.76 25.04
CA GLN D 265 22.33 14.97 25.85
C GLN D 265 21.03 15.00 26.65
N PRO D 266 21.02 15.73 27.78
CA PRO D 266 19.81 15.80 28.62
C PRO D 266 18.60 16.27 27.82
N GLY D 267 17.45 15.65 28.05
CA GLY D 267 16.22 16.12 27.45
C GLY D 267 15.60 17.20 28.30
N LEU D 268 15.14 18.27 27.65
CA LEU D 268 14.45 19.33 28.36
C LEU D 268 13.04 19.48 27.80
N TYR D 269 12.05 19.47 28.69
CA TYR D 269 10.67 19.48 28.27
C TYR D 269 9.90 20.54 29.04
N SER D 270 8.94 21.16 28.35
CA SER D 270 8.08 22.17 28.95
C SER D 270 6.62 21.73 28.84
N TRP D 271 5.76 22.35 29.63
CA TRP D 271 4.33 22.08 29.58
C TRP D 271 3.70 22.64 28.30
N ASP E 1 5.67 1.90 59.56
CA ASP E 1 4.66 2.12 58.53
C ASP E 1 4.83 1.10 57.40
N LEU E 2 3.96 0.12 57.40
CA LEU E 2 4.04 -0.98 56.44
C LEU E 2 2.82 -1.01 55.52
N THR E 3 2.20 0.14 55.34
CA THR E 3 1.07 0.29 54.42
C THR E 3 1.56 0.31 52.97
N PRO E 4 0.70 -0.10 52.03
CA PRO E 4 1.13 -0.06 50.62
C PRO E 4 1.31 1.36 50.15
N LYS E 5 2.41 1.66 49.46
CA LYS E 5 2.56 2.91 48.74
C LYS E 5 2.21 2.64 47.29
N VAL E 6 1.23 3.37 46.77
CA VAL E 6 0.59 3.01 45.49
C VAL E 6 0.73 4.12 44.46
N GLN E 7 1.01 3.73 43.22
CA GLN E 7 1.05 4.65 42.09
C GLN E 7 0.33 4.05 40.88
N VAL E 8 -0.42 4.88 40.17
CA VAL E 8 -1.15 4.45 38.97
C VAL E 8 -0.69 5.27 37.77
N TYR E 9 -0.31 4.58 36.70
CA TYR E 9 0.32 5.20 35.54
C TYR E 9 0.13 4.30 34.32
N SER E 10 0.31 4.86 33.12
CA SER E 10 0.18 4.06 31.91
C SER E 10 1.56 3.80 31.29
N ARG E 11 1.66 2.72 30.51
CA ARG E 11 2.92 2.37 29.86
C ARG E 11 3.42 3.53 29.01
N PHE E 12 2.51 4.06 28.18
CA PHE E 12 2.81 5.19 27.30
C PHE E 12 2.08 6.43 27.77
N PRO E 13 2.63 7.63 27.50
CA PRO E 13 1.85 8.86 27.71
C PRO E 13 0.53 8.70 26.95
N ALA E 14 -0.59 8.82 27.65
CA ALA E 14 -1.86 8.45 27.07
C ALA E 14 -2.30 9.39 25.95
N SER E 15 -2.95 8.81 24.94
CA SER E 15 -3.47 9.55 23.80
C SER E 15 -4.81 8.96 23.36
N ALA E 16 -5.64 9.80 22.76
CA ALA E 16 -6.97 9.40 22.31
C ALA E 16 -6.91 8.22 21.35
N GLY E 17 -7.74 7.22 21.62
CA GLY E 17 -7.91 6.06 20.76
C GLY E 17 -6.68 5.22 20.52
N THR E 18 -5.66 5.37 21.37
CA THR E 18 -4.38 4.68 21.18
C THR E 18 -4.17 3.59 22.22
N LYS E 19 -3.92 2.36 21.77
CA LYS E 19 -3.67 1.23 22.68
C LYS E 19 -2.56 1.52 23.69
N ASN E 20 -2.76 1.06 24.91
CA ASN E 20 -1.85 1.39 26.01
C ASN E 20 -1.88 0.25 27.03
N VAL E 21 -1.21 0.45 28.16
CA VAL E 21 -1.29 -0.50 29.25
C VAL E 21 -1.47 0.29 30.54
N LEU E 22 -2.45 -0.10 31.36
CA LEU E 22 -2.67 0.58 32.63
C LEU E 22 -1.92 -0.16 33.74
N ASN E 23 -1.11 0.57 34.52
CA ASN E 23 -0.34 -0.04 35.60
C ASN E 23 -0.76 0.41 36.98
N CYS E 24 -0.83 -0.52 37.92
CA CYS E 24 -0.96 -0.16 39.32
C CYS E 24 0.11 -0.86 40.15
N PHE E 25 0.95 -0.07 40.79
CA PHE E 25 2.11 -0.59 41.51
C PHE E 25 2.03 -0.27 42.98
N ALA E 26 2.12 -1.30 43.82
CA ALA E 26 2.14 -1.13 45.29
C ALA E 26 3.45 -1.63 45.86
N ALA E 27 4.01 -0.90 46.81
CA ALA E 27 5.25 -1.34 47.44
C ALA E 27 5.34 -0.88 48.89
N GLY E 28 6.35 -1.39 49.59
CA GLY E 28 6.62 -1.01 50.97
C GLY E 28 5.71 -1.68 51.99
N PHE E 29 4.99 -2.75 51.61
CA PHE E 29 4.00 -3.30 52.53
C PHE E 29 4.35 -4.67 53.14
N HIS E 30 3.81 -4.91 54.33
CA HIS E 30 3.86 -6.19 55.06
C HIS E 30 2.51 -6.33 55.76
N PRO E 31 1.95 -7.54 55.83
CA PRO E 31 2.25 -8.86 55.24
C PRO E 31 2.09 -8.86 53.72
N PRO E 32 2.55 -9.93 53.03
CA PRO E 32 2.51 -9.94 51.57
C PRO E 32 1.10 -10.07 50.99
N LYS E 33 0.12 -10.56 51.76
CA LYS E 33 -1.23 -10.67 51.21
C LYS E 33 -1.75 -9.27 50.92
N ILE E 34 -2.22 -9.06 49.70
CA ILE E 34 -2.73 -7.76 49.28
C ILE E 34 -3.74 -7.95 48.16
N SER E 35 -4.74 -7.09 48.11
CA SER E 35 -5.72 -7.14 47.04
C SER E 35 -5.64 -5.87 46.20
N ILE E 36 -5.30 -6.03 44.92
CA ILE E 36 -5.12 -4.91 44.00
C ILE E 36 -5.96 -5.10 42.75
N THR E 37 -6.89 -4.16 42.51
CA THR E 37 -7.85 -4.28 41.42
C THR E 37 -7.82 -3.05 40.51
N LEU E 38 -7.60 -3.28 39.22
CA LEU E 38 -7.72 -2.23 38.23
C LEU E 38 -9.18 -2.08 37.83
N MET E 39 -9.67 -0.85 37.81
CA MET E 39 -11.08 -0.61 37.50
C MET E 39 -11.29 0.44 36.43
N LYS E 40 -12.30 0.19 35.61
CA LYS E 40 -12.81 1.18 34.68
C LYS E 40 -14.21 1.52 35.13
N ASP E 41 -14.44 2.78 35.48
CA ASP E 41 -15.75 3.21 35.97
C ASP E 41 -16.27 2.29 37.09
N GLY E 42 -15.39 1.89 38.00
CA GLY E 42 -15.81 1.09 39.15
C GLY E 42 -15.91 -0.40 38.86
N VAL E 43 -15.68 -0.78 37.61
CA VAL E 43 -15.79 -2.18 37.21
C VAL E 43 -14.40 -2.78 36.96
N PRO E 44 -14.10 -3.93 37.59
CA PRO E 44 -12.78 -4.57 37.44
C PRO E 44 -12.45 -4.80 35.96
N MET E 45 -11.25 -4.39 35.55
CA MET E 45 -10.85 -4.50 34.15
C MET E 45 -10.53 -5.94 33.81
N GLU E 46 -10.90 -6.36 32.60
CA GLU E 46 -10.63 -7.74 32.17
C GLU E 46 -9.21 -7.85 31.64
N GLY E 47 -8.59 -9.01 31.85
CA GLY E 47 -7.29 -9.28 31.29
C GLY E 47 -6.10 -8.81 32.12
N ALA E 48 -6.34 -8.48 33.38
CA ALA E 48 -5.28 -7.99 34.25
C ALA E 48 -4.20 -9.05 34.48
N GLN E 49 -2.94 -8.61 34.52
CA GLN E 49 -1.82 -9.48 34.89
C GLN E 49 -1.28 -9.10 36.26
N TYR E 50 -0.92 -10.08 37.09
CA TYR E 50 -0.41 -9.81 38.44
C TYR E 50 1.00 -10.36 38.60
N SER E 51 1.94 -9.50 39.00
CA SER E 51 3.34 -9.92 39.16
C SER E 51 3.47 -10.99 40.24
N ASP E 52 4.45 -11.88 40.13
CA ASP E 52 4.67 -12.87 41.16
C ASP E 52 5.33 -12.24 42.38
N MET E 53 5.12 -12.85 43.55
CA MET E 53 5.59 -12.28 44.81
C MET E 53 7.05 -11.88 44.73
N SER E 54 7.34 -10.66 45.16
CA SER E 54 8.70 -10.15 45.16
C SER E 54 8.83 -9.14 46.29
N PHE E 55 10.06 -8.97 46.79
CA PHE E 55 10.29 -8.00 47.84
C PHE E 55 11.65 -7.34 47.66
N ASN E 56 11.87 -6.25 48.39
CA ASN E 56 13.05 -5.44 48.17
C ASN E 56 14.05 -5.55 49.31
N ASP E 57 15.12 -4.75 49.27
CA ASP E 57 16.22 -4.82 50.23
C ASP E 57 15.79 -4.79 51.70
N ASP E 58 14.74 -4.06 51.98
CA ASP E 58 14.30 -3.87 53.36
C ASP E 58 13.21 -4.87 53.74
N TRP E 59 13.09 -5.91 52.91
CA TRP E 59 12.16 -7.03 53.12
C TRP E 59 10.70 -6.70 52.80
N THR E 60 10.36 -5.45 52.52
CA THR E 60 8.96 -5.13 52.27
C THR E 60 8.55 -5.58 50.87
N PHE E 61 7.28 -5.93 50.71
CA PHE E 61 6.81 -6.52 49.46
C PHE E 61 6.36 -5.49 48.44
N GLN E 62 6.30 -5.91 47.18
CA GLN E 62 5.82 -5.05 46.10
C GLN E 62 5.06 -5.89 45.07
N ARG E 63 4.17 -5.26 44.33
CA ARG E 63 3.41 -5.97 43.31
C ARG E 63 2.95 -5.01 42.25
N LEU E 64 3.09 -5.44 41.00
CA LEU E 64 2.60 -4.70 39.86
C LEU E 64 1.40 -5.42 39.27
N VAL E 65 0.34 -4.67 39.02
CA VAL E 65 -0.80 -5.20 38.27
C VAL E 65 -0.95 -4.36 37.01
N HIS E 66 -1.12 -5.02 35.87
CA HIS E 66 -1.24 -4.29 34.61
C HIS E 66 -2.22 -4.95 33.65
N ALA E 67 -2.85 -4.12 32.84
CA ALA E 67 -3.83 -4.59 31.86
C ALA E 67 -3.78 -3.73 30.60
N ASP E 68 -3.82 -4.38 29.43
CA ASP E 68 -4.03 -3.66 28.17
C ASP E 68 -5.34 -2.91 28.22
N PHE E 69 -5.34 -1.69 27.69
CA PHE E 69 -6.57 -0.92 27.57
C PHE E 69 -6.37 0.16 26.52
N THR E 70 -7.49 0.66 26.00
CA THR E 70 -7.46 1.87 25.20
C THR E 70 -8.22 2.89 26.02
N PRO E 71 -7.50 3.95 26.48
CA PRO E 71 -8.13 4.91 27.39
C PRO E 71 -9.19 5.75 26.69
N SER E 72 -10.39 5.70 27.24
CA SER E 72 -11.50 6.50 26.75
C SER E 72 -11.62 7.81 27.53
N SER E 73 -11.89 8.88 26.81
CA SER E 73 -12.05 10.21 27.39
C SER E 73 -13.16 10.27 28.45
N GLY E 74 -14.24 9.53 28.23
CA GLY E 74 -15.38 9.59 29.13
C GLY E 74 -15.36 8.62 30.29
N SER E 75 -14.20 8.02 30.57
CA SER E 75 -14.10 7.02 31.62
C SER E 75 -13.13 7.39 32.73
N THR E 76 -13.39 6.88 33.92
CA THR E 76 -12.48 7.02 35.06
C THR E 76 -11.80 5.70 35.35
N TYR E 77 -10.47 5.70 35.32
CA TYR E 77 -9.70 4.49 35.59
C TYR E 77 -9.07 4.61 36.95
N ALA E 78 -9.04 3.52 37.70
CA ALA E 78 -8.53 3.60 39.07
C ALA E 78 -7.99 2.27 39.51
N CYS E 79 -7.29 2.32 40.63
CA CYS E 79 -6.76 1.13 41.25
C CYS E 79 -7.30 1.07 42.67
N LYS E 80 -7.94 -0.04 43.02
CA LYS E 80 -8.44 -0.24 44.37
C LYS E 80 -7.51 -1.16 45.13
N VAL E 81 -7.06 -0.73 46.29
CA VAL E 81 -6.12 -1.50 47.09
C VAL E 81 -6.66 -1.79 48.49
N GLU E 82 -6.63 -3.06 48.86
CA GLU E 82 -7.05 -3.48 50.19
C GLU E 82 -5.93 -4.25 50.88
N HIS E 83 -5.64 -3.87 52.12
CA HIS E 83 -4.54 -4.48 52.86
C HIS E 83 -4.85 -4.43 54.36
N GLU E 84 -4.36 -5.42 55.11
CA GLU E 84 -4.58 -5.53 56.56
C GLU E 84 -4.22 -4.28 57.36
N THR E 85 -3.25 -3.52 56.87
CA THR E 85 -2.80 -2.31 57.57
C THR E 85 -3.74 -1.14 57.32
N LEU E 86 -4.73 -1.35 56.48
CA LEU E 86 -5.69 -0.29 56.15
C LEU E 86 -7.06 -0.67 56.68
N LYS E 87 -7.76 0.31 57.25
CA LYS E 87 -9.10 0.08 57.77
C LYS E 87 -10.11 -0.02 56.62
N GLU E 88 -9.96 0.85 55.63
CA GLU E 88 -10.85 0.88 54.47
C GLU E 88 -10.05 0.71 53.17
N PRO E 89 -10.71 0.20 52.10
CA PRO E 89 -10.02 0.12 50.81
C PRO E 89 -9.63 1.49 50.28
N GLN E 90 -8.45 1.58 49.65
CA GLN E 90 -7.98 2.83 49.09
C GLN E 90 -8.08 2.85 47.56
N VAL E 91 -8.65 3.92 47.01
CA VAL E 91 -8.84 4.05 45.57
C VAL E 91 -7.91 5.11 44.98
N TYR E 92 -7.07 4.71 44.04
CA TYR E 92 -6.13 5.63 43.42
C TYR E 92 -6.53 5.89 41.97
N LYS E 93 -6.84 7.15 41.65
CA LYS E 93 -7.33 7.50 40.31
C LYS E 93 -6.17 7.73 39.37
N TRP E 94 -6.29 7.22 38.15
CA TRP E 94 -5.31 7.48 37.10
C TRP E 94 -5.59 8.82 36.42
N ASP E 95 -4.54 9.61 36.26
CA ASP E 95 -4.65 10.87 35.52
C ASP E 95 -4.19 10.64 34.08
N PRO E 96 -5.12 10.71 33.11
CA PRO E 96 -4.76 10.45 31.72
C PRO E 96 -3.72 11.43 31.19
N GLU E 97 -3.71 12.64 31.75
CA GLU E 97 -2.82 13.71 31.31
C GLU E 97 -3.01 14.01 29.81
N PHE E 98 -4.24 13.85 29.33
CA PHE E 98 -4.68 14.42 28.06
C PHE E 98 -6.19 14.64 28.12
N LEU F 1 22.42 -20.32 39.42
CA LEU F 1 21.88 -21.47 40.14
C LEU F 1 21.61 -21.13 41.59
N PRO F 2 20.38 -21.40 42.04
CA PRO F 2 20.00 -21.16 43.44
C PRO F 2 20.63 -22.18 44.39
N ALA F 3 20.57 -21.89 45.69
CA ALA F 3 21.12 -22.79 46.70
C ALA F 3 20.00 -23.35 47.57
N CYS F 4 20.31 -24.41 48.31
CA CYS F 4 19.37 -24.93 49.30
C CYS F 4 19.53 -24.10 50.57
N VAL F 5 18.45 -23.57 51.10
CA VAL F 5 18.52 -22.92 52.39
C VAL F 5 18.57 -24.02 53.45
N LEU F 6 18.49 -23.68 54.73
CA LEU F 6 18.49 -24.73 55.74
C LEU F 6 17.39 -24.54 56.78
N GLU F 7 17.06 -25.63 57.47
CA GLU F 7 16.17 -25.61 58.62
C GLU F 7 16.76 -24.77 59.74
N VAL F 8 15.93 -23.90 60.29
CA VAL F 8 16.36 -23.00 61.34
C VAL F 8 16.54 -23.74 62.67
N MET G 1 -11.48 10.37 8.01
CA MET G 1 -10.26 10.85 7.35
C MET G 1 -10.44 12.30 6.90
N GLU G 2 -9.39 13.09 7.09
CA GLU G 2 -9.46 14.52 6.80
C GLU G 2 -9.03 14.83 5.36
N LEU G 3 -10.01 15.20 4.54
CA LEU G 3 -9.78 15.48 3.12
C LEU G 3 -9.88 16.97 2.87
N HIS G 4 -8.94 17.52 2.12
CA HIS G 4 -9.03 18.91 1.69
C HIS G 4 -8.66 19.05 0.22
N THR G 5 -9.17 20.11 -0.40
CA THR G 5 -8.91 20.36 -1.82
C THR G 5 -8.52 21.82 -2.05
N LEU G 6 -7.61 22.03 -2.98
CA LEU G 6 -7.28 23.37 -3.46
C LEU G 6 -7.50 23.37 -4.96
N ARG G 7 -8.34 24.29 -5.43
CA ARG G 7 -8.68 24.34 -6.85
C ARG G 7 -8.64 25.76 -7.38
N TYR G 8 -7.96 25.94 -8.51
CA TYR G 8 -7.94 27.21 -9.21
C TYR G 8 -8.60 27.03 -10.56
N ILE G 9 -9.51 27.93 -10.91
CA ILE G 9 -10.12 27.89 -12.24
C ILE G 9 -10.00 29.27 -12.86
N GLN G 10 -9.76 29.27 -14.16
CA GLN G 10 -9.35 30.48 -14.86
C GLN G 10 -10.10 30.53 -16.19
N THR G 11 -10.70 31.67 -16.50
CA THR G 11 -11.43 31.83 -17.74
C THR G 11 -10.93 33.03 -18.54
N ALA G 12 -10.71 32.83 -19.84
CA ALA G 12 -10.40 33.92 -20.76
C ALA G 12 -11.39 33.91 -21.92
N MET G 13 -12.11 35.01 -22.11
CA MET G 13 -13.20 35.07 -23.08
C MET G 13 -13.00 36.17 -24.13
N THR G 14 -13.43 35.93 -25.36
CA THR G 14 -13.47 36.98 -26.38
C THR G 14 -14.77 37.79 -26.30
N ASP G 15 -15.73 37.30 -25.52
CA ASP G 15 -17.06 37.93 -25.47
C ASP G 15 -17.76 37.63 -24.12
N PRO G 16 -17.30 38.26 -23.03
CA PRO G 16 -17.74 37.95 -21.66
C PRO G 16 -19.20 38.29 -21.22
N GLY G 17 -19.84 39.44 -21.51
CA GLY G 17 -19.34 40.52 -22.31
C GLY G 17 -19.67 41.88 -21.72
N PRO G 18 -20.91 42.35 -21.87
CA PRO G 18 -21.28 43.72 -21.47
C PRO G 18 -20.99 44.06 -20.00
N GLY G 19 -19.99 44.90 -19.80
CA GLY G 19 -19.55 45.28 -18.46
C GLY G 19 -18.76 44.19 -17.75
N GLN G 20 -18.66 43.04 -18.38
CA GLN G 20 -17.99 41.89 -17.78
C GLN G 20 -16.51 41.86 -18.14
N PRO G 21 -15.66 41.56 -17.15
CA PRO G 21 -14.23 41.37 -17.41
C PRO G 21 -14.00 40.15 -18.29
N TRP G 22 -13.04 40.24 -19.20
CA TRP G 22 -12.79 39.16 -20.14
C TRP G 22 -11.90 38.07 -19.54
N PHE G 23 -11.23 38.38 -18.44
CA PHE G 23 -10.32 37.42 -17.80
C PHE G 23 -10.61 37.32 -16.31
N VAL G 24 -10.83 36.10 -15.83
CA VAL G 24 -11.18 35.86 -14.43
C VAL G 24 -10.47 34.64 -13.86
N THR G 25 -9.85 34.77 -12.70
CA THR G 25 -9.33 33.62 -11.95
C THR G 25 -9.91 33.62 -10.55
N VAL G 26 -10.40 32.46 -10.11
CA VAL G 26 -10.87 32.32 -8.74
C VAL G 26 -10.29 31.04 -8.12
N GLY G 27 -9.99 31.09 -6.83
CA GLY G 27 -9.46 29.92 -6.13
C GLY G 27 -10.45 29.39 -5.11
N TYR G 28 -10.43 28.08 -4.88
CA TYR G 28 -11.33 27.41 -3.94
C TYR G 28 -10.59 26.49 -2.98
N VAL G 29 -10.91 26.60 -1.70
CA VAL G 29 -10.42 25.63 -0.72
C VAL G 29 -11.61 24.87 -0.15
N ASP G 30 -11.58 23.55 -0.29
CA ASP G 30 -12.69 22.68 0.08
C ASP G 30 -13.99 23.13 -0.58
N GLY G 31 -13.88 23.59 -1.81
CA GLY G 31 -15.04 24.02 -2.59
C GLY G 31 -15.56 25.39 -2.22
N GLU G 32 -14.85 26.10 -1.35
CA GLU G 32 -15.27 27.45 -0.95
C GLU G 32 -14.35 28.51 -1.58
N LEU G 33 -14.96 29.46 -2.26
CA LEU G 33 -14.23 30.54 -2.93
C LEU G 33 -13.47 31.40 -1.92
N PHE G 34 -12.15 31.54 -2.09
CA PHE G 34 -11.39 32.32 -1.12
C PHE G 34 -10.47 33.38 -1.75
N VAL G 35 -10.20 33.29 -3.05
CA VAL G 35 -9.44 34.33 -3.72
C VAL G 35 -10.00 34.58 -5.12
N HIS G 36 -9.83 35.82 -5.60
CA HIS G 36 -10.40 36.24 -6.88
C HIS G 36 -9.55 37.30 -7.59
N TYR G 37 -9.33 37.09 -8.88
CA TYR G 37 -8.67 38.06 -9.75
C TYR G 37 -9.48 38.25 -11.02
N ASN G 38 -9.62 39.49 -11.49
CA ASN G 38 -10.10 39.70 -12.86
C ASN G 38 -9.40 40.85 -13.56
N SER G 39 -9.62 40.97 -14.87
CA SER G 39 -8.87 41.91 -15.71
C SER G 39 -9.32 43.36 -15.58
N THR G 40 -10.32 43.62 -14.74
CA THR G 40 -10.75 45.00 -14.51
C THR G 40 -10.05 45.52 -13.26
N ALA G 41 -10.10 44.75 -12.18
CA ALA G 41 -9.48 45.15 -10.91
C ALA G 41 -7.96 45.01 -10.97
N ARG G 42 -7.48 44.08 -11.79
CA ARG G 42 -6.05 43.79 -11.92
C ARG G 42 -5.34 43.50 -10.59
N ARG G 43 -6.03 42.83 -9.67
CA ARG G 43 -5.42 42.44 -8.41
C ARG G 43 -6.21 41.33 -7.70
N TYR G 44 -5.49 40.48 -6.96
CA TYR G 44 -6.12 39.43 -6.18
C TYR G 44 -6.73 40.00 -4.91
N VAL G 45 -7.99 39.64 -4.65
CA VAL G 45 -8.68 40.07 -3.45
C VAL G 45 -9.17 38.87 -2.63
N PRO G 46 -9.19 39.01 -1.30
CA PRO G 46 -9.73 37.96 -0.42
C PRO G 46 -11.23 37.81 -0.59
N ARG G 47 -11.72 36.57 -0.48
CA ARG G 47 -13.14 36.31 -0.60
C ARG G 47 -13.69 35.61 0.64
N THR G 48 -12.81 35.25 1.58
CA THR G 48 -13.23 34.80 2.91
C THR G 48 -12.51 35.62 3.97
N GLU G 49 -13.09 35.65 5.17
CA GLU G 49 -12.52 36.46 6.24
C GLU G 49 -11.24 35.83 6.78
N TRP G 50 -11.16 34.50 6.76
CA TRP G 50 -9.98 33.84 7.31
C TRP G 50 -8.72 34.10 6.48
N ILE G 51 -8.86 34.17 5.15
CA ILE G 51 -7.68 34.37 4.31
C ILE G 51 -7.20 35.83 4.37
N ALA G 52 -8.12 36.76 4.59
CA ALA G 52 -7.79 38.18 4.64
C ALA G 52 -7.09 38.53 5.95
N ALA G 53 -7.31 37.71 6.97
CA ALA G 53 -6.77 38.00 8.29
C ALA G 53 -5.37 37.44 8.48
N LYS G 54 -5.10 36.27 7.91
CA LYS G 54 -3.86 35.55 8.22
C LYS G 54 -2.76 35.70 7.17
N ALA G 55 -2.99 36.51 6.15
CA ALA G 55 -2.00 36.72 5.10
C ALA G 55 -1.53 38.18 5.09
N ASP G 56 -0.23 38.39 4.89
CA ASP G 56 0.35 39.73 4.89
C ASP G 56 0.09 40.47 3.58
N GLN G 57 0.80 41.57 3.38
CA GLN G 57 0.66 42.35 2.15
C GLN G 57 1.56 41.78 1.05
N GLN G 58 2.64 41.12 1.44
CA GLN G 58 3.57 40.50 0.50
C GLN G 58 2.89 39.36 -0.27
N TYR G 59 1.97 38.68 0.39
CA TYR G 59 1.24 37.58 -0.20
C TYR G 59 0.31 38.08 -1.31
N TRP G 60 -0.43 39.15 -1.03
CA TRP G 60 -1.38 39.70 -2.00
C TRP G 60 -0.66 40.35 -3.18
N ASP G 61 0.44 41.04 -2.91
CA ASP G 61 1.21 41.68 -3.97
C ASP G 61 1.84 40.65 -4.89
N GLY G 62 2.43 39.63 -4.29
CA GLY G 62 3.07 38.57 -5.06
C GLY G 62 2.06 37.75 -5.84
N GLN G 63 0.85 37.64 -5.31
CA GLN G 63 -0.22 36.89 -5.97
C GLN G 63 -0.80 37.70 -7.13
N THR G 64 -1.04 38.99 -6.87
CA THR G 64 -1.48 39.92 -7.91
C THR G 64 -0.54 39.89 -9.12
N GLN G 65 0.76 39.71 -8.87
CA GLN G 65 1.74 39.59 -9.95
C GLN G 65 1.55 38.31 -10.77
N ILE G 66 1.21 37.21 -10.09
CA ILE G 66 0.87 35.96 -10.78
C ILE G 66 -0.39 36.17 -11.61
N GLY G 67 -1.35 36.89 -11.04
CA GLY G 67 -2.61 37.18 -11.70
C GLY G 67 -2.44 37.98 -12.97
N GLN G 68 -1.71 39.08 -12.90
CA GLN G 68 -1.50 39.94 -14.07
C GLN G 68 -0.71 39.19 -15.15
N GLY G 69 0.28 38.42 -14.71
CA GLY G 69 1.05 37.58 -15.62
C GLY G 69 0.17 36.58 -16.35
N ASN G 70 -0.68 35.89 -15.58
CA ASN G 70 -1.64 34.96 -16.16
C ASN G 70 -2.57 35.64 -17.15
N GLU G 71 -2.99 36.86 -16.84
CA GLU G 71 -3.85 37.61 -17.76
C GLU G 71 -3.14 37.92 -19.08
N GLN G 72 -1.85 38.25 -19.00
CA GLN G 72 -1.06 38.50 -20.19
C GLN G 72 -0.92 37.23 -21.05
N ILE G 73 -0.73 36.09 -20.39
CA ILE G 73 -0.53 34.82 -21.10
C ILE G 73 -1.78 34.35 -21.83
N ASP G 74 -2.94 34.47 -21.19
CA ASP G 74 -4.17 33.99 -21.82
C ASP G 74 -4.64 34.93 -22.92
N ARG G 75 -4.35 36.22 -22.78
CA ARG G 75 -4.66 37.17 -23.85
C ARG G 75 -3.98 36.69 -25.12
N GLU G 76 -2.73 36.24 -24.99
CA GLU G 76 -1.99 35.67 -26.12
C GLU G 76 -2.51 34.30 -26.55
N ASN G 77 -2.94 33.49 -25.58
CA ASN G 77 -3.47 32.17 -25.89
C ASN G 77 -4.72 32.24 -26.75
N LEU G 78 -5.56 33.23 -26.49
CA LEU G 78 -6.76 33.41 -27.30
C LEU G 78 -6.40 33.65 -28.75
N GLY G 79 -5.44 34.54 -28.97
CA GLY G 79 -4.96 34.85 -30.31
C GLY G 79 -4.30 33.68 -31.01
N ILE G 80 -3.47 32.94 -30.29
CA ILE G 80 -2.76 31.82 -30.89
C ILE G 80 -3.73 30.73 -31.34
N LEU G 81 -4.71 30.39 -30.49
CA LEU G 81 -5.67 29.35 -30.83
C LEU G 81 -6.64 29.74 -31.96
N GLN G 82 -7.12 30.99 -31.93
CA GLN G 82 -7.98 31.45 -33.01
C GLN G 82 -7.23 31.36 -34.35
N ARG G 83 -5.94 31.67 -34.33
CA ARG G 83 -5.09 31.54 -35.51
C ARG G 83 -4.92 30.09 -35.95
N ARG G 84 -4.58 29.21 -35.00
CA ARG G 84 -4.33 27.80 -35.29
C ARG G 84 -5.58 27.10 -35.84
N TYR G 85 -6.74 27.42 -35.29
CA TYR G 85 -7.99 26.84 -35.78
C TYR G 85 -8.46 27.54 -37.05
N ASN G 86 -7.91 28.72 -37.31
CA ASN G 86 -8.33 29.60 -38.41
C ASN G 86 -9.82 29.94 -38.42
N GLN G 87 -10.27 30.33 -37.24
CA GLN G 87 -11.61 30.86 -37.03
C GLN G 87 -11.56 32.37 -37.15
N THR G 88 -12.44 32.96 -37.95
CA THR G 88 -12.39 34.41 -38.19
C THR G 88 -12.62 35.17 -36.89
N GLY G 89 -13.89 35.37 -36.55
CA GLY G 89 -14.24 35.99 -35.28
C GLY G 89 -15.08 35.02 -34.47
N GLY G 90 -16.34 35.37 -34.26
CA GLY G 90 -17.22 34.54 -33.46
C GLY G 90 -16.82 34.62 -32.00
N SER G 91 -17.26 33.65 -31.21
CA SER G 91 -17.01 33.68 -29.78
C SER G 91 -16.11 32.51 -29.34
N HIS G 92 -15.09 32.80 -28.55
CA HIS G 92 -14.17 31.75 -28.10
C HIS G 92 -13.78 31.87 -26.63
N THR G 93 -13.38 30.74 -26.03
CA THR G 93 -12.97 30.73 -24.63
C THR G 93 -11.78 29.80 -24.37
N VAL G 94 -10.88 30.23 -23.49
CA VAL G 94 -9.89 29.36 -22.89
C VAL G 94 -10.23 29.17 -21.42
N GLN G 95 -10.19 27.92 -20.96
CA GLN G 95 -10.43 27.62 -19.56
C GLN G 95 -9.31 26.77 -18.98
N TRP G 96 -8.86 27.14 -17.78
CA TRP G 96 -7.91 26.32 -17.06
C TRP G 96 -8.52 25.84 -15.77
N MET G 97 -8.11 24.65 -15.33
CA MET G 97 -8.42 24.24 -13.98
C MET G 97 -7.33 23.31 -13.47
N TYR G 98 -6.80 23.66 -12.30
CA TYR G 98 -5.70 22.88 -11.74
C TYR G 98 -5.79 22.92 -10.22
N GLY G 99 -5.21 21.90 -9.58
CA GLY G 99 -5.18 21.87 -8.13
C GLY G 99 -4.70 20.56 -7.54
N CYS G 100 -4.80 20.46 -6.22
CA CYS G 100 -4.33 19.29 -5.50
C CYS G 100 -5.32 18.88 -4.40
N ASP G 101 -5.36 17.58 -4.11
CA ASP G 101 -6.18 17.06 -3.03
C ASP G 101 -5.26 16.37 -2.02
N ILE G 102 -5.44 16.68 -0.74
CA ILE G 102 -4.66 16.01 0.29
C ILE G 102 -5.56 15.20 1.22
N LEU G 103 -5.06 14.06 1.68
CA LEU G 103 -5.78 13.21 2.61
C LEU G 103 -4.86 12.90 3.79
N GLU G 104 -5.29 13.31 4.99
CA GLU G 104 -4.42 13.28 6.16
C GLU G 104 -3.09 13.98 5.85
N GLY G 105 -3.15 15.11 5.16
CA GLY G 105 -1.96 15.89 4.89
C GLY G 105 -1.13 15.46 3.68
N GLY G 106 -1.34 14.24 3.21
CA GLY G 106 -0.59 13.75 2.06
C GLY G 106 -1.39 13.87 0.77
N PRO G 107 -0.73 14.17 -0.34
CA PRO G 107 -1.42 14.35 -1.63
C PRO G 107 -1.96 13.04 -2.20
N ILE G 108 -3.17 13.08 -2.76
CA ILE G 108 -3.76 11.92 -3.40
C ILE G 108 -4.13 12.20 -4.85
N ARG G 109 -4.07 13.46 -5.25
CA ARG G 109 -4.04 13.79 -6.66
C ARG G 109 -3.64 15.23 -6.93
N GLY G 110 -3.33 15.48 -8.19
CA GLY G 110 -2.86 16.77 -8.65
C GLY G 110 -3.15 16.78 -10.12
N TYR G 111 -3.82 17.83 -10.57
CA TYR G 111 -4.32 17.88 -11.93
C TYR G 111 -4.08 19.26 -12.54
N TYR G 112 -4.01 19.30 -13.86
CA TYR G 112 -3.76 20.52 -14.60
C TYR G 112 -4.26 20.31 -16.02
N GLN G 113 -5.42 20.90 -16.32
CA GLN G 113 -6.02 20.72 -17.63
C GLN G 113 -6.52 22.04 -18.19
N MET G 114 -6.68 22.07 -19.50
CA MET G 114 -7.16 23.25 -20.19
C MET G 114 -8.22 22.86 -21.22
N ALA G 115 -9.18 23.74 -21.41
CA ALA G 115 -10.19 23.54 -22.45
C ALA G 115 -10.22 24.72 -23.40
N TYR G 116 -10.59 24.45 -24.65
CA TYR G 116 -10.83 25.51 -25.62
C TYR G 116 -12.24 25.35 -26.17
N ASP G 117 -12.96 26.47 -26.19
CA ASP G 117 -14.37 26.49 -26.59
C ASP G 117 -15.20 25.45 -25.82
N GLY G 118 -14.87 25.27 -24.53
CA GLY G 118 -15.65 24.43 -23.64
C GLY G 118 -15.44 22.95 -23.84
N ARG G 119 -14.39 22.59 -24.58
CA ARG G 119 -14.03 21.19 -24.84
C ARG G 119 -12.61 20.90 -24.38
N ASP G 120 -12.37 19.69 -23.89
CA ASP G 120 -11.02 19.25 -23.49
C ASP G 120 -9.98 19.62 -24.53
N PHE G 121 -8.87 20.19 -24.09
CA PHE G 121 -7.76 20.53 -25.00
C PHE G 121 -6.48 19.83 -24.59
N THR G 122 -6.00 20.12 -23.40
CA THR G 122 -4.79 19.48 -22.91
C THR G 122 -5.00 19.09 -21.45
N ALA G 123 -4.32 18.03 -21.02
CA ALA G 123 -4.38 17.60 -19.62
C ALA G 123 -3.03 17.04 -19.19
N PHE G 124 -2.57 17.43 -18.02
CA PHE G 124 -1.31 16.92 -17.48
C PHE G 124 -1.51 15.52 -16.92
N ASP G 125 -0.73 14.57 -17.39
CA ASP G 125 -0.71 13.25 -16.79
C ASP G 125 0.54 13.14 -15.94
N LYS G 126 0.39 13.31 -14.63
CA LYS G 126 1.56 13.36 -13.76
C LYS G 126 2.17 11.99 -13.54
N GLY G 127 1.37 10.94 -13.67
CA GLY G 127 1.85 9.58 -13.46
C GLY G 127 2.86 9.19 -14.51
N THR G 128 2.65 9.65 -15.74
CA THR G 128 3.56 9.34 -16.84
C THR G 128 4.42 10.54 -17.23
N MET G 129 4.24 11.65 -16.53
CA MET G 129 4.97 12.90 -16.76
C MET G 129 4.89 13.39 -18.21
N THR G 130 3.68 13.41 -18.74
CA THR G 130 3.46 13.82 -20.12
C THR G 130 2.18 14.65 -20.19
N PHE G 131 1.96 15.31 -21.32
CA PHE G 131 0.71 16.03 -21.52
C PHE G 131 -0.11 15.32 -22.60
N THR G 132 -1.42 15.22 -22.37
CA THR G 132 -2.30 14.57 -23.34
C THR G 132 -3.01 15.59 -24.21
N ALA G 133 -2.82 15.47 -25.52
CA ALA G 133 -3.51 16.30 -26.49
C ALA G 133 -4.87 15.69 -26.83
N ALA G 134 -5.94 16.32 -26.35
CA ALA G 134 -7.30 15.80 -26.54
C ALA G 134 -7.78 15.93 -27.98
N VAL G 135 -7.33 16.99 -28.64
CA VAL G 135 -7.70 17.26 -30.03
C VAL G 135 -6.43 17.44 -30.88
N PRO G 136 -6.55 17.24 -32.21
CA PRO G 136 -5.40 17.46 -33.10
C PRO G 136 -4.69 18.81 -32.87
N GLU G 137 -5.45 19.88 -32.69
CA GLU G 137 -4.87 21.21 -32.54
C GLU G 137 -3.94 21.37 -31.32
N ALA G 138 -4.02 20.43 -30.38
CA ALA G 138 -3.23 20.50 -29.15
C ALA G 138 -1.88 19.77 -29.23
N VAL G 139 -1.64 19.06 -30.33
CA VAL G 139 -0.38 18.32 -30.49
C VAL G 139 0.87 19.21 -30.47
N PRO G 140 0.85 20.36 -31.17
CA PRO G 140 2.04 21.22 -31.05
C PRO G 140 2.23 21.76 -29.63
N THR G 141 1.12 22.00 -28.93
CA THR G 141 1.18 22.50 -27.56
C THR G 141 1.77 21.42 -26.64
N LYS G 142 1.36 20.18 -26.87
CA LYS G 142 1.95 19.03 -26.19
C LYS G 142 3.45 19.02 -26.40
N ARG G 143 3.85 19.06 -27.67
CA ARG G 143 5.25 19.00 -28.04
C ARG G 143 6.04 20.15 -27.42
N LYS G 144 5.53 21.38 -27.59
CA LYS G 144 6.15 22.57 -27.02
C LYS G 144 6.40 22.44 -25.51
N TRP G 145 5.37 22.03 -24.79
CA TRP G 145 5.42 21.98 -23.34
C TRP G 145 6.37 20.92 -22.79
N GLU G 146 6.42 19.77 -23.44
CA GLU G 146 7.32 18.71 -22.98
C GLU G 146 8.78 19.10 -23.26
N GLU G 147 9.00 19.78 -24.37
CA GLU G 147 10.33 20.32 -24.73
C GLU G 147 10.86 21.33 -23.71
N GLU G 148 9.95 22.12 -23.15
CA GLU G 148 10.30 23.18 -22.21
C GLU G 148 10.31 22.69 -20.75
N SER G 149 10.24 21.38 -20.58
CA SER G 149 10.25 20.74 -19.27
C SER G 149 9.09 21.19 -18.39
N GLU G 150 7.92 21.36 -18.99
CA GLU G 150 6.70 21.67 -18.25
C GLU G 150 6.28 20.56 -17.28
N PRO G 151 6.38 19.28 -17.70
CA PRO G 151 6.01 18.23 -16.74
C PRO G 151 6.76 18.32 -15.42
N GLU G 152 8.06 18.62 -15.46
CA GLU G 152 8.85 18.76 -14.24
C GLU G 152 8.35 19.94 -13.40
N ARG G 153 8.03 21.04 -14.06
CA ARG G 153 7.58 22.25 -13.37
C ARG G 153 6.25 22.03 -12.66
N TRP G 154 5.32 21.38 -13.34
CA TRP G 154 3.98 21.20 -12.82
C TRP G 154 3.91 20.03 -11.85
N LYS G 155 4.84 19.09 -11.95
CA LYS G 155 4.95 18.07 -10.92
C LYS G 155 5.37 18.72 -9.59
N ASN G 156 6.34 19.64 -9.67
CA ASN G 156 6.77 20.37 -8.48
C ASN G 156 5.65 21.22 -7.88
N TYR G 157 4.88 21.90 -8.72
CA TYR G 157 3.78 22.72 -8.23
C TYR G 157 2.71 21.87 -7.57
N LEU G 158 2.27 20.83 -8.26
CA LEU G 158 1.16 20.00 -7.80
C LEU G 158 1.51 19.16 -6.58
N GLU G 159 2.75 18.66 -6.52
CA GLU G 159 3.16 17.78 -5.43
C GLU G 159 3.79 18.51 -4.25
N GLU G 160 4.30 19.71 -4.46
CA GLU G 160 5.01 20.41 -3.40
C GLU G 160 4.42 21.77 -3.06
N THR G 161 4.31 22.64 -4.06
CA THR G 161 3.87 24.01 -3.82
C THR G 161 2.40 24.08 -3.45
N CYS G 162 1.56 23.45 -4.27
CA CYS G 162 0.11 23.45 -4.07
C CYS G 162 -0.21 22.86 -2.70
N VAL G 163 0.35 21.69 -2.43
CA VAL G 163 0.16 20.97 -1.17
C VAL G 163 0.57 21.81 0.04
N GLU G 164 1.75 22.40 -0.03
CA GLU G 164 2.30 23.20 1.04
C GLU G 164 1.39 24.38 1.38
N TRP G 165 0.85 25.03 0.35
CA TRP G 165 -0.05 26.16 0.56
C TRP G 165 -1.42 25.69 1.03
N LEU G 166 -1.87 24.53 0.56
CA LEU G 166 -3.17 23.98 0.98
C LEU G 166 -3.14 23.64 2.46
N ARG G 167 -2.03 23.12 2.94
CA ARG G 167 -1.91 22.81 4.36
C ARG G 167 -1.98 24.10 5.18
N ARG G 168 -1.41 25.17 4.64
CA ARG G 168 -1.48 26.50 5.28
C ARG G 168 -2.89 27.06 5.32
N TYR G 169 -3.56 27.02 4.17
CA TYR G 169 -4.91 27.55 4.04
C TYR G 169 -5.88 26.83 4.97
N VAL G 170 -5.76 25.50 5.01
CA VAL G 170 -6.62 24.67 5.84
C VAL G 170 -6.47 25.08 7.30
N GLU G 171 -5.23 25.35 7.69
CA GLU G 171 -4.94 25.76 9.05
C GLU G 171 -5.54 27.14 9.35
N TYR G 172 -5.54 28.02 8.35
CA TYR G 172 -6.10 29.36 8.50
C TYR G 172 -7.61 29.37 8.66
N GLY G 173 -8.30 28.64 7.79
CA GLY G 173 -9.75 28.62 7.80
C GLY G 173 -10.34 27.46 8.58
N LYS G 174 -9.51 26.86 9.44
CA LYS G 174 -9.86 25.69 10.23
C LYS G 174 -11.28 25.76 10.80
N ALA G 175 -11.58 26.83 11.50
CA ALA G 175 -12.87 27.00 12.16
C ALA G 175 -14.01 27.12 11.14
N GLU G 176 -13.80 27.95 10.13
CA GLU G 176 -14.82 28.20 9.12
C GLU G 176 -15.08 26.97 8.25
N LEU G 177 -14.02 26.34 7.77
CA LEU G 177 -14.17 25.19 6.88
C LEU G 177 -14.86 24.01 7.56
N GLY G 178 -14.66 23.86 8.87
CA GLY G 178 -15.20 22.75 9.60
C GLY G 178 -16.50 23.05 10.33
N ARG G 179 -16.98 24.28 10.22
CA ARG G 179 -18.24 24.67 10.85
C ARG G 179 -19.42 23.89 10.26
N ARG G 180 -20.52 23.87 10.99
CA ARG G 180 -21.72 23.18 10.52
C ARG G 180 -22.96 24.07 10.74
N GLU G 181 -23.69 24.33 9.66
CA GLU G 181 -24.91 25.13 9.72
C GLU G 181 -26.13 24.30 9.34
N ARG G 182 -27.13 24.29 10.22
CA ARG G 182 -28.31 23.46 10.02
C ARG G 182 -29.26 24.05 9.00
N PRO G 183 -29.86 23.20 8.15
CA PRO G 183 -30.82 23.69 7.16
C PRO G 183 -32.14 24.11 7.81
N GLU G 184 -32.75 25.15 7.27
CA GLU G 184 -34.14 25.48 7.54
C GLU G 184 -34.99 24.77 6.49
N VAL G 185 -35.92 23.92 6.90
CA VAL G 185 -36.66 23.11 5.94
C VAL G 185 -38.13 23.54 5.83
N ARG G 186 -38.64 23.58 4.60
CA ARG G 186 -40.07 23.78 4.44
C ARG G 186 -40.64 22.76 3.47
N VAL G 187 -41.76 22.16 3.86
CA VAL G 187 -42.51 21.30 2.97
C VAL G 187 -43.68 22.11 2.42
N TRP G 188 -43.86 22.05 1.10
CA TRP G 188 -44.91 22.79 0.44
C TRP G 188 -45.53 21.87 -0.62
N GLY G 189 -46.83 22.00 -0.83
CA GLY G 189 -47.52 21.16 -1.78
C GLY G 189 -48.30 21.99 -2.78
N LYS G 190 -48.40 21.49 -4.00
CA LYS G 190 -49.19 22.13 -5.05
C LYS G 190 -49.89 21.07 -5.89
N GLU G 191 -51.19 21.26 -6.11
CA GLU G 191 -51.97 20.33 -6.91
C GLU G 191 -52.33 20.94 -8.26
N ALA G 192 -52.18 20.15 -9.30
CA ALA G 192 -52.57 20.56 -10.64
C ALA G 192 -52.78 19.31 -11.48
N ASP G 193 -53.81 19.35 -12.33
CA ASP G 193 -54.11 18.26 -13.24
C ASP G 193 -54.18 16.89 -12.58
N GLY G 194 -54.77 16.83 -11.39
CA GLY G 194 -54.94 15.56 -10.71
C GLY G 194 -53.69 15.00 -10.06
N ILE G 195 -52.63 15.82 -10.01
CA ILE G 195 -51.37 15.39 -9.41
C ILE G 195 -50.95 16.30 -8.27
N LEU G 196 -50.74 15.73 -7.09
CA LEU G 196 -50.21 16.49 -5.96
C LEU G 196 -48.69 16.42 -5.94
N THR G 197 -48.04 17.55 -6.15
CA THR G 197 -46.59 17.59 -6.07
C THR G 197 -46.15 18.18 -4.74
N LEU G 198 -45.48 17.35 -3.94
CA LEU G 198 -44.95 17.78 -2.64
C LEU G 198 -43.49 18.19 -2.77
N SER G 199 -43.15 19.33 -2.20
CA SER G 199 -41.78 19.83 -2.29
C SER G 199 -41.12 19.82 -0.92
N CYS G 200 -39.87 19.38 -0.85
CA CYS G 200 -39.10 19.50 0.37
C CYS G 200 -37.87 20.33 0.06
N ARG G 201 -37.79 21.49 0.70
CA ARG G 201 -36.79 22.48 0.35
C ARG G 201 -35.93 22.80 1.58
N ALA G 202 -34.63 22.57 1.46
CA ALA G 202 -33.71 22.80 2.57
C ALA G 202 -32.89 24.07 2.33
N HIS G 203 -33.00 25.04 3.24
CA HIS G 203 -32.36 26.36 3.09
C HIS G 203 -31.16 26.57 4.00
N GLY G 204 -30.07 27.06 3.44
CA GLY G 204 -28.97 27.60 4.24
C GLY G 204 -28.09 26.63 5.01
N PHE G 205 -27.81 25.47 4.44
CA PHE G 205 -26.97 24.49 5.14
C PHE G 205 -25.52 24.60 4.69
N TYR G 206 -24.62 24.15 5.58
CA TYR G 206 -23.21 24.01 5.29
C TYR G 206 -22.70 22.93 6.22
N PRO G 207 -21.85 22.02 5.71
CA PRO G 207 -21.23 21.98 4.39
C PRO G 207 -22.19 21.53 3.29
N ARG G 208 -21.68 21.49 2.07
CA ARG G 208 -22.50 21.28 0.88
C ARG G 208 -23.24 19.93 0.76
N PRO G 209 -22.57 18.80 1.05
CA PRO G 209 -23.30 17.55 0.83
C PRO G 209 -24.52 17.34 1.74
N ILE G 210 -25.58 16.80 1.17
CA ILE G 210 -26.80 16.58 1.93
C ILE G 210 -27.63 15.51 1.25
N VAL G 211 -28.43 14.79 2.02
CA VAL G 211 -29.41 13.89 1.44
C VAL G 211 -30.80 14.29 1.90
N VAL G 212 -31.61 14.68 0.92
CA VAL G 212 -33.02 14.98 1.14
C VAL G 212 -33.83 13.93 0.41
N SER G 213 -34.52 13.07 1.16
CA SER G 213 -35.27 11.98 0.57
C SER G 213 -36.74 12.08 0.93
N TRP G 214 -37.59 11.61 0.02
CA TRP G 214 -39.00 11.47 0.30
C TRP G 214 -39.30 10.03 0.67
N LEU G 215 -40.00 9.85 1.79
CA LEU G 215 -40.43 8.53 2.24
C LEU G 215 -41.93 8.39 2.04
N LYS G 216 -42.37 7.27 1.47
CA LYS G 216 -43.80 6.97 1.47
C LYS G 216 -44.06 5.78 2.36
N ASP G 217 -44.93 5.98 3.35
CA ASP G 217 -45.22 4.97 4.36
C ASP G 217 -43.93 4.44 4.99
N GLY G 218 -43.03 5.38 5.30
CA GLY G 218 -41.80 5.07 6.02
C GLY G 218 -40.64 4.61 5.16
N ALA G 219 -40.92 4.28 3.90
CA ALA G 219 -39.88 3.70 3.03
C ALA G 219 -39.36 4.71 2.02
N VAL G 220 -38.04 4.76 1.83
CA VAL G 220 -37.42 5.64 0.84
C VAL G 220 -38.04 5.43 -0.53
N ARG G 221 -38.57 6.50 -1.12
CA ARG G 221 -39.31 6.37 -2.37
C ARG G 221 -38.82 7.35 -3.42
N GLY G 222 -38.00 6.84 -4.35
CA GLY G 222 -37.39 7.67 -5.37
C GLY G 222 -38.02 7.54 -6.74
N GLN G 223 -39.07 6.72 -6.86
CA GLN G 223 -39.73 6.51 -8.15
C GLN G 223 -40.12 7.82 -8.84
N ASP G 224 -40.99 8.58 -8.20
CA ASP G 224 -41.45 9.84 -8.76
C ASP G 224 -40.69 11.02 -8.19
N ALA G 225 -39.53 10.74 -7.58
CA ALA G 225 -38.74 11.78 -6.90
C ALA G 225 -37.87 12.55 -7.87
N HIS G 226 -37.83 13.87 -7.71
CA HIS G 226 -37.05 14.75 -8.57
C HIS G 226 -36.27 15.75 -7.72
N SER G 227 -34.98 15.86 -7.98
CA SER G 227 -34.10 16.71 -7.19
C SER G 227 -33.48 17.80 -8.03
N GLY G 228 -33.35 18.99 -7.44
CA GLY G 228 -32.72 20.10 -8.13
C GLY G 228 -31.22 20.13 -7.91
N GLY G 229 -30.68 19.08 -7.31
CA GLY G 229 -29.28 19.06 -6.93
C GLY G 229 -29.02 20.12 -5.87
N ILE G 230 -27.76 20.37 -5.58
CA ILE G 230 -27.42 21.33 -4.55
C ILE G 230 -26.94 22.62 -5.22
N VAL G 231 -27.50 23.75 -4.79
CA VAL G 231 -27.19 25.04 -5.40
C VAL G 231 -26.80 26.06 -4.32
N PRO G 232 -26.02 27.09 -4.70
CA PRO G 232 -25.48 28.01 -3.70
C PRO G 232 -26.38 29.18 -3.34
N ASN G 233 -26.28 29.63 -2.08
CA ASN G 233 -26.76 30.95 -1.70
C ASN G 233 -25.62 31.94 -1.85
N GLY G 234 -25.91 33.21 -1.66
CA GLY G 234 -24.86 34.22 -1.73
C GLY G 234 -23.83 34.20 -0.61
N ASP G 235 -24.18 33.61 0.53
CA ASP G 235 -23.40 33.79 1.76
C ASP G 235 -22.55 32.61 2.19
N GLY G 236 -22.21 31.71 1.27
CA GLY G 236 -21.40 30.55 1.61
C GLY G 236 -22.18 29.37 2.17
N THR G 237 -23.51 29.44 2.13
CA THR G 237 -24.33 28.27 2.46
C THR G 237 -25.04 27.77 1.20
N TYR G 238 -25.81 26.69 1.35
CA TYR G 238 -26.36 26.01 0.18
C TYR G 238 -27.85 25.77 0.29
N HIS G 239 -28.42 25.24 -0.79
CA HIS G 239 -29.85 25.10 -0.94
C HIS G 239 -30.13 23.86 -1.75
N THR G 240 -31.21 23.15 -1.45
CA THR G 240 -31.66 22.08 -2.34
C THR G 240 -33.14 21.83 -2.19
N TRP G 241 -33.77 21.38 -3.27
CA TRP G 241 -35.18 21.01 -3.20
C TRP G 241 -35.41 19.69 -3.90
N VAL G 242 -36.34 18.92 -3.35
CA VAL G 242 -36.69 17.62 -3.88
C VAL G 242 -38.21 17.51 -3.89
N THR G 243 -38.78 17.00 -4.98
CA THR G 243 -40.22 16.81 -5.08
C THR G 243 -40.61 15.34 -5.27
N ILE G 244 -41.88 15.05 -5.00
CA ILE G 244 -42.44 13.73 -5.28
C ILE G 244 -43.92 13.87 -5.70
N ASP G 245 -44.33 13.08 -6.68
CA ASP G 245 -45.71 13.15 -7.16
C ASP G 245 -46.60 12.17 -6.41
N ALA G 246 -47.79 12.64 -6.04
CA ALA G 246 -48.72 11.81 -5.30
C ALA G 246 -50.12 11.98 -5.84
N GLN G 247 -50.99 11.03 -5.52
CA GLN G 247 -52.40 11.23 -5.76
C GLN G 247 -52.97 12.22 -4.75
N PRO G 248 -53.89 13.08 -5.20
CA PRO G 248 -54.54 14.06 -4.32
C PRO G 248 -55.19 13.38 -3.13
N GLY G 249 -55.05 13.95 -1.94
CA GLY G 249 -55.61 13.36 -0.75
C GLY G 249 -54.69 12.36 -0.04
N ASP G 250 -53.51 12.13 -0.58
CA ASP G 250 -52.54 11.19 -0.01
C ASP G 250 -51.34 11.86 0.67
N GLY G 251 -51.45 13.14 0.97
CA GLY G 251 -50.35 13.90 1.56
C GLY G 251 -49.72 13.34 2.81
N ASP G 252 -50.55 12.83 3.72
CA ASP G 252 -50.05 12.39 5.02
C ASP G 252 -49.31 11.04 4.96
N LYS G 253 -49.30 10.41 3.80
CA LYS G 253 -48.56 9.17 3.63
C LYS G 253 -47.08 9.45 3.31
N TYR G 254 -46.73 10.73 3.20
CA TYR G 254 -45.39 11.11 2.80
C TYR G 254 -44.64 11.89 3.88
N GLN G 255 -43.34 11.66 3.97
CA GLN G 255 -42.50 12.32 4.94
C GLN G 255 -41.15 12.65 4.33
N CYS G 256 -40.65 13.85 4.59
CA CYS G 256 -39.37 14.28 4.08
C CYS G 256 -38.27 14.00 5.07
N ARG G 257 -37.16 13.43 4.61
CA ARG G 257 -36.05 13.09 5.50
C ARG G 257 -34.80 13.85 5.10
N VAL G 258 -34.21 14.57 6.06
CA VAL G 258 -33.06 15.42 5.78
C VAL G 258 -31.85 14.92 6.55
N GLU G 259 -30.86 14.42 5.83
CA GLU G 259 -29.63 13.92 6.41
C GLU G 259 -28.50 14.90 6.09
N HIS G 260 -27.88 15.44 7.13
CA HIS G 260 -26.83 16.43 6.94
C HIS G 260 -25.82 16.35 8.07
N ALA G 261 -24.59 16.77 7.79
CA ALA G 261 -23.50 16.73 8.76
C ALA G 261 -23.83 17.46 10.05
N SER G 262 -24.70 18.47 9.95
CA SER G 262 -25.09 19.26 11.11
C SER G 262 -26.16 18.59 11.97
N LEU G 263 -26.74 17.50 11.47
CA LEU G 263 -27.84 16.85 12.17
C LEU G 263 -27.46 15.44 12.62
N PRO G 264 -27.19 15.27 13.93
CA PRO G 264 -26.82 13.97 14.48
C PRO G 264 -27.91 12.91 14.20
N GLN G 265 -29.16 13.33 14.27
CA GLN G 265 -30.27 12.49 13.76
C GLN G 265 -30.98 13.25 12.65
N PRO G 266 -31.43 12.51 11.62
CA PRO G 266 -32.09 13.12 10.46
C PRO G 266 -33.30 13.97 10.85
N GLY G 267 -33.54 15.04 10.10
CA GLY G 267 -34.72 15.85 10.32
C GLY G 267 -35.87 15.21 9.56
N LEU G 268 -37.02 15.07 10.22
CA LEU G 268 -38.21 14.50 9.58
C LEU G 268 -39.33 15.55 9.46
N TYR G 269 -39.91 15.68 8.26
CA TYR G 269 -40.91 16.72 8.01
C TYR G 269 -42.09 16.21 7.20
N SER G 270 -43.27 16.73 7.52
CA SER G 270 -44.52 16.39 6.85
C SER G 270 -45.21 17.64 6.30
N TRP G 271 -46.07 17.44 5.31
CA TRP G 271 -46.83 18.54 4.75
C TRP G 271 -47.92 19.01 5.73
N ASP H 1 -23.15 23.90 -28.16
CA ASP H 1 -23.64 24.86 -27.16
C ASP H 1 -24.76 24.26 -26.29
N LEU H 2 -24.73 24.60 -25.01
CA LEU H 2 -25.64 23.99 -24.02
C LEU H 2 -26.48 25.04 -23.27
N THR H 3 -27.74 24.72 -23.02
CA THR H 3 -28.70 25.70 -22.49
C THR H 3 -28.59 25.86 -20.98
N PRO H 4 -28.82 27.08 -20.49
CA PRO H 4 -28.78 27.33 -19.05
C PRO H 4 -29.84 26.52 -18.31
N LYS H 5 -29.44 25.84 -17.24
CA LYS H 5 -30.38 25.18 -16.35
C LYS H 5 -30.61 26.11 -15.16
N VAL H 6 -31.86 26.52 -14.96
CA VAL H 6 -32.13 27.64 -14.07
C VAL H 6 -33.02 27.26 -12.88
N GLN H 7 -32.68 27.78 -11.70
CA GLN H 7 -33.50 27.66 -10.51
C GLN H 7 -33.63 29.01 -9.80
N VAL H 8 -34.81 29.27 -9.26
CA VAL H 8 -35.07 30.49 -8.52
C VAL H 8 -35.54 30.09 -7.12
N TYR H 9 -34.94 30.72 -6.10
CA TYR H 9 -35.18 30.31 -4.72
C TYR H 9 -34.73 31.44 -3.79
N SER H 10 -35.24 31.44 -2.57
CA SER H 10 -34.85 32.50 -1.64
C SER H 10 -33.90 31.95 -0.59
N ARG H 11 -33.07 32.83 -0.02
CA ARG H 11 -32.09 32.40 0.97
C ARG H 11 -32.77 31.73 2.17
N PHE H 12 -33.79 32.39 2.71
CA PHE H 12 -34.57 31.82 3.80
C PHE H 12 -35.95 31.39 3.32
N PRO H 13 -36.56 30.41 4.02
CA PRO H 13 -37.97 30.11 3.76
C PRO H 13 -38.78 31.38 3.97
N ALA H 14 -39.58 31.77 2.98
CA ALA H 14 -40.09 33.12 2.90
C ALA H 14 -41.34 33.40 3.74
N SER H 15 -41.47 34.65 4.20
CA SER H 15 -42.68 35.18 4.83
C SER H 15 -42.90 36.61 4.37
N ALA H 16 -44.16 37.01 4.24
CA ALA H 16 -44.49 38.38 3.82
C ALA H 16 -43.92 39.41 4.79
N GLY H 17 -43.27 40.42 4.23
CA GLY H 17 -42.76 41.52 5.04
C GLY H 17 -41.46 41.22 5.77
N THR H 18 -40.92 40.02 5.58
CA THR H 18 -39.68 39.63 6.24
C THR H 18 -38.49 39.69 5.26
N LYS H 19 -37.45 40.42 5.65
CA LYS H 19 -36.25 40.57 4.84
C LYS H 19 -35.65 39.22 4.42
N ASN H 20 -35.17 39.16 3.19
CA ASN H 20 -34.75 37.91 2.57
C ASN H 20 -33.77 38.20 1.44
N VAL H 21 -33.35 37.16 0.75
CA VAL H 21 -32.53 37.31 -0.44
C VAL H 21 -33.09 36.43 -1.56
N LEU H 22 -33.30 37.02 -2.73
CA LEU H 22 -33.82 36.27 -3.85
C LEU H 22 -32.69 35.79 -4.73
N ASN H 23 -32.65 34.48 -4.99
CA ASN H 23 -31.58 33.88 -5.78
C ASN H 23 -32.04 33.39 -7.15
N CYS H 24 -31.22 33.63 -8.17
CA CYS H 24 -31.39 32.97 -9.45
C CYS H 24 -30.07 32.34 -9.90
N PHE H 25 -30.08 31.02 -10.03
CA PHE H 25 -28.86 30.29 -10.35
C PHE H 25 -29.00 29.61 -11.72
N ALA H 26 -28.09 29.94 -12.63
CA ALA H 26 -28.06 29.30 -13.93
C ALA H 26 -26.77 28.50 -14.05
N ALA H 27 -26.87 27.29 -14.55
CA ALA H 27 -25.71 26.41 -14.66
C ALA H 27 -25.74 25.57 -15.93
N GLY H 28 -24.59 24.96 -16.25
CA GLY H 28 -24.49 24.02 -17.35
C GLY H 28 -24.49 24.59 -18.74
N PHE H 29 -24.15 25.87 -18.90
CA PHE H 29 -24.28 26.51 -20.21
C PHE H 29 -22.93 26.87 -20.84
N HIS H 30 -22.97 27.11 -22.14
CA HIS H 30 -21.82 27.60 -22.91
C HIS H 30 -22.37 28.19 -24.20
N PRO H 31 -21.87 29.36 -24.63
CA PRO H 31 -20.77 30.20 -24.12
C PRO H 31 -21.11 30.86 -22.78
N PRO H 32 -20.11 31.42 -22.09
CA PRO H 32 -20.28 32.02 -20.77
C PRO H 32 -21.08 33.33 -20.76
N LYS H 33 -21.12 34.07 -21.85
CA LYS H 33 -21.91 35.30 -21.87
C LYS H 33 -23.36 34.95 -21.57
N ILE H 34 -23.95 35.66 -20.61
CA ILE H 34 -25.35 35.38 -20.27
C ILE H 34 -25.98 36.59 -19.63
N SER H 35 -27.29 36.72 -19.81
CA SER H 35 -28.06 37.77 -19.16
C SER H 35 -29.04 37.14 -18.18
N ILE H 36 -28.93 37.52 -16.91
CA ILE H 36 -29.80 37.02 -15.87
C ILE H 36 -30.34 38.22 -15.07
N THR H 37 -31.66 38.44 -15.12
CA THR H 37 -32.25 39.59 -14.43
C THR H 37 -33.40 39.16 -13.54
N LEU H 38 -33.36 39.63 -12.29
CA LEU H 38 -34.42 39.35 -11.32
C LEU H 38 -35.57 40.33 -11.49
N MET H 39 -36.80 39.80 -11.52
CA MET H 39 -37.97 40.62 -11.82
C MET H 39 -38.97 40.63 -10.68
N LYS H 40 -39.47 41.82 -10.34
CA LYS H 40 -40.63 41.95 -9.47
C LYS H 40 -41.79 42.52 -10.27
N ASP H 41 -42.83 41.72 -10.45
CA ASP H 41 -44.01 42.10 -11.23
C ASP H 41 -43.64 42.65 -12.59
N GLY H 42 -42.68 42.02 -13.26
CA GLY H 42 -42.30 42.42 -14.60
C GLY H 42 -41.41 43.64 -14.67
N VAL H 43 -40.94 44.09 -13.51
CA VAL H 43 -39.98 45.19 -13.43
C VAL H 43 -38.67 44.70 -12.81
N PRO H 44 -37.52 44.99 -13.45
CA PRO H 44 -36.22 44.64 -12.91
C PRO H 44 -36.01 45.10 -11.47
N MET H 45 -35.58 44.18 -10.60
CA MET H 45 -35.35 44.49 -9.19
C MET H 45 -34.05 45.26 -9.03
N GLU H 46 -33.97 46.05 -7.96
CA GLU H 46 -32.79 46.85 -7.66
C GLU H 46 -31.79 46.09 -6.78
N GLY H 47 -30.53 46.50 -6.84
CA GLY H 47 -29.52 45.98 -5.93
C GLY H 47 -29.07 44.54 -6.13
N ALA H 48 -29.06 44.08 -7.37
CA ALA H 48 -28.66 42.70 -7.67
C ALA H 48 -27.15 42.57 -7.70
N GLN H 49 -26.67 41.40 -7.29
CA GLN H 49 -25.24 41.09 -7.32
C GLN H 49 -25.03 39.84 -8.18
N TYR H 50 -23.87 39.78 -8.84
CA TYR H 50 -23.59 38.71 -9.79
C TYR H 50 -22.30 38.01 -9.38
N SER H 51 -22.33 36.68 -9.34
CA SER H 51 -21.12 35.95 -8.97
C SER H 51 -20.09 36.12 -10.08
N ASP H 52 -18.82 36.01 -9.72
CA ASP H 52 -17.76 36.12 -10.72
C ASP H 52 -17.76 34.85 -11.56
N MET H 53 -17.34 34.97 -12.81
CA MET H 53 -17.38 33.84 -13.73
C MET H 53 -16.64 32.61 -13.21
N SER H 54 -17.35 31.48 -13.19
CA SER H 54 -16.79 30.21 -12.77
C SER H 54 -17.41 29.07 -13.57
N PHE H 55 -16.86 27.87 -13.43
CA PHE H 55 -17.41 26.73 -14.15
C PHE H 55 -17.19 25.43 -13.39
N ASN H 56 -17.82 24.36 -13.84
CA ASN H 56 -17.76 23.08 -13.16
C ASN H 56 -16.81 22.10 -13.87
N ASP H 57 -16.57 20.93 -13.24
CA ASP H 57 -15.75 19.84 -13.77
C ASP H 57 -15.92 19.52 -15.25
N ASP H 58 -17.15 19.62 -15.74
CA ASP H 58 -17.43 19.32 -17.14
C ASP H 58 -17.25 20.55 -18.04
N TRP H 59 -16.60 21.58 -17.49
CA TRP H 59 -16.26 22.84 -18.17
C TRP H 59 -17.44 23.81 -18.31
N THR H 60 -18.68 23.32 -18.12
CA THR H 60 -19.85 24.18 -18.29
C THR H 60 -19.94 25.28 -17.24
N PHE H 61 -20.40 26.46 -17.68
CA PHE H 61 -20.35 27.65 -16.84
C PHE H 61 -21.56 27.77 -15.90
N GLN H 62 -21.44 28.63 -14.91
CA GLN H 62 -22.56 28.89 -14.02
C GLN H 62 -22.45 30.27 -13.42
N ARG H 63 -23.60 30.81 -13.01
CA ARG H 63 -23.64 32.11 -12.37
C ARG H 63 -24.81 32.20 -11.42
N LEU H 64 -24.54 32.72 -10.23
CA LEU H 64 -25.57 33.05 -9.26
C LEU H 64 -25.83 34.55 -9.26
N VAL H 65 -27.11 34.92 -9.35
CA VAL H 65 -27.57 36.29 -9.13
C VAL H 65 -28.53 36.33 -7.95
N HIS H 66 -28.14 37.09 -6.92
CA HIS H 66 -28.99 37.46 -5.79
C HIS H 66 -29.26 38.96 -5.63
N ALA H 67 -30.36 39.26 -4.94
CA ALA H 67 -30.67 40.61 -4.53
C ALA H 67 -31.46 40.56 -3.23
N ASP H 68 -31.10 41.42 -2.28
CA ASP H 68 -31.93 41.63 -1.10
C ASP H 68 -33.34 41.96 -1.54
N PHE H 69 -34.33 41.46 -0.80
CA PHE H 69 -35.73 41.83 -1.06
C PHE H 69 -36.60 41.49 0.13
N THR H 70 -37.71 42.20 0.23
CA THR H 70 -38.74 41.90 1.22
C THR H 70 -39.98 41.46 0.47
N PRO H 71 -40.24 40.14 0.43
CA PRO H 71 -41.33 39.62 -0.41
C PRO H 71 -42.70 40.12 0.02
N SER H 72 -43.57 40.32 -0.96
CA SER H 72 -44.95 40.74 -0.73
C SER H 72 -45.92 39.68 -1.25
N SER H 73 -47.06 39.53 -0.58
CA SER H 73 -48.11 38.62 -1.03
C SER H 73 -48.73 39.12 -2.32
N GLY H 74 -48.68 40.42 -2.53
CA GLY H 74 -49.32 41.01 -3.69
C GLY H 74 -48.51 40.95 -4.97
N SER H 75 -47.28 40.42 -4.88
CA SER H 75 -46.34 40.49 -5.98
C SER H 75 -45.90 39.12 -6.52
N THR H 76 -45.43 39.13 -7.76
CA THR H 76 -44.88 37.94 -8.42
C THR H 76 -43.40 38.19 -8.71
N TYR H 77 -42.55 37.19 -8.46
CA TYR H 77 -41.11 37.36 -8.67
C TYR H 77 -40.59 36.29 -9.62
N ALA H 78 -39.66 36.68 -10.47
CA ALA H 78 -39.19 35.76 -11.51
C ALA H 78 -37.75 36.06 -11.91
N CYS H 79 -37.17 35.15 -12.68
CA CYS H 79 -35.82 35.36 -13.20
C CYS H 79 -35.84 35.31 -14.72
N LYS H 80 -35.37 36.39 -15.35
CA LYS H 80 -35.34 36.51 -16.82
C LYS H 80 -33.98 36.16 -17.39
N VAL H 81 -33.92 35.10 -18.21
CA VAL H 81 -32.65 34.61 -18.72
C VAL H 81 -32.56 34.67 -20.24
N GLU H 82 -31.49 35.29 -20.74
CA GLU H 82 -31.17 35.29 -22.16
C GLU H 82 -29.81 34.65 -22.41
N HIS H 83 -29.73 33.85 -23.47
CA HIS H 83 -28.51 33.15 -23.84
C HIS H 83 -28.57 32.81 -25.32
N GLU H 84 -27.41 32.77 -25.98
CA GLU H 84 -27.33 32.49 -27.42
C GLU H 84 -28.05 31.20 -27.81
N THR H 85 -28.00 30.19 -26.95
CA THR H 85 -28.62 28.90 -27.22
C THR H 85 -30.14 28.97 -27.16
N LEU H 86 -30.65 30.15 -26.79
CA LEU H 86 -32.09 30.35 -26.62
C LEU H 86 -32.58 31.46 -27.55
N LYS H 87 -33.49 31.12 -28.46
CA LYS H 87 -34.05 32.11 -29.37
C LYS H 87 -34.86 33.17 -28.61
N GLU H 88 -35.67 32.74 -27.66
CA GLU H 88 -36.47 33.65 -26.85
C GLU H 88 -35.97 33.70 -25.42
N PRO H 89 -36.06 34.87 -24.77
CA PRO H 89 -35.74 34.98 -23.35
C PRO H 89 -36.64 34.08 -22.51
N GLN H 90 -36.08 33.36 -21.55
CA GLN H 90 -36.86 32.44 -20.74
C GLN H 90 -37.12 33.05 -19.36
N VAL H 91 -38.31 32.82 -18.83
CA VAL H 91 -38.69 33.37 -17.54
C VAL H 91 -38.97 32.25 -16.55
N TYR H 92 -38.29 32.31 -15.40
CA TYR H 92 -38.42 31.31 -14.37
C TYR H 92 -39.07 31.91 -13.13
N LYS H 93 -40.16 31.29 -12.68
CA LYS H 93 -40.97 31.84 -11.62
C LYS H 93 -40.49 31.41 -10.24
N TRP H 94 -40.52 32.34 -9.29
CA TRP H 94 -40.28 32.02 -7.90
C TRP H 94 -41.57 31.60 -7.22
N ASP H 95 -41.55 30.46 -6.54
CA ASP H 95 -42.66 30.05 -5.70
C ASP H 95 -42.39 30.46 -4.25
N PRO H 96 -43.18 31.41 -3.75
CA PRO H 96 -42.93 31.96 -2.40
C PRO H 96 -43.05 30.91 -1.31
N GLU H 97 -43.87 29.89 -1.55
CA GLU H 97 -44.16 28.87 -0.56
C GLU H 97 -44.68 29.52 0.73
N PHE H 98 -45.47 30.57 0.53
CA PHE H 98 -46.34 31.11 1.56
C PHE H 98 -47.54 31.77 0.89
N LEU I 1 -1.49 29.52 -3.10
CA LEU I 1 -0.88 30.28 -4.18
C LEU I 1 -1.16 29.67 -5.55
N PRO I 2 -1.68 30.49 -6.47
CA PRO I 2 -1.90 30.04 -7.85
C PRO I 2 -0.59 29.89 -8.59
N ALA I 3 -0.62 29.27 -9.76
CA ALA I 3 0.57 29.15 -10.59
C ALA I 3 0.40 29.96 -11.87
N CYS I 4 1.50 30.15 -12.58
CA CYS I 4 1.46 30.70 -13.93
C CYS I 4 1.17 29.57 -14.91
N VAL I 5 0.18 29.77 -15.77
CA VAL I 5 -0.06 28.83 -16.86
C VAL I 5 0.94 29.14 -17.97
N LEU I 6 0.85 28.48 -19.11
CA LEU I 6 1.82 28.75 -20.16
C LEU I 6 1.15 29.03 -21.50
N GLU I 7 1.89 29.70 -22.38
CA GLU I 7 1.50 29.87 -23.77
C GLU I 7 1.42 28.51 -24.44
N VAL I 8 0.38 28.32 -25.24
CA VAL I 8 0.14 27.08 -25.94
C VAL I 8 0.95 27.03 -27.24
N MET J 1 -6.29 -23.54 -50.29
CA MET J 1 -6.57 -22.19 -49.84
C MET J 1 -5.26 -21.42 -49.74
N GLU J 2 -5.19 -20.26 -50.40
CA GLU J 2 -3.97 -19.46 -50.41
C GLU J 2 -3.90 -18.56 -49.17
N LEU J 3 -2.95 -18.88 -48.29
CA LEU J 3 -2.72 -18.14 -47.05
C LEU J 3 -1.47 -17.27 -47.17
N HIS J 4 -1.54 -16.02 -46.73
CA HIS J 4 -0.35 -15.17 -46.66
C HIS J 4 -0.34 -14.40 -45.34
N THR J 5 0.85 -14.04 -44.88
CA THR J 5 0.97 -13.37 -43.60
C THR J 5 1.97 -12.22 -43.67
N LEU J 6 1.64 -11.13 -42.98
CA LEU J 6 2.57 -10.02 -42.81
C LEU J 6 2.73 -9.81 -41.32
N ARG J 7 3.98 -9.74 -40.87
CA ARG J 7 4.29 -9.67 -39.46
C ARG J 7 5.43 -8.71 -39.23
N TYR J 8 5.24 -7.80 -38.28
CA TYR J 8 6.31 -6.92 -37.84
C TYR J 8 6.59 -7.21 -36.38
N ILE J 9 7.87 -7.26 -36.04
CA ILE J 9 8.21 -7.48 -34.66
C ILE J 9 9.29 -6.48 -34.29
N GLN J 10 9.14 -5.93 -33.09
CA GLN J 10 9.87 -4.74 -32.69
C GLN J 10 10.41 -4.98 -31.30
N THR J 11 11.70 -4.68 -31.09
CA THR J 11 12.33 -4.86 -29.79
C THR J 11 13.08 -3.62 -29.34
N ALA J 12 12.79 -3.14 -28.13
CA ALA J 12 13.53 -2.04 -27.53
C ALA J 12 14.17 -2.51 -26.24
N MET J 13 15.49 -2.35 -26.15
CA MET J 13 16.27 -2.97 -25.07
C MET J 13 17.05 -1.92 -24.29
N THR J 14 17.21 -2.13 -23.00
CA THR J 14 18.11 -1.30 -22.21
C THR J 14 19.52 -1.87 -22.25
N ASP J 15 19.64 -3.16 -22.56
CA ASP J 15 20.94 -3.83 -22.50
C ASP J 15 21.15 -4.79 -23.67
N PRO J 16 21.44 -4.24 -24.87
CA PRO J 16 21.46 -5.03 -26.11
C PRO J 16 22.57 -6.10 -26.31
N GLY J 17 23.84 -5.95 -25.94
CA GLY J 17 24.46 -4.74 -25.42
C GLY J 17 25.65 -4.36 -26.27
N PRO J 18 26.82 -4.97 -25.99
CA PRO J 18 28.10 -4.57 -26.60
C PRO J 18 28.12 -4.61 -28.13
N GLY J 19 28.19 -3.42 -28.75
CA GLY J 19 28.25 -3.31 -30.19
C GLY J 19 26.96 -3.71 -30.86
N GLN J 20 25.86 -3.50 -30.14
CA GLN J 20 24.54 -3.97 -30.58
C GLN J 20 23.51 -2.85 -30.53
N PRO J 21 22.63 -2.78 -31.54
CA PRO J 21 21.60 -1.73 -31.52
C PRO J 21 20.56 -2.01 -30.43
N TRP J 22 20.12 -0.98 -29.72
CA TRP J 22 19.15 -1.15 -28.64
C TRP J 22 17.73 -1.28 -29.19
N PHE J 23 17.52 -0.83 -30.42
CA PHE J 23 16.18 -0.84 -31.02
C PHE J 23 16.20 -1.48 -32.40
N VAL J 24 15.29 -2.44 -32.62
CA VAL J 24 15.23 -3.18 -33.87
C VAL J 24 13.79 -3.45 -34.30
N THR J 25 13.49 -3.23 -35.58
CA THR J 25 12.24 -3.73 -36.18
C THR J 25 12.59 -4.59 -37.38
N VAL J 26 11.94 -5.74 -37.49
CA VAL J 26 12.07 -6.55 -38.69
C VAL J 26 10.67 -6.88 -39.18
N GLY J 27 10.52 -7.02 -40.50
CA GLY J 27 9.26 -7.41 -41.11
C GLY J 27 9.38 -8.74 -41.85
N TYR J 28 8.29 -9.52 -41.81
CA TYR J 28 8.25 -10.84 -42.44
C TYR J 28 7.03 -11.01 -43.34
N VAL J 29 7.25 -11.52 -44.56
CA VAL J 29 6.14 -11.92 -45.42
C VAL J 29 6.16 -13.43 -45.59
N ASP J 30 5.06 -14.09 -45.20
CA ASP J 30 4.98 -15.54 -45.27
C ASP J 30 6.17 -16.17 -44.55
N GLY J 31 6.56 -15.60 -43.42
CA GLY J 31 7.64 -16.15 -42.61
C GLY J 31 9.04 -15.75 -43.05
N GLU J 32 9.15 -15.02 -44.16
CA GLU J 32 10.45 -14.65 -44.70
C GLU J 32 10.79 -13.18 -44.41
N LEU J 33 11.94 -12.96 -43.77
CA LEU J 33 12.46 -11.61 -43.49
C LEU J 33 12.60 -10.80 -44.78
N PHE J 34 12.01 -9.60 -44.83
CA PHE J 34 12.09 -8.81 -46.07
C PHE J 34 12.44 -7.35 -45.84
N VAL J 35 12.24 -6.83 -44.62
CA VAL J 35 12.71 -5.49 -44.27
C VAL J 35 13.31 -5.46 -42.87
N HIS J 36 14.24 -4.54 -42.67
CA HIS J 36 14.93 -4.39 -41.39
C HIS J 36 15.25 -2.92 -41.09
N TYR J 37 15.01 -2.52 -39.85
CA TYR J 37 15.39 -1.20 -39.33
C TYR J 37 16.07 -1.39 -37.98
N ASN J 38 17.10 -0.60 -37.69
CA ASN J 38 17.57 -0.50 -36.30
C ASN J 38 18.08 0.90 -35.97
N SER J 39 18.38 1.11 -34.69
CA SER J 39 18.73 2.44 -34.19
C SER J 39 20.12 2.91 -34.62
N THR J 40 20.96 1.99 -35.06
CA THR J 40 22.31 2.36 -35.48
C THR J 40 22.31 2.88 -36.90
N ALA J 41 21.68 2.14 -37.81
CA ALA J 41 21.59 2.55 -39.21
C ALA J 41 20.60 3.69 -39.39
N ARG J 42 19.56 3.68 -38.55
CA ARG J 42 18.47 4.65 -38.62
C ARG J 42 17.82 4.72 -40.00
N ARG J 43 17.78 3.59 -40.69
CA ARG J 43 17.06 3.53 -41.96
C ARG J 43 16.54 2.12 -42.24
N TYR J 44 15.41 2.04 -42.94
CA TYR J 44 14.87 0.77 -43.37
C TYR J 44 15.58 0.29 -44.62
N VAL J 45 15.99 -0.98 -44.64
CA VAL J 45 16.64 -1.58 -45.81
C VAL J 45 15.95 -2.87 -46.24
N PRO J 46 16.06 -3.22 -47.54
CA PRO J 46 15.50 -4.48 -48.03
C PRO J 46 16.30 -5.70 -47.58
N ARG J 47 15.65 -6.85 -47.40
CA ARG J 47 16.35 -8.07 -47.02
C ARG J 47 16.04 -9.23 -47.96
N THR J 48 15.27 -8.94 -49.01
CA THR J 48 15.09 -9.85 -50.13
C THR J 48 15.33 -9.08 -51.42
N GLU J 49 15.71 -9.80 -52.47
CA GLU J 49 15.87 -9.22 -53.79
C GLU J 49 14.55 -8.66 -54.34
N TRP J 50 13.45 -9.34 -54.09
CA TRP J 50 12.20 -8.91 -54.71
C TRP J 50 11.66 -7.60 -54.15
N ILE J 51 11.88 -7.30 -52.87
CA ILE J 51 11.38 -6.01 -52.37
C ILE J 51 12.35 -4.89 -52.80
N ALA J 52 13.62 -5.23 -52.94
CA ALA J 52 14.59 -4.23 -53.41
C ALA J 52 14.29 -3.83 -54.86
N ALA J 53 13.85 -4.79 -55.66
CA ALA J 53 13.67 -4.55 -57.09
C ALA J 53 12.36 -3.82 -57.39
N LYS J 54 11.34 -4.02 -56.56
CA LYS J 54 10.02 -3.46 -56.84
C LYS J 54 9.69 -2.19 -56.06
N ALA J 55 10.48 -1.88 -55.05
CA ALA J 55 10.29 -0.66 -54.27
C ALA J 55 11.19 0.47 -54.76
N ASP J 56 10.70 1.70 -54.73
CA ASP J 56 11.52 2.86 -55.11
C ASP J 56 12.05 3.56 -53.87
N GLN J 57 12.95 4.52 -54.07
CA GLN J 57 13.59 5.22 -52.96
C GLN J 57 12.59 6.01 -52.12
N GLN J 58 11.53 6.52 -52.76
CA GLN J 58 10.49 7.25 -52.04
C GLN J 58 9.81 6.34 -51.01
N TYR J 59 9.61 5.08 -51.39
CA TYR J 59 9.08 4.08 -50.45
C TYR J 59 10.01 3.88 -49.25
N TRP J 60 11.30 3.69 -49.52
CA TRP J 60 12.26 3.45 -48.44
C TRP J 60 12.39 4.66 -47.52
N ASP J 61 12.35 5.88 -48.07
CA ASP J 61 12.49 7.08 -47.24
C ASP J 61 11.25 7.27 -46.36
N GLY J 62 10.07 6.96 -46.92
CA GLY J 62 8.83 7.03 -46.18
C GLY J 62 8.84 6.01 -45.07
N GLN J 63 9.31 4.80 -45.39
CA GLN J 63 9.36 3.74 -44.40
C GLN J 63 10.37 4.09 -43.32
N THR J 64 11.50 4.65 -43.73
CA THR J 64 12.54 5.08 -42.79
C THR J 64 11.98 6.07 -41.78
N GLN J 65 11.10 6.97 -42.21
CA GLN J 65 10.51 7.94 -41.30
C GLN J 65 9.63 7.25 -40.26
N ILE J 66 8.98 6.17 -40.65
CA ILE J 66 8.15 5.40 -39.71
C ILE J 66 9.03 4.70 -38.67
N GLY J 67 10.12 4.10 -39.14
CA GLY J 67 11.08 3.46 -38.25
C GLY J 67 11.64 4.43 -37.22
N GLN J 68 12.01 5.62 -37.67
CA GLN J 68 12.62 6.60 -36.78
C GLN J 68 11.59 7.10 -35.76
N GLY J 69 10.34 7.25 -36.19
CA GLY J 69 9.26 7.59 -35.28
C GLY J 69 9.03 6.52 -34.22
N ASN J 70 9.04 5.25 -34.66
CA ASN J 70 8.89 4.14 -33.74
C ASN J 70 9.99 4.09 -32.70
N GLU J 71 11.20 4.42 -33.14
CA GLU J 71 12.35 4.36 -32.26
C GLU J 71 12.20 5.37 -31.12
N GLN J 72 11.79 6.59 -31.47
CA GLN J 72 11.59 7.62 -30.46
C GLN J 72 10.46 7.25 -29.52
N ILE J 73 9.39 6.67 -30.07
CA ILE J 73 8.25 6.25 -29.25
C ILE J 73 8.66 5.19 -28.22
N ASP J 74 9.41 4.17 -28.66
CA ASP J 74 9.80 3.13 -27.72
C ASP J 74 10.91 3.59 -26.76
N ARG J 75 11.70 4.59 -27.17
CA ARG J 75 12.69 5.19 -26.27
C ARG J 75 11.94 5.75 -25.07
N GLU J 76 10.84 6.44 -25.34
CA GLU J 76 10.01 6.97 -24.28
C GLU J 76 9.23 5.86 -23.57
N ASN J 77 8.77 4.85 -24.32
CA ASN J 77 8.05 3.74 -23.71
C ASN J 77 8.87 3.01 -22.65
N LEU J 78 10.14 2.76 -22.93
CA LEU J 78 11.03 2.10 -21.97
C LEU J 78 11.12 2.87 -20.66
N GLY J 79 11.21 4.20 -20.77
CA GLY J 79 11.33 5.07 -19.62
C GLY J 79 10.09 5.05 -18.76
N ILE J 80 8.92 5.15 -19.40
CA ILE J 80 7.64 5.22 -18.71
C ILE J 80 7.35 3.91 -17.99
N LEU J 81 7.64 2.78 -18.64
CA LEU J 81 7.42 1.48 -18.00
C LEU J 81 8.36 1.24 -16.82
N GLN J 82 9.62 1.66 -16.98
CA GLN J 82 10.63 1.48 -15.94
C GLN J 82 10.20 2.21 -14.66
N ARG J 83 9.61 3.40 -14.83
CA ARG J 83 9.19 4.20 -13.69
C ARG J 83 7.88 3.70 -13.10
N ARG J 84 6.95 3.25 -13.95
CA ARG J 84 5.69 2.71 -13.47
C ARG J 84 5.93 1.41 -12.69
N TYR J 85 7.01 0.72 -13.04
CA TYR J 85 7.37 -0.55 -12.39
C TYR J 85 8.33 -0.35 -11.21
N ASN J 86 8.57 0.89 -10.81
CA ASN J 86 9.46 1.19 -9.67
C ASN J 86 10.84 0.54 -9.82
N GLN J 87 11.43 0.65 -11.00
CA GLN J 87 12.61 -0.14 -11.31
C GLN J 87 13.93 0.64 -11.33
N THR J 88 14.99 -0.10 -11.04
CA THR J 88 16.37 0.37 -10.99
C THR J 88 16.82 0.93 -12.34
N GLY J 89 17.94 0.41 -12.81
CA GLY J 89 18.27 0.44 -14.22
C GLY J 89 18.23 -1.01 -14.63
N GLY J 90 19.36 -1.55 -15.09
CA GLY J 90 19.45 -2.97 -15.38
C GLY J 90 18.81 -3.29 -16.71
N SER J 91 18.57 -4.57 -16.94
CA SER J 91 18.11 -5.04 -18.25
C SER J 91 16.59 -5.10 -18.37
N HIS J 92 16.02 -4.24 -19.21
CA HIS J 92 14.59 -4.28 -19.46
C HIS J 92 14.32 -4.26 -20.96
N THR J 93 13.19 -4.83 -21.36
CA THR J 93 12.87 -4.95 -22.79
C THR J 93 11.40 -4.73 -23.10
N VAL J 94 11.14 -3.96 -24.14
CA VAL J 94 9.81 -3.81 -24.70
C VAL J 94 9.75 -4.59 -26.01
N GLN J 95 8.71 -5.42 -26.15
CA GLN J 95 8.50 -6.22 -27.37
C GLN J 95 7.13 -5.95 -27.98
N TRP J 96 7.10 -5.62 -29.26
CA TRP J 96 5.85 -5.51 -30.00
C TRP J 96 5.78 -6.53 -31.11
N MET J 97 4.62 -7.15 -31.32
CA MET J 97 4.39 -7.83 -32.57
C MET J 97 2.96 -7.57 -33.06
N TYR J 98 2.84 -7.35 -34.37
CA TYR J 98 1.56 -7.04 -34.96
C TYR J 98 1.58 -7.46 -36.43
N GLY J 99 0.40 -7.62 -37.00
CA GLY J 99 0.31 -7.97 -38.41
C GLY J 99 -1.04 -8.51 -38.80
N CYS J 100 -1.12 -9.03 -40.03
CA CYS J 100 -2.37 -9.52 -40.57
C CYS J 100 -2.13 -10.80 -41.34
N ASP J 101 -3.15 -11.66 -41.38
CA ASP J 101 -3.13 -12.85 -42.22
C ASP J 101 -4.26 -12.73 -43.23
N ILE J 102 -4.02 -13.10 -44.48
CA ILE J 102 -5.11 -13.15 -45.45
C ILE J 102 -5.31 -14.57 -46.02
N LEU J 103 -6.55 -14.87 -46.38
CA LEU J 103 -6.90 -16.16 -46.96
C LEU J 103 -7.76 -15.87 -48.19
N GLU J 104 -7.34 -16.36 -49.34
CA GLU J 104 -7.94 -16.01 -50.62
C GLU J 104 -8.09 -14.48 -50.74
N GLY J 105 -7.05 -13.76 -50.35
CA GLY J 105 -7.01 -12.32 -50.50
C GLY J 105 -7.69 -11.52 -49.40
N GLY J 106 -8.48 -12.18 -48.56
CA GLY J 106 -9.25 -11.49 -47.54
C GLY J 106 -8.72 -11.72 -46.14
N PRO J 107 -8.72 -10.66 -45.32
CA PRO J 107 -8.13 -10.76 -43.97
C PRO J 107 -8.86 -11.79 -43.11
N ILE J 108 -8.11 -12.62 -42.39
CA ILE J 108 -8.74 -13.57 -41.48
C ILE J 108 -8.25 -13.37 -40.06
N ARG J 109 -7.21 -12.57 -39.87
CA ARG J 109 -6.89 -12.10 -38.53
C ARG J 109 -5.98 -10.88 -38.53
N GLY J 110 -6.07 -10.14 -37.43
CA GLY J 110 -5.27 -8.94 -37.22
C GLY J 110 -4.96 -8.91 -35.74
N TYR J 111 -3.68 -8.72 -35.41
CA TYR J 111 -3.26 -8.76 -34.03
C TYR J 111 -2.28 -7.65 -33.74
N TYR J 112 -2.27 -7.20 -32.49
CA TYR J 112 -1.33 -6.17 -32.06
C TYR J 112 -1.10 -6.35 -30.55
N GLN J 113 0.06 -6.87 -30.18
CA GLN J 113 0.32 -7.23 -28.79
C GLN J 113 1.67 -6.73 -28.31
N MET J 114 1.78 -6.56 -27.00
CA MET J 114 3.01 -6.08 -26.41
C MET J 114 3.40 -6.91 -25.19
N ALA J 115 4.70 -6.98 -24.96
CA ALA J 115 5.23 -7.60 -23.75
C ALA J 115 6.28 -6.69 -23.14
N TYR J 116 6.37 -6.73 -21.82
CA TYR J 116 7.42 -6.04 -21.09
C TYR J 116 8.22 -7.04 -20.28
N ASP J 117 9.54 -7.01 -20.43
CA ASP J 117 10.44 -7.99 -19.84
C ASP J 117 9.99 -9.43 -20.12
N GLY J 118 9.58 -9.69 -21.36
CA GLY J 118 9.21 -11.03 -21.79
C GLY J 118 7.90 -11.56 -21.24
N ARG J 119 7.09 -10.69 -20.64
CA ARG J 119 5.78 -11.08 -20.10
C ARG J 119 4.66 -10.29 -20.79
N ASP J 120 3.56 -10.95 -21.14
CA ASP J 120 2.41 -10.28 -21.76
C ASP J 120 2.05 -9.00 -21.03
N PHE J 121 1.91 -7.91 -21.78
CA PHE J 121 1.51 -6.63 -21.22
C PHE J 121 0.11 -6.27 -21.72
N THR J 122 -0.02 -6.16 -23.04
CA THR J 122 -1.30 -5.78 -23.62
C THR J 122 -1.52 -6.47 -24.97
N ALA J 123 -2.80 -6.66 -25.31
CA ALA J 123 -3.18 -7.25 -26.58
C ALA J 123 -4.43 -6.59 -27.13
N PHE J 124 -4.41 -6.27 -28.42
CA PHE J 124 -5.58 -5.72 -29.08
C PHE J 124 -6.59 -6.81 -29.38
N ASP J 125 -7.83 -6.60 -28.98
CA ASP J 125 -8.91 -7.50 -29.35
C ASP J 125 -9.79 -6.79 -30.37
N LYS J 126 -9.47 -6.96 -31.65
CA LYS J 126 -10.14 -6.21 -32.72
C LYS J 126 -11.64 -6.54 -32.78
N GLY J 127 -11.99 -7.76 -32.37
CA GLY J 127 -13.37 -8.21 -32.40
C GLY J 127 -14.29 -7.39 -31.53
N THR J 128 -13.85 -7.08 -30.32
CA THR J 128 -14.66 -6.26 -29.41
C THR J 128 -14.16 -4.82 -29.39
N MET J 129 -13.16 -4.52 -30.22
CA MET J 129 -12.55 -3.19 -30.29
C MET J 129 -12.03 -2.73 -28.93
N THR J 130 -11.40 -3.65 -28.22
CA THR J 130 -10.93 -3.40 -26.86
C THR J 130 -9.46 -3.82 -26.72
N PHE J 131 -8.71 -3.16 -25.83
CA PHE J 131 -7.38 -3.64 -25.48
C PHE J 131 -7.43 -4.42 -24.18
N THR J 132 -6.81 -5.60 -24.18
CA THR J 132 -6.73 -6.45 -23.01
C THR J 132 -5.49 -6.10 -22.19
N ALA J 133 -5.68 -5.83 -20.90
CA ALA J 133 -4.57 -5.58 -20.02
C ALA J 133 -4.21 -6.87 -19.28
N ALA J 134 -3.03 -7.42 -19.57
CA ALA J 134 -2.61 -8.69 -19.00
C ALA J 134 -2.17 -8.56 -17.55
N VAL J 135 -1.71 -7.37 -17.18
CA VAL J 135 -1.16 -7.12 -15.86
C VAL J 135 -1.72 -5.81 -15.32
N PRO J 136 -1.67 -5.60 -13.99
CA PRO J 136 -2.19 -4.38 -13.37
C PRO J 136 -1.54 -3.11 -13.93
N GLU J 137 -0.27 -3.19 -14.30
CA GLU J 137 0.46 -2.04 -14.79
C GLU J 137 -0.02 -1.62 -16.19
N ALA J 138 -0.79 -2.49 -16.82
CA ALA J 138 -1.30 -2.20 -18.17
C ALA J 138 -2.70 -1.57 -18.15
N VAL J 139 -3.34 -1.58 -16.98
CA VAL J 139 -4.68 -1.02 -16.86
C VAL J 139 -4.76 0.48 -17.24
N PRO J 140 -3.81 1.32 -16.79
CA PRO J 140 -3.94 2.72 -17.25
C PRO J 140 -3.59 2.91 -18.73
N THR J 141 -2.84 1.97 -19.31
CA THR J 141 -2.52 2.02 -20.72
C THR J 141 -3.73 1.63 -21.56
N LYS J 142 -4.41 0.57 -21.16
CA LYS J 142 -5.68 0.18 -21.78
C LYS J 142 -6.69 1.32 -21.75
N ARG J 143 -6.80 1.96 -20.60
CA ARG J 143 -7.74 3.08 -20.40
C ARG J 143 -7.38 4.25 -21.32
N LYS J 144 -6.11 4.61 -21.35
CA LYS J 144 -5.62 5.67 -22.23
C LYS J 144 -5.93 5.39 -23.71
N TRP J 145 -5.54 4.22 -24.19
CA TRP J 145 -5.70 3.87 -25.60
C TRP J 145 -7.17 3.86 -26.03
N GLU J 146 -8.04 3.34 -25.17
CA GLU J 146 -9.45 3.27 -25.51
C GLU J 146 -10.08 4.66 -25.49
N GLU J 147 -9.59 5.50 -24.58
CA GLU J 147 -10.02 6.89 -24.46
C GLU J 147 -9.66 7.71 -25.70
N GLU J 148 -8.50 7.41 -26.29
CA GLU J 148 -7.99 8.19 -27.40
C GLU J 148 -8.30 7.55 -28.75
N SER J 149 -9.22 6.60 -28.74
CA SER J 149 -9.74 5.97 -29.96
C SER J 149 -8.67 5.23 -30.76
N GLU J 150 -7.74 4.60 -30.06
CA GLU J 150 -6.76 3.76 -30.73
C GLU J 150 -7.35 2.47 -31.34
N PRO J 151 -8.41 1.88 -30.74
CA PRO J 151 -9.02 0.74 -31.43
C PRO J 151 -9.40 1.02 -32.89
N GLU J 152 -10.06 2.16 -33.14
CA GLU J 152 -10.40 2.57 -34.50
C GLU J 152 -9.17 2.70 -35.40
N ARG J 153 -8.12 3.31 -34.89
CA ARG J 153 -6.88 3.43 -35.64
C ARG J 153 -6.31 2.06 -35.99
N TRP J 154 -6.31 1.14 -35.04
CA TRP J 154 -5.67 -0.14 -35.27
C TRP J 154 -6.57 -1.10 -36.06
N LYS J 155 -7.89 -0.97 -35.89
CA LYS J 155 -8.81 -1.69 -36.77
C LYS J 155 -8.48 -1.33 -38.20
N ASN J 156 -8.39 -0.02 -38.45
CA ASN J 156 -8.10 0.46 -39.80
C ASN J 156 -6.74 -0.01 -40.32
N TYR J 157 -5.69 0.06 -39.50
CA TYR J 157 -4.38 -0.42 -39.96
C TYR J 157 -4.38 -1.92 -40.26
N LEU J 158 -4.93 -2.71 -39.35
CA LEU J 158 -4.85 -4.17 -39.51
C LEU J 158 -5.73 -4.68 -40.65
N GLU J 159 -6.85 -4.01 -40.90
CA GLU J 159 -7.81 -4.46 -41.90
C GLU J 159 -7.60 -3.84 -43.28
N GLU J 160 -7.11 -2.60 -43.33
CA GLU J 160 -6.97 -1.92 -44.61
C GLU J 160 -5.51 -1.81 -45.03
N THR J 161 -4.73 -1.08 -44.23
CA THR J 161 -3.35 -0.79 -44.58
C THR J 161 -2.47 -2.05 -44.65
N CYS J 162 -2.52 -2.88 -43.61
CA CYS J 162 -1.72 -4.12 -43.55
C CYS J 162 -2.06 -5.06 -44.71
N VAL J 163 -3.35 -5.17 -44.99
CA VAL J 163 -3.85 -6.04 -46.07
C VAL J 163 -3.47 -5.52 -47.46
N GLU J 164 -3.63 -4.21 -47.67
CA GLU J 164 -3.22 -3.58 -48.93
C GLU J 164 -1.76 -3.85 -49.24
N TRP J 165 -0.90 -3.70 -48.24
CA TRP J 165 0.52 -3.92 -48.44
C TRP J 165 0.89 -5.40 -48.56
N LEU J 166 0.26 -6.25 -47.75
CA LEU J 166 0.51 -7.68 -47.85
C LEU J 166 0.19 -8.20 -49.25
N ARG J 167 -0.96 -7.78 -49.79
CA ARG J 167 -1.34 -8.18 -51.14
C ARG J 167 -0.28 -7.72 -52.15
N ARG J 168 0.21 -6.49 -51.99
CA ARG J 168 1.26 -5.96 -52.85
C ARG J 168 2.56 -6.73 -52.77
N TYR J 169 2.99 -7.05 -51.55
CA TYR J 169 4.27 -7.73 -51.35
C TYR J 169 4.23 -9.13 -51.93
N VAL J 170 3.12 -9.82 -51.74
CA VAL J 170 2.96 -11.20 -52.23
C VAL J 170 3.06 -11.22 -53.75
N GLU J 171 2.49 -10.21 -54.40
CA GLU J 171 2.62 -10.05 -55.84
C GLU J 171 4.07 -9.72 -56.23
N TYR J 172 4.71 -8.82 -55.50
CA TYR J 172 6.12 -8.51 -55.74
C TYR J 172 6.99 -9.77 -55.68
N GLY J 173 6.78 -10.58 -54.65
CA GLY J 173 7.63 -11.73 -54.40
C GLY J 173 7.02 -13.08 -54.75
N LYS J 174 6.01 -13.06 -55.63
CA LYS J 174 5.27 -14.26 -56.01
C LYS J 174 6.19 -15.42 -56.40
N ALA J 175 7.12 -15.16 -57.31
CA ALA J 175 8.03 -16.20 -57.79
C ALA J 175 8.91 -16.72 -56.66
N GLU J 176 9.45 -15.80 -55.86
CA GLU J 176 10.40 -16.17 -54.83
C GLU J 176 9.69 -16.86 -53.67
N LEU J 177 8.51 -16.36 -53.31
CA LEU J 177 7.74 -16.95 -52.21
C LEU J 177 7.22 -18.34 -52.56
N GLY J 178 6.85 -18.52 -53.83
CA GLY J 178 6.30 -19.78 -54.28
C GLY J 178 7.32 -20.75 -54.81
N ARG J 179 8.60 -20.45 -54.60
CA ARG J 179 9.66 -21.32 -55.09
C ARG J 179 9.78 -22.58 -54.23
N ARG J 180 10.46 -23.58 -54.76
CA ARG J 180 10.69 -24.83 -54.05
C ARG J 180 12.17 -25.18 -54.15
N GLU J 181 12.81 -25.38 -53.01
CA GLU J 181 14.21 -25.84 -53.00
C GLU J 181 14.26 -27.19 -52.33
N ARG J 182 14.85 -28.16 -53.02
CA ARG J 182 14.88 -29.54 -52.58
C ARG J 182 15.99 -29.75 -51.56
N PRO J 183 15.69 -30.47 -50.47
CA PRO J 183 16.69 -30.72 -49.44
C PRO J 183 17.74 -31.73 -49.89
N GLU J 184 19.00 -31.52 -49.53
CA GLU J 184 20.02 -32.56 -49.65
C GLU J 184 20.04 -33.32 -48.34
N VAL J 185 19.94 -34.65 -48.43
CA VAL J 185 19.75 -35.45 -47.23
C VAL J 185 20.91 -36.40 -46.99
N ARG J 186 21.41 -36.42 -45.76
CA ARG J 186 22.42 -37.39 -45.38
C ARG J 186 22.00 -38.20 -44.16
N VAL J 187 22.17 -39.51 -44.26
CA VAL J 187 21.99 -40.38 -43.10
C VAL J 187 23.34 -40.71 -42.48
N TRP J 188 23.46 -40.55 -41.17
CA TRP J 188 24.72 -40.82 -40.50
C TRP J 188 24.47 -41.68 -39.26
N GLY J 189 25.46 -42.50 -38.92
CA GLY J 189 25.33 -43.40 -37.80
C GLY J 189 26.54 -43.36 -36.89
N LYS J 190 26.29 -43.44 -35.59
CA LYS J 190 27.33 -43.45 -34.57
C LYS J 190 26.94 -44.41 -33.46
N GLU J 191 27.89 -45.25 -33.03
CA GLU J 191 27.64 -46.13 -31.88
C GLU J 191 28.35 -45.66 -30.62
N ALA J 192 27.63 -45.70 -29.50
CA ALA J 192 28.16 -45.33 -28.20
C ALA J 192 27.45 -46.12 -27.12
N ASP J 193 28.24 -46.88 -26.37
CA ASP J 193 27.74 -47.62 -25.23
C ASP J 193 26.66 -48.58 -25.72
N GLY J 194 27.07 -49.36 -26.69
CA GLY J 194 26.24 -50.32 -27.37
C GLY J 194 24.93 -49.86 -27.97
N ILE J 195 24.78 -48.57 -28.26
CA ILE J 195 23.57 -48.06 -28.89
C ILE J 195 23.95 -47.43 -30.23
N LEU J 196 23.29 -47.85 -31.29
CA LEU J 196 23.50 -47.24 -32.60
C LEU J 196 22.55 -46.08 -32.79
N THR J 197 23.08 -44.86 -32.86
CA THR J 197 22.25 -43.70 -33.11
C THR J 197 22.29 -43.29 -34.57
N LEU J 198 21.16 -43.43 -35.24
CA LEU J 198 21.04 -43.06 -36.64
C LEU J 198 20.50 -41.64 -36.76
N SER J 199 21.13 -40.85 -37.60
CA SER J 199 20.73 -39.46 -37.81
C SER J 199 20.27 -39.25 -39.25
N CYS J 200 19.18 -38.50 -39.43
CA CYS J 200 18.78 -38.06 -40.76
C CYS J 200 18.73 -36.54 -40.80
N ARG J 201 19.50 -35.93 -41.68
CA ARG J 201 19.56 -34.48 -41.77
C ARG J 201 19.17 -33.97 -43.14
N ALA J 202 18.15 -33.12 -43.20
CA ALA J 202 17.77 -32.51 -44.46
C ALA J 202 18.29 -31.08 -44.55
N HIS J 203 19.17 -30.84 -45.53
CA HIS J 203 19.84 -29.56 -45.71
C HIS J 203 19.22 -28.72 -46.83
N GLY J 204 18.91 -27.46 -46.53
CA GLY J 204 18.60 -26.47 -47.54
C GLY J 204 17.21 -26.51 -48.18
N PHE J 205 16.18 -26.86 -47.42
CA PHE J 205 14.86 -26.93 -48.02
C PHE J 205 14.06 -25.63 -47.90
N TYR J 206 13.14 -25.46 -48.85
CA TYR J 206 12.17 -24.37 -48.85
C TYR J 206 10.95 -24.80 -49.67
N PRO J 207 9.72 -24.51 -49.16
CA PRO J 207 9.38 -23.75 -47.97
C PRO J 207 9.65 -24.50 -46.66
N ARG J 208 9.35 -23.84 -45.54
CA ARG J 208 9.74 -24.33 -44.22
C ARG J 208 9.10 -25.64 -43.77
N PRO J 209 7.78 -25.84 -43.99
CA PRO J 209 7.22 -27.08 -43.43
C PRO J 209 7.82 -28.32 -44.08
N ILE J 210 8.10 -29.32 -43.25
CA ILE J 210 8.70 -30.56 -43.72
C ILE J 210 8.36 -31.65 -42.73
N VAL J 211 8.36 -32.89 -43.19
CA VAL J 211 8.25 -34.00 -42.26
C VAL J 211 9.35 -34.99 -42.54
N VAL J 212 10.16 -35.26 -41.52
CA VAL J 212 11.23 -36.24 -41.61
C VAL J 212 10.96 -37.33 -40.60
N SER J 213 10.74 -38.55 -41.10
CA SER J 213 10.34 -39.68 -40.26
C SER J 213 11.26 -40.88 -40.43
N TRP J 214 11.46 -41.61 -39.34
CA TRP J 214 12.25 -42.83 -39.35
C TRP J 214 11.35 -44.04 -39.49
N LEU J 215 11.59 -44.86 -40.52
CA LEU J 215 10.83 -46.08 -40.75
C LEU J 215 11.62 -47.34 -40.38
N LYS J 216 11.01 -48.24 -39.61
CA LYS J 216 11.60 -49.55 -39.34
C LYS J 216 10.83 -50.65 -40.07
N ASP J 217 11.48 -51.29 -41.04
CA ASP J 217 10.86 -52.30 -41.88
C ASP J 217 9.67 -51.72 -42.63
N GLY J 218 9.76 -50.43 -42.95
CA GLY J 218 8.69 -49.74 -43.65
C GLY J 218 7.67 -49.10 -42.74
N ALA J 219 7.79 -49.32 -41.43
CA ALA J 219 6.77 -48.87 -40.48
C ALA J 219 7.20 -47.64 -39.67
N VAL J 220 6.28 -46.71 -39.48
CA VAL J 220 6.54 -45.50 -38.69
C VAL J 220 6.89 -45.85 -37.25
N ARG J 221 8.19 -45.93 -36.97
CA ARG J 221 8.70 -46.18 -35.63
C ARG J 221 9.22 -44.89 -35.03
N GLY J 222 8.45 -44.30 -34.11
CA GLY J 222 8.82 -43.02 -33.54
C GLY J 222 8.66 -42.93 -32.05
N GLN J 223 9.40 -43.78 -31.33
CA GLN J 223 9.35 -43.76 -29.87
C GLN J 223 10.56 -43.00 -29.32
N ASP J 224 11.75 -43.41 -29.75
CA ASP J 224 12.97 -42.70 -29.40
C ASP J 224 13.36 -41.75 -30.51
N ALA J 225 12.42 -41.50 -31.43
CA ALA J 225 12.65 -40.57 -32.53
C ALA J 225 12.63 -39.14 -32.04
N HIS J 226 13.83 -38.55 -31.93
CA HIS J 226 13.98 -37.18 -31.45
C HIS J 226 14.23 -36.24 -32.61
N SER J 227 13.52 -35.11 -32.60
CA SER J 227 13.64 -34.11 -33.65
C SER J 227 14.18 -32.80 -33.11
N GLY J 228 15.03 -32.15 -33.89
CA GLY J 228 15.60 -30.88 -33.50
C GLY J 228 14.78 -29.72 -34.03
N GLY J 229 13.60 -30.03 -34.55
CA GLY J 229 12.73 -29.02 -35.13
C GLY J 229 13.31 -28.41 -36.39
N ILE J 230 12.67 -27.37 -36.89
CA ILE J 230 13.11 -26.75 -38.13
C ILE J 230 13.87 -25.46 -37.83
N VAL J 231 15.10 -25.39 -38.34
CA VAL J 231 16.01 -24.29 -38.00
C VAL J 231 16.57 -23.65 -39.27
N PRO J 232 16.89 -22.36 -39.21
CA PRO J 232 17.22 -21.60 -40.42
C PRO J 232 18.69 -21.69 -40.86
N ASN J 233 18.91 -21.67 -42.17
CA ASN J 233 20.23 -21.40 -42.74
C ASN J 233 20.36 -19.91 -42.97
N GLY J 234 21.52 -19.46 -43.41
CA GLY J 234 21.72 -18.05 -43.69
C GLY J 234 21.03 -17.54 -44.96
N ASP J 235 20.71 -18.46 -45.88
CA ASP J 235 20.28 -18.09 -47.22
C ASP J 235 18.78 -18.25 -47.50
N GLY J 236 17.94 -18.16 -46.48
CA GLY J 236 16.51 -18.22 -46.70
C GLY J 236 15.92 -19.63 -46.80
N THR J 237 16.76 -20.63 -46.59
CA THR J 237 16.30 -22.02 -46.57
C THR J 237 16.39 -22.58 -45.17
N TYR J 238 15.96 -23.82 -44.98
CA TYR J 238 15.88 -24.40 -43.65
C TYR J 238 16.58 -25.74 -43.51
N HIS J 239 16.74 -26.15 -42.26
CA HIS J 239 17.49 -27.34 -41.88
C HIS J 239 16.69 -28.09 -40.85
N THR J 240 16.81 -29.42 -40.84
CA THR J 240 16.25 -30.18 -39.73
C THR J 240 16.97 -31.52 -39.60
N TRP J 241 17.06 -32.02 -38.38
CA TRP J 241 17.63 -33.34 -38.17
C TRP J 241 16.77 -34.16 -37.23
N VAL J 242 16.74 -35.46 -37.47
CA VAL J 242 15.98 -36.39 -36.66
C VAL J 242 16.86 -37.61 -36.40
N THR J 243 16.93 -38.00 -35.14
CA THR J 243 17.69 -39.17 -34.75
C THR J 243 16.80 -40.30 -34.27
N ILE J 244 17.33 -41.52 -34.29
CA ILE J 244 16.63 -42.66 -33.70
C ILE J 244 17.62 -43.66 -33.10
N ASP J 245 17.25 -44.29 -31.99
CA ASP J 245 18.11 -45.25 -31.31
C ASP J 245 17.85 -46.67 -31.80
N ALA J 246 18.87 -47.32 -32.31
CA ALA J 246 18.75 -48.68 -32.79
C ALA J 246 19.79 -49.59 -32.14
N GLN J 247 19.47 -50.87 -32.02
CA GLN J 247 20.44 -51.85 -31.54
C GLN J 247 21.54 -52.04 -32.58
N PRO J 248 22.76 -52.36 -32.14
CA PRO J 248 23.91 -52.54 -33.05
C PRO J 248 23.65 -53.55 -34.18
N GLY J 249 23.99 -53.16 -35.40
CA GLY J 249 23.82 -54.03 -36.56
C GLY J 249 22.46 -53.93 -37.21
N ASP J 250 21.57 -53.12 -36.64
CA ASP J 250 20.21 -52.96 -37.13
C ASP J 250 20.11 -51.89 -38.22
N GLY J 251 21.25 -51.29 -38.54
CA GLY J 251 21.33 -50.18 -39.49
C GLY J 251 20.66 -50.39 -40.83
N ASP J 252 20.34 -51.64 -41.15
CA ASP J 252 19.76 -51.98 -42.45
C ASP J 252 18.23 -51.96 -42.45
N LYS J 253 17.63 -52.12 -41.27
CA LYS J 253 16.17 -52.17 -41.17
C LYS J 253 15.54 -50.78 -41.13
N TYR J 254 16.37 -49.74 -41.25
CA TYR J 254 15.89 -48.38 -41.06
C TYR J 254 16.02 -47.51 -42.31
N GLN J 255 14.99 -46.70 -42.57
CA GLN J 255 15.03 -45.71 -43.64
C GLN J 255 14.52 -44.38 -43.12
N CYS J 256 15.14 -43.30 -43.58
CA CYS J 256 14.64 -41.96 -43.32
C CYS J 256 13.69 -41.54 -44.45
N ARG J 257 12.49 -41.12 -44.09
CA ARG J 257 11.52 -40.68 -45.08
C ARG J 257 11.35 -39.15 -45.01
N VAL J 258 11.54 -38.47 -46.13
CA VAL J 258 11.39 -37.02 -46.16
C VAL J 258 10.18 -36.61 -47.00
N GLU J 259 9.22 -35.94 -46.36
CA GLU J 259 8.05 -35.41 -47.06
C GLU J 259 8.11 -33.88 -47.15
N HIS J 260 8.06 -33.36 -48.37
CA HIS J 260 8.24 -31.93 -48.58
C HIS J 260 7.64 -31.51 -49.90
N ALA J 261 7.20 -30.26 -49.98
CA ALA J 261 6.62 -29.70 -51.19
C ALA J 261 7.53 -29.81 -52.42
N SER J 262 8.85 -29.77 -52.19
CA SER J 262 9.81 -29.86 -53.31
C SER J 262 9.89 -31.26 -53.91
N LEU J 263 9.31 -32.24 -53.24
CA LEU J 263 9.39 -33.62 -53.68
C LEU J 263 8.02 -34.20 -53.99
N PRO J 264 7.74 -34.46 -55.29
CA PRO J 264 6.46 -35.02 -55.75
C PRO J 264 6.11 -36.30 -54.99
N GLN J 265 7.09 -37.16 -54.84
CA GLN J 265 6.96 -38.35 -54.00
C GLN J 265 7.97 -38.21 -52.88
N PRO J 266 7.65 -38.77 -51.69
CA PRO J 266 8.58 -38.67 -50.56
C PRO J 266 9.94 -39.28 -50.89
N GLY J 267 11.00 -38.77 -50.28
CA GLY J 267 12.31 -39.34 -50.46
C GLY J 267 12.58 -40.40 -49.39
N LEU J 268 13.20 -41.50 -49.79
CA LEU J 268 13.63 -42.51 -48.83
C LEU J 268 15.14 -42.63 -48.87
N TYR J 269 15.77 -42.63 -47.71
CA TYR J 269 17.22 -42.54 -47.61
C TYR J 269 17.75 -43.54 -46.57
N SER J 270 18.87 -44.19 -46.90
CA SER J 270 19.45 -45.23 -46.05
C SER J 270 20.86 -44.87 -45.58
N TRP J 271 21.34 -45.60 -44.58
CA TRP J 271 22.70 -45.42 -44.06
C TRP J 271 23.72 -46.07 -44.99
N ASP K 1 12.32 -22.32 -18.13
CA ASP K 1 13.66 -22.47 -18.70
C ASP K 1 13.83 -21.51 -19.88
N LEU K 2 14.55 -20.42 -19.62
CA LEU K 2 14.80 -19.39 -20.63
C LEU K 2 16.25 -19.37 -21.09
N THR K 3 16.96 -20.48 -20.90
CA THR K 3 18.33 -20.60 -21.38
C THR K 3 18.30 -20.84 -22.89
N PRO K 4 19.39 -20.46 -23.59
CA PRO K 4 19.43 -20.68 -25.04
C PRO K 4 19.49 -22.16 -25.41
N LYS K 5 18.62 -22.54 -26.34
CA LYS K 5 18.65 -23.89 -26.92
C LYS K 5 19.44 -23.83 -28.21
N VAL K 6 20.54 -24.58 -28.27
CA VAL K 6 21.51 -24.41 -29.33
C VAL K 6 21.69 -25.64 -30.22
N GLN K 7 21.83 -25.38 -31.52
CA GLN K 7 22.16 -26.40 -32.51
C GLN K 7 23.28 -25.90 -33.43
N VAL K 8 24.18 -26.82 -33.79
CA VAL K 8 25.28 -26.52 -34.70
C VAL K 8 25.23 -27.43 -35.91
N TYR K 9 25.27 -26.84 -37.11
CA TYR K 9 25.05 -27.58 -38.35
C TYR K 9 25.60 -26.81 -39.55
N SER K 10 25.87 -27.51 -40.64
CA SER K 10 26.40 -26.85 -41.83
C SER K 10 25.32 -26.68 -42.88
N ARG K 11 25.51 -25.71 -43.77
CA ARG K 11 24.55 -25.41 -44.82
C ARG K 11 24.33 -26.64 -45.72
N PHE K 12 25.43 -27.26 -46.16
CA PHE K 12 25.38 -28.45 -47.01
C PHE K 12 25.93 -29.66 -46.25
N PRO K 13 25.52 -30.88 -46.65
CA PRO K 13 26.18 -32.07 -46.09
C PRO K 13 27.67 -31.97 -46.34
N ALA K 14 28.47 -32.05 -45.28
CA ALA K 14 29.88 -31.68 -45.35
C ALA K 14 30.76 -32.71 -46.06
N SER K 15 31.80 -32.20 -46.73
CA SER K 15 32.86 -33.03 -47.30
C SER K 15 34.21 -32.36 -47.04
N ALA K 16 35.25 -33.14 -46.85
CA ALA K 16 36.57 -32.57 -46.59
C ALA K 16 37.00 -31.71 -47.77
N GLY K 17 37.51 -30.52 -47.48
CA GLY K 17 38.00 -29.63 -48.52
C GLY K 17 36.93 -28.95 -49.36
N THR K 18 35.66 -29.24 -49.08
CA THR K 18 34.57 -28.62 -49.82
C THR K 18 34.01 -27.41 -49.10
N LYS K 19 33.98 -26.29 -49.82
CA LYS K 19 33.45 -25.03 -49.30
C LYS K 19 32.01 -25.18 -48.78
N ASN K 20 31.72 -24.54 -47.65
CA ASN K 20 30.47 -24.76 -46.91
C ASN K 20 30.16 -23.56 -46.02
N VAL K 21 29.10 -23.65 -45.24
CA VAL K 21 28.79 -22.59 -44.28
C VAL K 21 28.46 -23.21 -42.93
N LEU K 22 29.08 -22.70 -41.87
CA LEU K 22 28.84 -23.23 -40.53
C LEU K 22 27.80 -22.40 -39.79
N ASN K 23 26.76 -23.06 -39.28
CA ASN K 23 25.66 -22.36 -38.61
C ASN K 23 25.61 -22.66 -37.13
N CYS K 24 25.39 -21.64 -36.32
CA CYS K 24 25.04 -21.86 -34.92
C CYS K 24 23.75 -21.11 -34.61
N PHE K 25 22.75 -21.85 -34.16
CA PHE K 25 21.44 -21.29 -33.95
C PHE K 25 21.02 -21.42 -32.49
N ALA K 26 20.67 -20.29 -31.90
CA ALA K 26 20.22 -20.25 -30.51
C ALA K 26 18.77 -19.73 -30.47
N ALA K 27 17.94 -20.35 -29.65
CA ALA K 27 16.54 -19.92 -29.57
C ALA K 27 15.98 -20.15 -28.17
N GLY K 28 14.81 -19.57 -27.92
CA GLY K 28 14.12 -19.75 -26.66
C GLY K 28 14.67 -19.01 -25.44
N PHE K 29 15.53 -18.01 -25.67
CA PHE K 29 16.17 -17.35 -24.53
C PHE K 29 15.63 -15.95 -24.23
N HIS K 30 15.84 -15.54 -22.98
CA HIS K 30 15.52 -14.21 -22.52
C HIS K 30 16.36 -13.95 -21.27
N PRO K 31 16.97 -12.76 -21.15
CA PRO K 31 16.98 -11.54 -21.99
C PRO K 31 17.60 -11.73 -23.37
N PRO K 32 17.43 -10.74 -24.27
CA PRO K 32 17.93 -10.84 -25.64
C PRO K 32 19.44 -10.71 -25.78
N LYS K 33 20.12 -10.01 -24.86
CA LYS K 33 21.56 -9.96 -24.92
C LYS K 33 22.16 -11.36 -24.87
N ILE K 34 23.01 -11.68 -25.83
CA ILE K 34 23.63 -13.00 -25.88
C ILE K 34 24.95 -12.91 -26.63
N SER K 35 25.90 -13.77 -26.25
CA SER K 35 27.15 -13.87 -26.98
C SER K 35 27.21 -15.24 -27.66
N ILE K 36 27.38 -15.25 -28.97
CA ILE K 36 27.45 -16.49 -29.75
C ILE K 36 28.63 -16.44 -30.69
N THR K 37 29.57 -17.38 -30.53
CA THR K 37 30.85 -17.30 -31.25
C THR K 37 31.24 -18.60 -31.92
N LEU K 38 31.39 -18.55 -33.24
CA LEU K 38 31.84 -19.69 -34.02
C LEU K 38 33.36 -19.86 -33.91
N MET K 39 33.81 -21.10 -33.76
CA MET K 39 35.20 -21.37 -33.46
C MET K 39 35.81 -22.55 -34.23
N LYS K 40 37.09 -22.40 -34.54
CA LYS K 40 37.88 -23.47 -35.14
C LYS K 40 39.05 -23.78 -34.23
N ASP K 41 39.07 -24.99 -33.68
CA ASP K 41 40.07 -25.42 -32.70
C ASP K 41 40.21 -24.41 -31.57
N GLY K 42 39.07 -23.86 -31.14
CA GLY K 42 39.04 -22.96 -30.00
C GLY K 42 39.32 -21.52 -30.37
N VAL K 43 39.52 -21.28 -31.66
CA VAL K 43 39.80 -19.94 -32.20
C VAL K 43 38.61 -19.38 -32.97
N PRO K 44 38.15 -18.17 -32.60
CA PRO K 44 37.02 -17.52 -33.29
C PRO K 44 37.23 -17.44 -34.80
N MET K 45 36.25 -17.95 -35.56
CA MET K 45 36.33 -17.98 -37.01
C MET K 45 36.07 -16.59 -37.59
N GLU K 46 36.80 -16.23 -38.64
CA GLU K 46 36.64 -14.94 -39.27
C GLU K 46 35.43 -14.89 -40.20
N GLY K 47 34.82 -13.72 -40.32
CA GLY K 47 33.75 -13.51 -41.28
C GLY K 47 32.37 -13.97 -40.84
N ALA K 48 32.15 -14.08 -39.55
CA ALA K 48 30.84 -14.48 -39.03
C ALA K 48 29.78 -13.40 -39.26
N GLN K 49 28.58 -13.84 -39.62
CA GLN K 49 27.43 -12.94 -39.73
C GLN K 49 26.43 -13.26 -38.63
N TYR K 50 25.71 -12.24 -38.18
CA TYR K 50 24.76 -12.39 -37.09
C TYR K 50 23.38 -11.91 -37.50
N SER K 51 22.35 -12.71 -37.25
CA SER K 51 20.99 -12.31 -37.59
C SER K 51 20.56 -11.17 -36.69
N ASP K 52 19.73 -10.28 -37.21
CA ASP K 52 19.24 -9.18 -36.38
C ASP K 52 18.21 -9.67 -35.39
N MET K 53 18.19 -9.04 -34.21
CA MET K 53 17.41 -9.55 -33.10
C MET K 53 15.96 -9.77 -33.47
N SER K 54 15.44 -10.94 -33.10
CA SER K 54 14.09 -11.35 -33.45
C SER K 54 13.55 -12.30 -32.39
N PHE K 55 12.24 -12.50 -32.36
CA PHE K 55 11.66 -13.39 -31.35
C PHE K 55 10.43 -14.15 -31.84
N ASN K 56 10.02 -15.16 -31.07
CA ASN K 56 8.88 -16.02 -31.38
C ASN K 56 7.54 -15.54 -30.84
N ASP K 57 6.51 -16.36 -31.10
CA ASP K 57 5.14 -16.16 -30.59
C ASP K 57 5.11 -16.06 -29.08
N ASP K 58 6.01 -16.77 -28.42
CA ASP K 58 6.01 -16.80 -26.97
C ASP K 58 6.94 -15.76 -26.37
N TRP K 59 7.43 -14.86 -27.23
CA TRP K 59 8.30 -13.72 -26.88
C TRP K 59 9.76 -14.09 -26.64
N THR K 60 10.11 -15.36 -26.68
CA THR K 60 11.52 -15.71 -26.51
C THR K 60 12.30 -15.44 -27.79
N PHE K 61 13.54 -15.03 -27.61
CA PHE K 61 14.39 -14.57 -28.70
C PHE K 61 15.16 -15.71 -29.37
N GLN K 62 15.64 -15.46 -30.58
CA GLN K 62 16.55 -16.37 -31.24
C GLN K 62 17.57 -15.60 -32.08
N ARG K 63 18.63 -16.30 -32.47
CA ARG K 63 19.66 -15.71 -33.30
C ARG K 63 20.43 -16.80 -34.01
N LEU K 64 20.70 -16.54 -35.29
CA LEU K 64 21.56 -17.38 -36.09
C LEU K 64 22.89 -16.68 -36.35
N VAL K 65 23.98 -17.42 -36.14
CA VAL K 65 25.31 -16.98 -36.52
C VAL K 65 25.83 -17.96 -37.56
N HIS K 66 26.33 -17.43 -38.67
CA HIS K 66 26.85 -18.29 -39.71
C HIS K 66 28.11 -17.71 -40.31
N ALA K 67 28.95 -18.58 -40.85
CA ALA K 67 30.20 -18.15 -41.44
C ALA K 67 30.66 -19.12 -42.50
N ASP K 68 31.03 -18.59 -43.67
CA ASP K 68 31.67 -19.38 -44.70
C ASP K 68 32.87 -20.13 -44.13
N PHE K 69 32.99 -21.41 -44.49
CA PHE K 69 34.12 -22.22 -44.04
C PHE K 69 34.35 -23.42 -44.96
N THR K 70 35.59 -23.87 -44.98
CA THR K 70 35.99 -25.10 -45.66
C THR K 70 36.49 -26.07 -44.61
N PRO K 71 35.65 -27.06 -44.25
CA PRO K 71 35.96 -27.96 -43.15
C PRO K 71 37.25 -28.75 -43.38
N SER K 72 37.98 -28.97 -42.31
CA SER K 72 39.21 -29.76 -42.31
C SER K 72 38.94 -31.02 -41.51
N SER K 73 39.46 -32.15 -42.00
CA SER K 73 39.29 -33.44 -41.35
C SER K 73 39.98 -33.46 -40.00
N GLY K 74 40.99 -32.61 -39.85
CA GLY K 74 41.79 -32.56 -38.65
C GLY K 74 41.48 -31.40 -37.71
N SER K 75 40.25 -30.89 -37.79
CA SER K 75 39.88 -29.75 -36.96
C SER K 75 38.58 -29.94 -36.20
N THR K 76 38.45 -29.19 -35.11
CA THR K 76 37.24 -29.21 -34.31
C THR K 76 36.51 -27.88 -34.45
N TYR K 77 35.24 -27.94 -34.85
CA TYR K 77 34.44 -26.74 -35.02
C TYR K 77 33.36 -26.72 -33.96
N ALA K 78 33.11 -25.53 -33.40
CA ALA K 78 32.13 -25.42 -32.34
C ALA K 78 31.51 -24.04 -32.26
N CYS K 79 30.55 -23.92 -31.35
CA CYS K 79 29.87 -22.66 -31.11
C CYS K 79 29.88 -22.37 -29.61
N LYS K 80 30.44 -21.23 -29.25
CA LYS K 80 30.57 -20.85 -27.84
C LYS K 80 29.47 -19.86 -27.48
N VAL K 81 28.64 -20.23 -26.51
CA VAL K 81 27.48 -19.41 -26.18
C VAL K 81 27.54 -18.91 -24.74
N GLU K 82 27.38 -17.60 -24.57
CA GLU K 82 27.34 -16.97 -23.26
C GLU K 82 26.03 -16.19 -23.09
N HIS K 83 25.35 -16.43 -21.98
CA HIS K 83 24.06 -15.81 -21.69
C HIS K 83 23.88 -15.70 -20.18
N GLU K 84 23.15 -14.68 -19.73
CA GLU K 84 22.96 -14.43 -18.30
C GLU K 84 22.35 -15.62 -17.54
N THR K 85 21.55 -16.43 -18.21
CA THR K 85 20.91 -17.55 -17.54
C THR K 85 21.88 -18.71 -17.26
N LEU K 86 23.09 -18.62 -17.81
CA LEU K 86 24.09 -19.68 -17.64
C LEU K 86 25.28 -19.17 -16.83
N LYS K 87 25.75 -19.99 -15.90
CA LYS K 87 26.85 -19.61 -15.02
C LYS K 87 28.20 -19.55 -15.75
N GLU K 88 28.36 -20.40 -16.76
CA GLU K 88 29.59 -20.50 -17.54
C GLU K 88 29.20 -20.72 -19.00
N PRO K 89 30.08 -20.36 -19.94
CA PRO K 89 29.79 -20.64 -21.36
C PRO K 89 29.44 -22.09 -21.65
N GLN K 90 28.60 -22.27 -22.66
CA GLN K 90 28.29 -23.61 -23.15
C GLN K 90 28.93 -23.77 -24.51
N VAL K 91 29.67 -24.88 -24.68
CA VAL K 91 30.31 -25.14 -25.96
C VAL K 91 29.61 -26.28 -26.68
N TYR K 92 29.24 -26.03 -27.93
CA TYR K 92 28.53 -27.01 -28.74
C TYR K 92 29.34 -27.39 -29.96
N LYS K 93 29.71 -28.66 -30.08
CA LYS K 93 30.58 -29.09 -31.16
C LYS K 93 29.81 -29.51 -32.40
N TRP K 94 30.34 -29.15 -33.55
CA TRP K 94 29.80 -29.55 -34.83
C TRP K 94 30.19 -30.98 -35.16
N ASP K 95 29.22 -31.78 -35.58
CA ASP K 95 29.51 -33.12 -36.08
C ASP K 95 29.57 -33.03 -37.61
N PRO K 96 30.76 -33.26 -38.19
CA PRO K 96 30.92 -33.14 -39.65
C PRO K 96 30.13 -34.18 -40.43
N GLU K 97 29.84 -35.32 -39.78
CA GLU K 97 29.14 -36.43 -40.40
C GLU K 97 29.86 -36.92 -41.66
N PHE K 98 31.19 -36.93 -41.56
CA PHE K 98 32.03 -37.65 -42.50
C PHE K 98 33.33 -38.05 -41.79
N LEU L 1 3.93 -2.15 -45.14
CA LEU L 1 4.46 -1.01 -44.38
C LEU L 1 4.17 -1.17 -42.90
N PRO L 2 5.17 -0.87 -42.06
CA PRO L 2 4.93 -0.94 -40.61
C PRO L 2 4.01 0.16 -40.11
N ALA L 3 3.46 -0.06 -38.93
CA ALA L 3 2.63 0.93 -38.25
C ALA L 3 3.44 1.68 -37.21
N CYS L 4 2.91 2.80 -36.70
CA CYS L 4 3.47 3.45 -35.51
C CYS L 4 2.89 2.84 -34.25
N VAL L 5 3.73 2.22 -33.42
CA VAL L 5 3.23 1.65 -32.16
C VAL L 5 2.81 2.78 -31.24
N LEU L 6 1.98 2.46 -30.24
CA LEU L 6 1.41 3.46 -29.37
C LEU L 6 2.31 3.81 -28.18
N GLU L 7 2.11 5.01 -27.65
CA GLU L 7 2.77 5.39 -26.40
C GLU L 7 1.97 4.80 -25.23
N VAL L 8 2.69 4.21 -24.27
CA VAL L 8 2.04 3.49 -23.19
C VAL L 8 1.46 4.42 -22.15
#